data_9B9V
#
_entry.id   9B9V
#
_cell.length_a   1.00
_cell.length_b   1.00
_cell.length_c   1.00
_cell.angle_alpha   90.00
_cell.angle_beta   90.00
_cell.angle_gamma   90.00
#
_symmetry.space_group_name_H-M   'P 1'
#
_entity_poly.entity_id   1
_entity_poly.type   'polypeptide(L)'
_entity_poly.pdbx_seq_one_letter_code
;MDWSHPQFEKSAVGLNDIFEAQKIEWHEGGGGSGENLYFQGGGRNPAPRTIQIEFPQHSSSLLESLNRHRLEGKFCDVSL
LVQGRELRAHKAVLAAASPYFHDKLLLGDAPRLTLPSVIEADAFEGLLQLIYSGRLRLPLDALPAHLLVASGLQMWQVVD
QCSEILRELETSGGGI
;
_entity_poly.pdbx_strand_id   A,B,C,D,E,F,G,H,I,J,K,L,M,N
#
# COMPACT_ATOMS: atom_id res chain seq x y z
N THR A 50 88.59 -17.86 66.02
CA THR A 50 88.30 -16.52 66.53
C THR A 50 88.61 -15.48 65.47
N ILE A 51 87.76 -14.47 65.37
CA ILE A 51 87.91 -13.41 64.38
C ILE A 51 88.06 -12.08 65.08
N GLN A 52 88.80 -11.17 64.45
CA GLN A 52 89.02 -9.81 64.93
C GLN A 52 88.73 -8.84 63.80
N ILE A 53 87.84 -7.89 64.05
CA ILE A 53 87.45 -6.89 63.06
C ILE A 53 87.83 -5.51 63.55
N GLU A 54 88.42 -4.72 62.64
CA GLU A 54 88.85 -3.36 62.92
C GLU A 54 88.28 -2.44 61.86
N PHE A 55 87.82 -1.27 62.28
CA PHE A 55 87.25 -0.26 61.39
C PHE A 55 87.99 1.05 61.58
N PRO A 56 89.08 1.29 60.82
CA PRO A 56 89.91 2.46 61.11
C PRO A 56 89.13 3.77 61.07
N GLN A 57 88.17 3.89 60.17
CA GLN A 57 87.39 5.12 60.07
C GLN A 57 86.13 5.08 60.91
N HIS A 58 85.98 4.05 61.75
CA HIS A 58 84.83 3.98 62.64
C HIS A 58 84.84 5.16 63.61
N SER A 59 86.00 5.42 64.20
CA SER A 59 86.11 6.48 65.20
C SER A 59 85.84 7.84 64.57
N SER A 60 86.44 8.09 63.39
CA SER A 60 86.26 9.38 62.74
C SER A 60 84.81 9.60 62.35
N SER A 61 84.15 8.57 61.82
CA SER A 61 82.74 8.71 61.47
C SER A 61 81.90 8.96 62.71
N LEU A 62 82.20 8.26 63.80
CA LEU A 62 81.46 8.48 65.03
C LEU A 62 81.65 9.91 65.54
N LEU A 63 82.88 10.41 65.51
CA LEU A 63 83.14 11.76 65.97
C LEU A 63 82.50 12.82 65.07
N GLU A 64 82.51 12.63 63.75
CA GLU A 64 81.83 13.58 62.89
C GLU A 64 80.33 13.58 63.17
N SER A 65 79.74 12.39 63.35
CA SER A 65 78.32 12.34 63.69
C SER A 65 78.06 13.05 65.01
N LEU A 66 78.93 12.81 65.99
CA LEU A 66 78.79 13.46 67.29
C LEU A 66 78.82 14.97 67.13
N ASN A 67 79.83 15.48 66.43
CA ASN A 67 79.96 16.92 66.26
C ASN A 67 78.72 17.48 65.60
N ARG A 68 78.24 16.81 64.54
CA ARG A 68 77.11 17.33 63.80
C ARG A 68 75.88 17.36 64.68
N HIS A 69 75.68 16.32 65.49
CA HIS A 69 74.54 16.29 66.40
C HIS A 69 74.65 17.43 67.39
N ARG A 70 75.86 17.67 67.90
CA ARG A 70 76.07 18.78 68.82
C ARG A 70 75.67 20.10 68.18
N LEU A 71 76.11 20.33 66.94
CA LEU A 71 75.71 21.53 66.24
C LEU A 71 74.19 21.65 66.22
N GLU A 72 73.51 20.57 65.82
CA GLU A 72 72.06 20.56 65.83
C GLU A 72 71.45 20.64 67.23
N GLY A 73 72.26 20.73 68.28
CA GLY A 73 71.70 20.78 69.62
C GLY A 73 71.00 19.53 70.07
N LYS A 74 71.25 18.39 69.42
CA LYS A 74 70.55 17.17 69.74
C LYS A 74 71.19 16.45 70.92
N PHE A 75 70.36 16.04 71.88
CA PHE A 75 70.79 15.28 73.06
C PHE A 75 71.81 16.03 73.91
N CYS A 76 72.05 17.31 73.65
CA CYS A 76 72.95 18.09 74.48
C CYS A 76 72.34 18.24 75.86
N ASP A 77 73.13 17.95 76.90
CA ASP A 77 72.64 17.95 78.26
C ASP A 77 73.31 19.00 79.14
N VAL A 78 74.26 19.78 78.61
CA VAL A 78 74.89 20.82 79.40
C VAL A 78 75.05 22.09 78.56
N SER A 79 74.94 23.22 79.23
CA SER A 79 75.11 24.53 78.63
C SER A 79 76.26 25.24 79.30
N LEU A 80 77.23 25.69 78.50
CA LEU A 80 78.46 26.30 78.99
C LEU A 80 78.40 27.79 78.71
N LEU A 81 78.53 28.58 79.77
CA LEU A 81 78.51 30.04 79.67
C LEU A 81 79.94 30.55 79.74
N VAL A 82 80.39 31.18 78.67
CA VAL A 82 81.75 31.68 78.54
C VAL A 82 81.66 33.14 78.13
N GLN A 83 81.92 34.05 79.07
CA GLN A 83 81.92 35.48 78.80
C GLN A 83 80.59 35.93 78.17
N GLY A 84 79.49 35.39 78.70
CA GLY A 84 78.18 35.73 78.21
C GLY A 84 77.70 34.94 77.01
N ARG A 85 78.54 34.07 76.46
CA ARG A 85 78.18 33.27 75.31
C ARG A 85 77.74 31.88 75.76
N GLU A 86 76.58 31.45 75.30
CA GLU A 86 76.00 30.17 75.70
C GLU A 86 76.26 29.16 74.59
N LEU A 87 76.88 28.03 74.96
CA LEU A 87 77.24 27.00 74.01
C LEU A 87 76.79 25.66 74.56
N ARG A 88 75.99 24.92 73.79
CA ARG A 88 75.48 23.65 74.26
C ARG A 88 76.43 22.52 73.90
N ALA A 89 76.48 21.52 74.76
CA ALA A 89 77.36 20.38 74.57
C ALA A 89 76.89 19.24 75.45
N HIS A 90 77.53 18.09 75.29
CA HIS A 90 77.18 16.89 76.05
C HIS A 90 78.20 16.67 77.15
N LYS A 91 77.71 16.41 78.36
CA LYS A 91 78.58 16.29 79.52
C LYS A 91 79.57 15.15 79.36
N ALA A 92 79.11 14.01 78.85
CA ALA A 92 79.98 12.84 78.73
C ALA A 92 81.17 13.10 77.81
N VAL A 93 80.94 13.74 76.67
CA VAL A 93 82.03 13.98 75.73
C VAL A 93 83.09 14.86 76.39
N LEU A 94 82.65 15.94 77.02
CA LEU A 94 83.58 16.86 77.67
C LEU A 94 84.35 16.18 78.79
N ALA A 95 83.65 15.40 79.62
CA ALA A 95 84.32 14.70 80.72
C ALA A 95 85.32 13.68 80.20
N ALA A 96 84.95 12.92 79.16
CA ALA A 96 85.84 11.92 78.59
C ALA A 96 87.04 12.54 77.91
N ALA A 97 86.89 13.73 77.33
CA ALA A 97 87.97 14.35 76.58
C ALA A 97 88.90 15.17 77.46
N SER A 98 88.35 15.89 78.44
CA SER A 98 89.15 16.75 79.30
C SER A 98 89.13 16.26 80.74
N PRO A 99 90.28 16.10 81.38
CA PRO A 99 90.26 15.75 82.80
C PRO A 99 89.65 16.86 83.62
N TYR A 100 89.86 18.11 83.22
CA TYR A 100 89.21 19.22 83.91
C TYR A 100 87.70 19.03 83.89
N PHE A 101 87.15 18.73 82.70
CA PHE A 101 85.72 18.52 82.60
C PHE A 101 85.30 17.29 83.39
N HIS A 102 86.08 16.22 83.30
CA HIS A 102 85.82 15.03 84.09
C HIS A 102 85.59 15.43 85.55
N ASP A 103 86.56 16.15 86.12
CA ASP A 103 86.46 16.56 87.52
C ASP A 103 85.23 17.42 87.73
N LYS A 104 85.04 18.41 86.85
CA LYS A 104 83.94 19.36 87.00
C LYS A 104 82.62 18.63 87.05
N LEU A 105 82.48 17.55 86.28
CA LEU A 105 81.22 16.83 86.22
C LEU A 105 81.10 15.91 87.43
N LEU A 106 82.05 14.97 87.57
CA LEU A 106 81.99 14.04 88.69
C LEU A 106 81.73 14.76 90.00
N LEU A 107 82.25 15.98 90.15
CA LEU A 107 82.05 16.73 91.37
C LEU A 107 80.76 17.54 91.34
N GLY A 108 80.37 18.05 90.18
CA GLY A 108 79.15 18.82 90.08
C GLY A 108 78.31 18.40 88.88
N ASP A 109 77.10 17.91 89.14
CA ASP A 109 76.19 17.48 88.06
C ASP A 109 75.18 18.59 87.79
N ALA A 110 75.70 19.71 87.26
CA ALA A 110 74.86 20.86 86.93
C ALA A 110 74.58 20.92 85.44
N PRO A 111 73.33 21.13 85.02
CA PRO A 111 73.06 21.26 83.58
C PRO A 111 73.73 22.47 82.95
N ARG A 112 74.10 23.46 83.75
CA ARG A 112 74.78 24.66 83.24
C ARG A 112 76.07 24.84 84.01
N LEU A 113 77.15 25.11 83.29
CA LEU A 113 78.46 25.37 83.87
C LEU A 113 78.97 26.71 83.37
N THR A 114 79.25 27.62 84.31
CA THR A 114 79.82 28.91 83.98
C THR A 114 81.33 28.85 84.18
N LEU A 115 82.07 29.08 83.12
CA LEU A 115 83.53 28.99 83.17
C LEU A 115 84.11 30.27 83.74
N PRO A 116 85.35 30.24 84.20
CA PRO A 116 85.96 31.46 84.73
C PRO A 116 85.95 32.56 83.65
N SER A 117 85.72 33.79 84.11
CA SER A 117 85.63 34.91 83.18
C SER A 117 86.88 35.05 82.33
N VAL A 118 88.04 34.62 82.85
CA VAL A 118 89.28 34.76 82.11
C VAL A 118 89.28 33.96 80.82
N ILE A 119 88.43 32.93 80.74
CA ILE A 119 88.39 32.07 79.56
C ILE A 119 87.64 32.80 78.45
N GLU A 120 88.30 33.03 77.33
CA GLU A 120 87.68 33.72 76.20
C GLU A 120 86.69 32.84 75.47
N ALA A 121 85.57 33.44 75.06
CA ALA A 121 84.53 32.68 74.39
C ALA A 121 85.01 32.14 73.04
N ASP A 122 85.75 32.96 72.30
CA ASP A 122 86.21 32.53 70.97
C ASP A 122 87.22 31.42 71.08
N ALA A 123 88.19 31.56 72.00
CA ALA A 123 89.16 30.50 72.22
C ALA A 123 88.46 29.22 72.66
N PHE A 124 87.48 29.35 73.54
CA PHE A 124 86.73 28.17 74.00
C PHE A 124 85.99 27.52 72.84
N GLU A 125 85.43 28.32 71.93
CA GLU A 125 84.71 27.74 70.80
C GLU A 125 85.66 27.03 69.85
N GLY A 126 86.83 27.61 69.61
CA GLY A 126 87.84 26.93 68.81
C GLY A 126 88.29 25.62 69.43
N LEU A 127 88.52 25.62 70.74
CA LEU A 127 88.94 24.39 71.40
C LEU A 127 87.82 23.35 71.37
N LEU A 128 86.56 23.78 71.48
CA LEU A 128 85.46 22.83 71.37
C LEU A 128 85.39 22.23 69.97
N GLN A 129 85.59 23.06 68.94
CA GLN A 129 85.67 22.53 67.59
C GLN A 129 86.78 21.52 67.46
N LEU A 130 87.95 21.81 68.05
CA LEU A 130 89.03 20.82 68.05
C LEU A 130 88.59 19.54 68.74
N ILE A 131 87.91 19.66 69.89
CA ILE A 131 87.50 18.49 70.64
C ILE A 131 86.61 17.61 69.78
N TYR A 132 85.72 18.22 69.02
CA TYR A 132 84.76 17.46 68.23
C TYR A 132 85.21 17.23 66.79
N SER A 133 86.42 17.67 66.44
CA SER A 133 86.95 17.43 65.10
C SER A 133 88.40 16.98 65.07
N GLY A 134 89.20 17.24 66.10
CA GLY A 134 90.61 16.99 66.03
C GLY A 134 91.40 17.97 65.18
N ARG A 135 90.78 19.08 64.78
CA ARG A 135 91.44 20.08 63.96
C ARG A 135 91.19 21.46 64.53
N LEU A 136 92.18 22.34 64.38
CA LEU A 136 92.11 23.70 64.90
C LEU A 136 92.69 24.66 63.88
N ARG A 137 91.89 25.63 63.44
CA ARG A 137 92.35 26.70 62.56
C ARG A 137 92.15 28.01 63.29
N LEU A 138 93.20 28.83 63.34
CA LEU A 138 93.16 30.07 64.09
C LEU A 138 94.18 31.03 63.50
N PRO A 139 94.05 32.32 63.76
CA PRO A 139 95.10 33.25 63.37
C PRO A 139 96.34 33.07 64.23
N LEU A 140 97.49 33.40 63.65
CA LEU A 140 98.76 33.21 64.34
C LEU A 140 98.76 33.91 65.70
N ASP A 141 98.33 35.18 65.73
CA ASP A 141 98.36 35.96 66.96
C ASP A 141 97.47 35.38 68.05
N ALA A 142 96.49 34.55 67.68
CA ALA A 142 95.61 33.95 68.68
C ALA A 142 96.20 32.67 69.29
N LEU A 143 97.39 32.26 68.84
CA LEU A 143 97.97 31.03 69.37
C LEU A 143 98.17 31.07 70.87
N PRO A 144 98.70 32.13 71.47
CA PRO A 144 98.85 32.14 72.94
C PRO A 144 97.54 31.89 73.67
N ALA A 145 96.52 32.69 73.37
CA ALA A 145 95.24 32.56 74.08
C ALA A 145 94.73 31.13 74.03
N HIS A 146 94.65 30.55 72.84
CA HIS A 146 94.22 29.17 72.71
C HIS A 146 95.05 28.27 73.62
N LEU A 147 96.38 28.39 73.54
CA LEU A 147 97.23 27.60 74.41
C LEU A 147 96.78 27.71 75.86
N LEU A 148 96.59 28.94 76.33
CA LEU A 148 96.17 29.14 77.71
C LEU A 148 94.95 28.29 78.02
N VAL A 149 93.92 28.39 77.18
CA VAL A 149 92.69 27.65 77.46
C VAL A 149 92.99 26.17 77.52
N ALA A 150 93.81 25.68 76.60
CA ALA A 150 94.16 24.26 76.60
C ALA A 150 94.72 23.85 77.95
N SER A 151 95.54 24.72 78.55
CA SER A 151 96.12 24.40 79.85
C SER A 151 95.04 24.24 80.90
N GLY A 152 94.03 25.10 80.87
CA GLY A 152 92.94 24.97 81.81
C GLY A 152 92.22 23.64 81.66
N LEU A 153 92.14 23.12 80.44
CA LEU A 153 91.54 21.82 80.20
C LEU A 153 92.52 20.66 80.32
N GLN A 154 93.80 20.93 80.61
CA GLN A 154 94.76 19.86 80.87
C GLN A 154 94.96 18.97 79.64
N MET A 155 95.12 19.60 78.48
CA MET A 155 95.38 18.89 77.22
C MET A 155 96.88 18.94 76.96
N TRP A 156 97.61 18.01 77.59
CA TRP A 156 99.04 18.16 77.69
C TRP A 156 99.74 17.83 76.37
N GLN A 157 99.18 16.92 75.59
CA GLN A 157 99.70 16.67 74.23
C GLN A 157 99.54 17.91 73.37
N VAL A 158 98.37 18.54 73.43
CA VAL A 158 98.13 19.75 72.65
C VAL A 158 99.03 20.87 73.14
N VAL A 159 99.18 21.00 74.46
CA VAL A 159 100.08 22.02 74.99
C VAL A 159 101.49 21.80 74.48
N ASP A 160 101.94 20.54 74.47
CA ASP A 160 103.27 20.23 73.96
C ASP A 160 103.40 20.65 72.51
N GLN A 161 102.42 20.28 71.68
CA GLN A 161 102.49 20.60 70.26
C GLN A 161 102.49 22.11 70.03
N CYS A 162 101.64 22.83 70.76
CA CYS A 162 101.56 24.27 70.60
C CYS A 162 102.86 24.93 71.05
N SER A 163 103.45 24.47 72.15
CA SER A 163 104.73 25.00 72.57
C SER A 163 105.80 24.73 71.53
N GLU A 164 105.79 23.54 70.94
CA GLU A 164 106.75 23.24 69.89
C GLU A 164 106.58 24.17 68.69
N ILE A 165 105.33 24.42 68.29
CA ILE A 165 105.08 25.31 67.16
C ILE A 165 105.52 26.74 67.47
N LEU A 166 105.19 27.22 68.67
CA LEU A 166 105.64 28.55 69.08
C LEU A 166 107.15 28.64 69.08
N ARG A 167 107.82 27.60 69.58
CA ARG A 167 109.27 27.58 69.59
C ARG A 167 109.81 27.64 68.16
N GLU A 168 109.19 26.89 67.26
CA GLU A 168 109.60 26.95 65.86
C GLU A 168 109.43 28.37 65.31
N LEU A 169 108.33 29.04 65.66
CA LEU A 169 108.15 30.42 65.20
C LEU A 169 109.22 31.35 65.75
N GLU A 170 109.53 31.25 67.05
CA GLU A 170 110.55 32.14 67.61
C GLU A 170 111.92 31.85 67.00
N THR A 171 112.18 30.60 66.62
CA THR A 171 113.45 30.21 66.01
C THR A 171 113.42 30.39 64.50
N THR B 50 97.83 29.49 58.67
CA THR B 50 96.94 28.47 59.22
C THR B 50 97.68 27.17 59.43
N ILE B 51 97.38 26.50 60.54
CA ILE B 51 98.02 25.25 60.92
C ILE B 51 96.98 24.14 61.01
N GLN B 52 97.42 22.91 60.75
CA GLN B 52 96.58 21.74 60.83
C GLN B 52 97.25 20.69 61.71
N ILE B 53 96.55 20.26 62.75
CA ILE B 53 97.04 19.24 63.67
C ILE B 53 96.10 18.06 63.63
N GLU B 54 96.66 16.85 63.52
CA GLU B 54 95.87 15.63 63.49
C GLU B 54 96.46 14.66 64.49
N PHE B 55 95.58 13.96 65.23
CA PHE B 55 96.00 12.99 66.23
C PHE B 55 95.33 11.64 65.96
N PRO B 56 95.96 10.79 65.14
CA PRO B 56 95.26 9.56 64.74
C PRO B 56 94.81 8.71 65.91
N GLN B 57 95.61 8.65 66.97
CA GLN B 57 95.28 7.84 68.12
C GLN B 57 94.50 8.61 69.18
N HIS B 58 94.07 9.84 68.87
CA HIS B 58 93.26 10.58 69.83
C HIS B 58 91.95 9.85 70.05
N SER B 59 91.32 9.41 68.96
CA SER B 59 90.02 8.77 69.06
C SER B 59 90.13 7.45 69.82
N SER B 60 91.15 6.66 69.52
CA SER B 60 91.30 5.37 70.19
C SER B 60 91.53 5.54 71.69
N SER B 61 92.37 6.50 72.07
CA SER B 61 92.57 6.76 73.49
C SER B 61 91.28 7.22 74.15
N LEU B 62 90.53 8.08 73.46
CA LEU B 62 89.26 8.55 74.01
C LEU B 62 88.29 7.39 74.21
N LEU B 63 88.23 6.49 73.22
CA LEU B 63 87.35 5.33 73.32
C LEU B 63 87.80 4.41 74.44
N GLU B 64 89.11 4.29 74.64
CA GLU B 64 89.62 3.53 75.77
C GLU B 64 89.09 4.11 77.07
N SER B 65 89.20 5.43 77.22
CA SER B 65 88.71 6.08 78.43
C SER B 65 87.22 5.81 78.61
N LEU B 66 86.46 5.94 77.53
CA LEU B 66 85.02 5.70 77.58
C LEU B 66 84.73 4.29 78.08
N ASN B 67 85.36 3.30 77.44
CA ASN B 67 85.11 1.92 77.82
C ASN B 67 85.47 1.70 79.29
N ARG B 68 86.58 2.29 79.74
CA ARG B 68 86.99 2.11 81.12
C ARG B 68 85.93 2.69 82.05
N HIS B 69 85.48 3.92 81.79
CA HIS B 69 84.44 4.51 82.60
C HIS B 69 83.21 3.61 82.63
N ARG B 70 82.83 3.08 81.47
CA ARG B 70 81.70 2.15 81.44
C ARG B 70 81.96 1.00 82.39
N LEU B 71 83.16 0.42 82.29
CA LEU B 71 83.52 -0.70 83.14
C LEU B 71 83.48 -0.28 84.60
N GLU B 72 83.85 0.96 84.88
CA GLU B 72 83.81 1.52 86.22
C GLU B 72 82.44 2.05 86.60
N GLY B 73 81.46 1.95 85.71
CA GLY B 73 80.15 2.48 86.02
C GLY B 73 80.12 3.99 86.14
N LYS B 74 81.14 4.68 85.64
CA LYS B 74 81.24 6.12 85.79
C LYS B 74 80.44 6.81 84.69
N PHE B 75 79.67 7.82 85.08
CA PHE B 75 78.87 8.63 84.16
C PHE B 75 77.83 7.83 83.40
N CYS B 76 77.61 6.56 83.75
CA CYS B 76 76.57 5.78 83.09
C CYS B 76 75.22 6.35 83.46
N ASP B 77 74.39 6.61 82.44
CA ASP B 77 73.10 7.24 82.64
C ASP B 77 71.93 6.35 82.22
N VAL B 78 72.18 5.15 81.73
CA VAL B 78 71.11 4.24 81.34
C VAL B 78 71.46 2.83 81.78
N SER B 79 70.41 2.08 82.14
CA SER B 79 70.53 0.69 82.55
C SER B 79 69.73 -0.16 81.57
N LEU B 80 70.40 -1.16 81.00
CA LEU B 80 69.84 -2.00 79.96
C LEU B 80 69.54 -3.37 80.55
N LEU B 81 68.29 -3.79 80.46
CA LEU B 81 67.87 -5.09 80.97
C LEU B 81 67.75 -6.04 79.79
N VAL B 82 68.57 -7.08 79.80
CA VAL B 82 68.65 -8.06 78.72
C VAL B 82 68.52 -9.44 79.35
N GLN B 83 67.35 -10.06 79.19
CA GLN B 83 67.11 -11.41 79.70
C GLN B 83 67.42 -11.50 81.19
N GLY B 84 67.02 -10.48 81.94
CA GLY B 84 67.23 -10.45 83.37
C GLY B 84 68.58 -9.93 83.81
N ARG B 85 69.48 -9.63 82.87
CA ARG B 85 70.82 -9.14 83.17
C ARG B 85 70.84 -7.62 83.03
N GLU B 86 71.33 -6.94 84.07
CA GLU B 86 71.35 -5.49 84.09
C GLU B 86 72.76 -5.01 83.74
N LEU B 87 72.84 -4.15 82.73
CA LEU B 87 74.12 -3.65 82.24
C LEU B 87 74.05 -2.13 82.11
N ARG B 88 74.96 -1.43 82.77
CA ARG B 88 74.93 0.03 82.72
C ARG B 88 75.74 0.52 81.53
N ALA B 89 75.28 1.63 80.96
CA ALA B 89 75.93 2.22 79.79
C ALA B 89 75.49 3.67 79.68
N HIS B 90 76.10 4.37 78.74
CA HIS B 90 75.83 5.78 78.52
C HIS B 90 74.97 6.00 77.29
N LYS B 91 73.92 6.80 77.46
CA LYS B 91 72.93 6.99 76.39
C LYS B 91 73.54 7.62 75.15
N ALA B 92 74.39 8.65 75.33
CA ALA B 92 74.94 9.35 74.17
C ALA B 92 75.77 8.43 73.29
N VAL B 93 76.61 7.59 73.91
CA VAL B 93 77.46 6.70 73.12
C VAL B 93 76.59 5.74 72.30
N LEU B 94 75.58 5.17 72.94
CA LEU B 94 74.72 4.23 72.26
C LEU B 94 73.97 4.90 71.12
N ALA B 95 73.44 6.10 71.35
CA ALA B 95 72.72 6.81 70.30
C ALA B 95 73.65 7.16 69.14
N ALA B 96 74.87 7.61 69.46
CA ALA B 96 75.82 7.99 68.42
C ALA B 96 76.30 6.80 67.61
N ALA B 97 76.39 5.61 68.23
CA ALA B 97 76.94 4.47 67.49
C ALA B 97 75.90 3.72 66.68
N SER B 98 74.68 3.58 67.20
CA SER B 98 73.62 2.91 66.46
C SER B 98 72.54 3.90 66.07
N PRO B 99 72.10 3.92 64.81
CA PRO B 99 70.98 4.80 64.49
C PRO B 99 69.71 4.36 65.20
N TYR B 100 69.51 3.04 65.36
CA TYR B 100 68.34 2.59 66.10
C TYR B 100 68.35 3.17 67.51
N PHE B 101 69.50 3.09 68.20
CA PHE B 101 69.59 3.70 69.52
C PHE B 101 69.22 5.17 69.45
N HIS B 102 69.88 5.92 68.57
CA HIS B 102 69.58 7.33 68.43
C HIS B 102 68.07 7.55 68.39
N ASP B 103 67.41 6.84 67.48
CA ASP B 103 65.98 6.98 67.29
C ASP B 103 65.22 6.67 68.57
N LYS B 104 65.47 5.50 69.16
CA LYS B 104 64.74 5.10 70.35
C LYS B 104 64.90 6.13 71.45
N LEU B 105 66.10 6.68 71.59
CA LEU B 105 66.34 7.65 72.66
C LEU B 105 65.59 8.93 72.37
N LEU B 106 65.67 9.40 71.13
CA LEU B 106 64.91 10.58 70.73
C LEU B 106 63.43 10.35 71.04
N LEU B 107 62.99 9.10 71.00
CA LEU B 107 61.60 8.75 71.22
C LEU B 107 61.28 8.56 72.70
N GLY B 108 62.23 8.11 73.50
CA GLY B 108 61.96 7.77 74.88
C GLY B 108 63.15 8.01 75.79
N ASP B 109 62.97 8.90 76.76
CA ASP B 109 64.03 9.24 77.71
C ASP B 109 63.86 8.45 79.01
N ALA B 110 64.06 7.15 78.90
CA ALA B 110 63.95 6.31 80.08
C ALA B 110 65.33 5.96 80.62
N PRO B 111 65.58 6.08 81.92
CA PRO B 111 66.88 5.68 82.45
C PRO B 111 67.13 4.20 82.31
N ARG B 112 66.08 3.40 82.15
CA ARG B 112 66.18 1.96 81.99
C ARG B 112 65.47 1.56 80.71
N LEU B 113 66.12 0.73 79.92
CA LEU B 113 65.52 0.18 78.70
C LEU B 113 65.63 -1.34 78.75
N THR B 114 64.49 -2.01 78.68
CA THR B 114 64.44 -3.46 78.62
C THR B 114 64.26 -3.89 77.17
N LEU B 115 65.23 -4.63 76.64
CA LEU B 115 65.20 -5.06 75.26
C LEU B 115 64.33 -6.29 75.09
N PRO B 116 63.91 -6.58 73.85
CA PRO B 116 63.10 -7.77 73.61
C PRO B 116 63.81 -9.03 74.11
N SER B 117 63.01 -9.96 74.63
CA SER B 117 63.58 -11.17 75.21
C SER B 117 64.48 -11.91 74.23
N VAL B 118 64.22 -11.75 72.92
CA VAL B 118 65.03 -12.44 71.93
C VAL B 118 66.47 -12.00 71.97
N ILE B 119 66.76 -10.82 72.51
CA ILE B 119 68.13 -10.32 72.53
C ILE B 119 68.88 -11.06 73.62
N GLU B 120 69.93 -11.78 73.23
CA GLU B 120 70.74 -12.54 74.18
C GLU B 120 71.65 -11.61 74.96
N ALA B 121 71.78 -11.89 76.26
CA ALA B 121 72.60 -11.03 77.11
C ALA B 121 74.07 -11.11 76.71
N ASP B 122 74.57 -12.32 76.43
CA ASP B 122 75.98 -12.48 76.10
C ASP B 122 76.31 -11.85 74.75
N ALA B 123 75.45 -12.08 73.75
CA ALA B 123 75.64 -11.46 72.45
C ALA B 123 75.60 -9.94 72.56
N PHE B 124 74.66 -9.44 73.37
CA PHE B 124 74.56 -8.00 73.57
C PHE B 124 75.81 -7.46 74.23
N GLU B 125 76.38 -8.19 75.19
CA GLU B 125 77.59 -7.70 75.85
C GLU B 125 78.78 -7.72 74.90
N GLY B 126 78.89 -8.75 74.06
CA GLY B 126 79.92 -8.76 73.04
C GLY B 126 79.79 -7.61 72.07
N LEU B 127 78.58 -7.34 71.61
CA LEU B 127 78.40 -6.22 70.70
C LEU B 127 78.66 -4.89 71.40
N LEU B 128 78.32 -4.78 72.68
CA LEU B 128 78.62 -3.55 73.42
C LEU B 128 80.12 -3.34 73.60
N GLN B 129 80.86 -4.39 73.94
CA GLN B 129 82.32 -4.26 73.98
C GLN B 129 82.86 -3.86 72.62
N LEU B 130 82.31 -4.43 71.54
CA LEU B 130 82.73 -3.96 70.22
C LEU B 130 82.45 -2.47 70.06
N ILE B 131 81.28 -2.03 70.51
CA ILE B 131 80.90 -0.62 70.39
C ILE B 131 81.94 0.25 71.07
N TYR B 132 82.42 -0.19 72.23
CA TYR B 132 83.35 0.59 73.03
C TYR B 132 84.81 0.26 72.76
N SER B 133 85.10 -0.64 71.83
CA SER B 133 86.48 -0.97 71.49
C SER B 133 86.77 -1.06 70.00
N GLY B 134 85.77 -1.27 69.14
CA GLY B 134 86.07 -1.54 67.75
C GLY B 134 86.61 -2.93 67.46
N ARG B 135 86.55 -3.84 68.44
CA ARG B 135 87.06 -5.19 68.28
C ARG B 135 86.04 -6.19 68.79
N LEU B 136 86.00 -7.36 68.15
CA LEU B 136 85.07 -8.41 68.52
C LEU B 136 85.78 -9.74 68.48
N ARG B 137 85.80 -10.42 69.62
CA ARG B 137 86.31 -11.78 69.74
C ARG B 137 85.17 -12.63 70.26
N LEU B 138 84.88 -13.73 69.59
CA LEU B 138 83.72 -14.54 69.93
C LEU B 138 83.99 -15.96 69.47
N PRO B 139 83.27 -16.93 70.03
CA PRO B 139 83.35 -18.29 69.48
C PRO B 139 82.66 -18.34 68.13
N LEU B 140 83.14 -19.26 67.28
CA LEU B 140 82.61 -19.37 65.93
C LEU B 140 81.09 -19.57 65.95
N ASP B 141 80.63 -20.50 66.78
CA ASP B 141 79.20 -20.82 66.81
C ASP B 141 78.34 -19.64 67.25
N ALA B 142 78.91 -18.66 67.94
CA ALA B 142 78.16 -17.48 68.35
C ALA B 142 78.09 -16.41 67.27
N LEU B 143 78.75 -16.64 66.13
CA LEU B 143 78.74 -15.62 65.08
C LEU B 143 77.32 -15.30 64.62
N PRO B 144 76.45 -16.28 64.37
CA PRO B 144 75.07 -15.93 63.97
C PRO B 144 74.39 -15.05 64.99
N ALA B 145 74.36 -15.47 66.26
CA ALA B 145 73.68 -14.68 67.28
C ALA B 145 74.19 -13.26 67.28
N HIS B 146 75.52 -13.10 67.38
CA HIS B 146 76.10 -11.76 67.30
C HIS B 146 75.61 -11.07 66.04
N LEU B 147 75.74 -11.74 64.90
CA LEU B 147 75.26 -11.18 63.65
C LEU B 147 73.82 -10.70 63.83
N LEU B 148 72.97 -11.56 64.37
CA LEU B 148 71.57 -11.19 64.55
C LEU B 148 71.47 -9.85 65.27
N VAL B 149 72.11 -9.73 66.44
CA VAL B 149 71.97 -8.51 67.20
C VAL B 149 72.50 -7.33 66.39
N ALA B 150 73.65 -7.53 65.74
CA ALA B 150 74.22 -6.45 64.94
C ALA B 150 73.21 -5.95 63.92
N SER B 151 72.50 -6.88 63.28
CA SER B 151 71.50 -6.46 62.29
C SER B 151 70.38 -5.68 62.95
N GLY B 152 69.92 -6.15 64.12
CA GLY B 152 68.89 -5.42 64.84
C GLY B 152 69.33 -4.03 65.27
N LEU B 153 70.61 -3.88 65.55
CA LEU B 153 71.20 -2.60 65.94
C LEU B 153 71.61 -1.74 64.75
N GLN B 154 71.36 -2.20 63.52
CA GLN B 154 71.62 -1.41 62.32
C GLN B 154 73.12 -1.15 62.13
N MET B 155 73.93 -2.19 62.30
CA MET B 155 75.37 -2.08 62.06
C MET B 155 75.72 -2.69 60.71
N TRP B 156 75.51 -1.92 59.64
CA TRP B 156 75.55 -2.51 58.31
C TRP B 156 76.96 -2.76 57.80
N GLN B 157 77.94 -1.95 58.20
CA GLN B 157 79.32 -2.28 57.88
C GLN B 157 79.72 -3.59 58.54
N VAL B 158 79.38 -3.71 59.82
CA VAL B 158 79.67 -4.93 60.57
C VAL B 158 78.87 -6.09 60.02
N VAL B 159 77.60 -5.86 59.69
CA VAL B 159 76.79 -6.92 59.10
C VAL B 159 77.41 -7.39 57.80
N ASP B 160 77.87 -6.47 56.95
CA ASP B 160 78.52 -6.86 55.71
C ASP B 160 79.72 -7.74 55.99
N GLN B 161 80.59 -7.31 56.91
CA GLN B 161 81.79 -8.08 57.19
C GLN B 161 81.45 -9.45 57.75
N CYS B 162 80.49 -9.52 58.67
CA CYS B 162 80.11 -10.78 59.29
C CYS B 162 79.47 -11.73 58.27
N SER B 163 78.63 -11.20 57.39
CA SER B 163 78.06 -12.04 56.34
C SER B 163 79.16 -12.59 55.44
N GLU B 164 80.14 -11.74 55.11
CA GLU B 164 81.26 -12.20 54.31
C GLU B 164 82.01 -13.32 55.02
N ILE B 165 82.24 -13.18 56.33
CA ILE B 165 82.97 -14.20 57.07
C ILE B 165 82.18 -15.51 57.12
N LEU B 166 80.88 -15.44 57.40
CA LEU B 166 80.06 -16.65 57.39
C LEU B 166 80.08 -17.32 56.02
N ARG B 167 79.97 -16.53 54.95
CA ARG B 167 80.02 -17.08 53.60
C ARG B 167 81.36 -17.75 53.35
N GLU B 168 82.46 -17.11 53.75
CA GLU B 168 83.77 -17.71 53.61
C GLU B 168 83.85 -19.04 54.36
N LEU B 169 83.28 -19.09 55.56
CA LEU B 169 83.26 -20.35 56.29
C LEU B 169 82.48 -21.41 55.52
N GLU B 170 81.35 -21.02 54.94
CA GLU B 170 80.55 -21.96 54.17
C GLU B 170 81.30 -22.50 52.97
N THR B 171 82.18 -21.67 52.39
CA THR B 171 82.96 -22.09 51.22
C THR B 171 84.27 -22.75 51.65
N THR C 50 21.92 -7.23 75.34
CA THR C 50 23.00 -6.70 74.53
C THR C 50 23.63 -7.80 73.68
N ILE C 51 23.95 -7.47 72.43
CA ILE C 51 24.54 -8.41 71.49
C ILE C 51 25.90 -7.91 71.05
N GLN C 52 26.79 -8.86 70.75
CA GLN C 52 28.13 -8.61 70.26
C GLN C 52 28.37 -9.46 69.03
N ILE C 53 28.79 -8.82 67.94
CA ILE C 53 29.04 -9.51 66.67
C ILE C 53 30.53 -9.41 66.34
N GLU C 54 31.10 -10.55 65.96
CA GLU C 54 32.50 -10.68 65.60
C GLU C 54 32.58 -11.39 64.25
N PHE C 55 33.51 -10.96 63.40
CA PHE C 55 33.69 -11.52 62.06
C PHE C 55 35.12 -12.02 61.90
N PRO C 56 35.38 -13.30 62.21
CA PRO C 56 36.77 -13.77 62.28
C PRO C 56 37.54 -13.53 60.99
N GLN C 57 36.90 -13.68 59.84
CA GLN C 57 37.58 -13.50 58.56
C GLN C 57 37.48 -12.08 58.04
N HIS C 58 36.98 -11.15 58.85
CA HIS C 58 36.92 -9.76 58.43
C HIS C 58 38.33 -9.22 58.20
N SER C 59 39.23 -9.50 59.14
CA SER C 59 40.59 -8.97 59.05
C SER C 59 41.32 -9.57 57.85
N SER C 60 41.20 -10.88 57.66
CA SER C 60 41.90 -11.55 56.56
C SER C 60 41.38 -11.04 55.22
N SER C 61 40.06 -10.89 55.10
CA SER C 61 39.50 -10.35 53.86
C SER C 61 39.99 -8.93 53.63
N LEU C 62 40.06 -8.14 54.69
CA LEU C 62 40.55 -6.78 54.53
C LEU C 62 42.00 -6.77 54.06
N LEU C 63 42.84 -7.64 54.64
CA LEU C 63 44.24 -7.69 54.23
C LEU C 63 44.41 -8.18 52.80
N GLU C 64 43.61 -9.18 52.38
CA GLU C 64 43.72 -9.63 50.99
C GLU C 64 43.32 -8.51 50.05
N SER C 65 42.17 -7.87 50.33
CA SER C 65 41.72 -6.79 49.46
C SER C 65 42.78 -5.70 49.40
N LEU C 66 43.37 -5.34 50.54
CA LEU C 66 44.39 -4.31 50.57
C LEU C 66 45.58 -4.71 49.70
N ASN C 67 46.04 -5.95 49.85
CA ASN C 67 47.18 -6.40 49.05
C ASN C 67 46.85 -6.30 47.57
N ARG C 68 45.65 -6.74 47.19
CA ARG C 68 45.26 -6.66 45.78
C ARG C 68 45.27 -5.22 45.31
N HIS C 69 44.71 -4.32 46.13
CA HIS C 69 44.69 -2.91 45.76
C HIS C 69 46.12 -2.43 45.53
N ARG C 70 47.04 -2.86 46.38
CA ARG C 70 48.44 -2.49 46.20
C ARG C 70 48.96 -2.95 44.85
N LEU C 71 48.75 -4.23 44.53
CA LEU C 71 49.16 -4.75 43.22
C LEU C 71 48.65 -3.88 42.08
N GLU C 72 47.35 -3.55 42.10
CA GLU C 72 46.82 -2.67 41.06
C GLU C 72 47.32 -1.24 41.18
N GLY C 73 48.18 -0.95 42.14
CA GLY C 73 48.70 0.39 42.35
C GLY C 73 47.71 1.42 42.82
N LYS C 74 46.56 1.02 43.35
CA LYS C 74 45.54 1.98 43.76
C LYS C 74 45.82 2.50 45.16
N PHE C 75 45.73 3.81 45.32
CA PHE C 75 45.90 4.47 46.62
C PHE C 75 47.28 4.26 47.23
N CYS C 76 48.23 3.70 46.48
CA CYS C 76 49.57 3.56 47.04
C CYS C 76 50.13 4.96 47.20
N ASP C 77 50.64 5.25 48.39
CA ASP C 77 51.11 6.58 48.75
C ASP C 77 52.59 6.66 49.05
N VAL C 78 53.34 5.56 48.98
CA VAL C 78 54.77 5.61 49.21
C VAL C 78 55.46 4.73 48.17
N SER C 79 56.64 5.17 47.76
CA SER C 79 57.47 4.47 46.79
C SER C 79 58.81 4.14 47.44
N LEU C 80 59.18 2.86 47.42
CA LEU C 80 60.37 2.36 48.07
C LEU C 80 61.41 2.03 47.02
N LEU C 81 62.59 2.64 47.13
CA LEU C 81 63.69 2.40 46.21
C LEU C 81 64.68 1.44 46.87
N VAL C 82 64.83 0.26 46.27
CA VAL C 82 65.68 -0.79 46.80
C VAL C 82 66.61 -1.27 45.69
N GLN C 83 67.88 -0.88 45.76
CA GLN C 83 68.89 -1.31 44.79
C GLN C 83 68.45 -0.99 43.36
N GLY C 84 67.89 0.20 43.17
CA GLY C 84 67.45 0.64 41.87
C GLY C 84 66.07 0.19 41.48
N ARG C 85 65.41 -0.63 42.29
CA ARG C 85 64.07 -1.12 41.99
C ARG C 85 63.06 -0.28 42.74
N GLU C 86 62.09 0.26 42.02
CA GLU C 86 61.09 1.14 42.61
C GLU C 86 59.83 0.31 42.82
N LEU C 87 59.31 0.31 44.05
CA LEU C 87 58.16 -0.51 44.40
C LEU C 87 57.14 0.33 45.15
N ARG C 88 55.91 0.35 44.65
CA ARG C 88 54.87 1.16 45.27
C ARG C 88 54.17 0.36 46.35
N ALA C 89 53.74 1.07 47.40
CA ALA C 89 53.09 0.47 48.54
C ALA C 89 52.38 1.58 49.30
N HIS C 90 51.65 1.19 50.34
CA HIS C 90 50.90 2.14 51.14
C HIS C 90 51.68 2.40 52.42
N LYS C 91 51.96 3.66 52.69
CA LYS C 91 52.77 3.99 53.85
C LYS C 91 52.09 3.52 55.13
N ALA C 92 50.77 3.70 55.22
CA ALA C 92 50.07 3.36 56.46
C ALA C 92 50.28 1.91 56.85
N VAL C 93 50.18 0.99 55.89
CA VAL C 93 50.34 -0.43 56.21
C VAL C 93 51.76 -0.68 56.70
N LEU C 94 52.73 -0.13 55.99
CA LEU C 94 54.13 -0.34 56.34
C LEU C 94 54.44 0.22 57.73
N ALA C 95 53.94 1.41 58.01
CA ALA C 95 54.16 2.02 59.32
C ALA C 95 53.50 1.21 60.42
N ALA C 96 52.28 0.74 60.17
CA ALA C 96 51.55 -0.03 61.17
C ALA C 96 52.20 -1.37 61.46
N ALA C 97 52.86 -1.97 60.47
CA ALA C 97 53.42 -3.30 60.67
C ALA C 97 54.81 -3.34 61.27
N SER C 98 55.68 -2.37 60.97
CA SER C 98 57.02 -2.35 61.54
C SER C 98 57.25 -1.16 62.47
N PRO C 99 57.82 -1.38 63.66
CA PRO C 99 58.16 -0.23 64.51
C PRO C 99 59.22 0.62 63.83
N TYR C 100 60.15 0.00 63.10
CA TYR C 100 61.10 0.78 62.34
C TYR C 100 60.38 1.68 61.35
N PHE C 101 59.36 1.13 60.69
CA PHE C 101 58.59 1.93 59.75
C PHE C 101 57.88 3.06 60.49
N HIS C 102 57.27 2.74 61.64
CA HIS C 102 56.67 3.79 62.46
C HIS C 102 57.68 4.92 62.66
N ASP C 103 58.87 4.56 63.13
CA ASP C 103 59.89 5.56 63.42
C ASP C 103 60.19 6.39 62.18
N LYS C 104 60.50 5.71 61.07
CA LYS C 104 60.86 6.41 59.85
C LYS C 104 59.77 7.41 59.49
N LEU C 105 58.51 7.00 59.65
CA LEU C 105 57.40 7.87 59.29
C LEU C 105 57.37 9.08 60.22
N LEU C 106 57.47 8.83 61.53
CA LEU C 106 57.50 9.93 62.48
C LEU C 106 58.60 10.92 62.14
N LEU C 107 59.72 10.43 61.59
CA LEU C 107 60.87 11.27 61.31
C LEU C 107 60.81 11.94 59.94
N GLY C 108 60.17 11.33 58.96
CA GLY C 108 60.21 11.86 57.61
C GLY C 108 59.00 11.58 56.75
N ASP C 109 58.33 12.62 56.28
CA ASP C 109 57.14 12.47 55.43
C ASP C 109 57.54 12.64 53.97
N ALA C 110 58.32 11.67 53.47
CA ALA C 110 58.74 11.69 52.07
C ALA C 110 57.91 10.71 51.26
N PRO C 111 57.38 11.10 50.10
CA PRO C 111 56.63 10.12 49.29
C PRO C 111 57.50 8.98 48.79
N ARG C 112 58.81 9.18 48.74
CA ARG C 112 59.76 8.17 48.30
C ARG C 112 60.82 7.97 49.37
N LEU C 113 61.09 6.71 49.70
CA LEU C 113 62.14 6.35 50.65
C LEU C 113 63.08 5.36 49.99
N THR C 114 64.36 5.72 49.92
CA THR C 114 65.40 4.84 49.40
C THR C 114 66.12 4.18 50.57
N LEU C 115 66.06 2.86 50.64
CA LEU C 115 66.66 2.12 51.74
C LEU C 115 68.15 1.94 51.48
N PRO C 116 68.92 1.64 52.53
CA PRO C 116 70.36 1.41 52.32
C PRO C 116 70.61 0.32 51.28
N SER C 117 71.67 0.53 50.49
CA SER C 117 72.00 -0.38 49.41
C SER C 117 72.17 -1.82 49.87
N VAL C 118 72.55 -2.02 51.14
CA VAL C 118 72.79 -3.36 51.64
C VAL C 118 71.53 -4.21 51.60
N ILE C 119 70.35 -3.59 51.60
CA ILE C 119 69.11 -4.35 51.59
C ILE C 119 68.85 -4.86 50.17
N GLU C 120 68.78 -6.18 50.02
CA GLU C 120 68.54 -6.79 48.72
C GLU C 120 67.08 -6.66 48.31
N ALA C 121 66.86 -6.41 47.02
CA ALA C 121 65.51 -6.18 46.51
C ALA C 121 64.62 -7.42 46.65
N ASP C 122 65.16 -8.61 46.36
CA ASP C 122 64.34 -9.82 46.39
C ASP C 122 63.88 -10.14 47.81
N ALA C 123 64.79 -10.03 48.78
CA ALA C 123 64.37 -10.26 50.16
C ALA C 123 63.32 -9.25 50.55
N PHE C 124 63.48 -8.00 50.13
CA PHE C 124 62.47 -7.00 50.46
C PHE C 124 61.14 -7.37 49.86
N GLU C 125 61.14 -7.95 48.65
CA GLU C 125 59.88 -8.34 48.05
C GLU C 125 59.23 -9.48 48.81
N GLY C 126 60.03 -10.43 49.28
CA GLY C 126 59.51 -11.48 50.14
C GLY C 126 58.93 -10.97 51.43
N LEU C 127 59.63 -10.05 52.09
CA LEU C 127 59.10 -9.49 53.33
C LEU C 127 57.86 -8.64 53.09
N LEU C 128 57.81 -7.90 51.98
CA LEU C 128 56.62 -7.12 51.70
C LEU C 128 55.41 -7.99 51.39
N GLN C 129 55.59 -9.05 50.60
CA GLN C 129 54.49 -9.99 50.38
C GLN C 129 54.06 -10.61 51.70
N LEU C 130 55.01 -11.00 52.56
CA LEU C 130 54.63 -11.49 53.88
C LEU C 130 53.83 -10.45 54.64
N ILE C 131 54.28 -9.20 54.60
CA ILE C 131 53.62 -8.13 55.33
C ILE C 131 52.16 -8.01 54.89
N TYR C 132 51.91 -8.14 53.59
CA TYR C 132 50.58 -7.96 53.05
C TYR C 132 49.82 -9.27 52.90
N SER C 133 50.41 -10.39 53.31
CA SER C 133 49.74 -11.69 53.24
C SER C 133 49.90 -12.55 54.49
N GLY C 134 50.92 -12.34 55.31
CA GLY C 134 51.19 -13.27 56.39
C GLY C 134 51.82 -14.57 55.96
N ARG C 135 52.30 -14.67 54.72
CA ARG C 135 52.91 -15.89 54.19
C ARG C 135 54.21 -15.53 53.49
N LEU C 136 55.16 -16.46 53.53
CA LEU C 136 56.48 -16.24 52.95
C LEU C 136 56.94 -17.48 52.20
N ARG C 137 57.22 -17.31 50.91
CA ARG C 137 57.80 -18.37 50.10
C ARG C 137 59.13 -17.89 49.57
N LEU C 138 60.18 -18.68 49.77
CA LEU C 138 61.52 -18.27 49.40
C LEU C 138 62.38 -19.51 49.20
N PRO C 139 63.48 -19.40 48.47
CA PRO C 139 64.44 -20.50 48.43
C PRO C 139 65.18 -20.62 49.76
N LEU C 140 65.59 -21.85 50.08
CA LEU C 140 66.25 -22.09 51.36
C LEU C 140 67.48 -21.21 51.53
N ASP C 141 68.34 -21.16 50.52
CA ASP C 141 69.59 -20.41 50.63
C ASP C 141 69.38 -18.92 50.82
N ALA C 142 68.22 -18.39 50.46
CA ALA C 142 67.94 -16.97 50.65
C ALA C 142 67.41 -16.66 52.05
N LEU C 143 67.23 -17.66 52.90
CA LEU C 143 66.69 -17.39 54.23
C LEU C 143 67.55 -16.41 55.01
N PRO C 144 68.88 -16.55 55.05
CA PRO C 144 69.68 -15.56 55.79
C PRO C 144 69.42 -14.14 55.31
N ALA C 145 69.56 -13.89 54.01
CA ALA C 145 69.37 -12.53 53.50
C ALA C 145 68.01 -12.00 53.94
N HIS C 146 66.96 -12.76 53.66
CA HIS C 146 65.63 -12.37 54.12
C HIS C 146 65.66 -12.10 55.62
N LEU C 147 66.19 -13.05 56.38
CA LEU C 147 66.30 -12.87 57.83
C LEU C 147 66.97 -11.54 58.12
N LEU C 148 68.11 -11.27 57.48
CA LEU C 148 68.82 -10.02 57.73
C LEU C 148 67.86 -8.84 57.59
N VAL C 149 67.15 -8.78 56.47
CA VAL C 149 66.26 -7.64 56.24
C VAL C 149 65.21 -7.59 57.33
N ALA C 150 64.66 -8.75 57.70
CA ALA C 150 63.66 -8.77 58.76
C ALA C 150 64.20 -8.14 60.03
N SER C 151 65.45 -8.41 60.37
CA SER C 151 66.03 -7.80 61.55
C SER C 151 66.12 -6.28 61.40
N GLY C 152 66.51 -5.82 60.21
CA GLY C 152 66.52 -4.39 59.97
C GLY C 152 65.16 -3.75 60.11
N LEU C 153 64.11 -4.49 59.75
CA LEU C 153 62.73 -4.04 59.89
C LEU C 153 62.16 -4.32 61.28
N GLN C 154 62.93 -4.91 62.19
CA GLN C 154 62.51 -5.11 63.57
C GLN C 154 61.31 -6.05 63.66
N MET C 155 61.38 -7.16 62.92
CA MET C 155 60.34 -8.19 62.98
C MET C 155 60.81 -9.32 63.89
N TRP C 156 60.66 -9.13 65.19
CA TRP C 156 61.34 -10.02 66.11
C TRP C 156 60.65 -11.37 66.19
N GLN C 157 59.32 -11.39 66.03
CA GLN C 157 58.61 -12.65 65.93
C GLN C 157 59.05 -13.43 64.69
N VAL C 158 59.15 -12.73 63.56
CA VAL C 158 59.60 -13.36 62.33
C VAL C 158 61.05 -13.80 62.46
N VAL C 159 61.89 -12.95 63.08
CA VAL C 159 63.27 -13.32 63.31
C VAL C 159 63.33 -14.58 64.16
N ASP C 160 62.49 -14.66 65.19
CA ASP C 160 62.45 -15.83 66.05
C ASP C 160 62.10 -17.07 65.24
N GLN C 161 61.07 -16.99 64.41
CA GLN C 161 60.64 -18.15 63.64
C GLN C 161 61.73 -18.59 62.69
N CYS C 162 62.35 -17.64 61.99
CA CYS C 162 63.40 -17.98 61.04
C CYS C 162 64.62 -18.56 61.75
N SER C 163 65.00 -17.99 62.89
CA SER C 163 66.11 -18.56 63.65
C SER C 163 65.81 -19.97 64.12
N GLU C 164 64.58 -20.22 64.58
CA GLU C 164 64.22 -21.57 64.98
C GLU C 164 64.30 -22.54 63.81
N ILE C 165 63.82 -22.11 62.64
CA ILE C 165 63.86 -22.97 61.46
C ILE C 165 65.30 -23.24 61.05
N LEU C 166 66.13 -22.20 61.06
CA LEU C 166 67.54 -22.37 60.76
C LEU C 166 68.19 -23.34 61.74
N ARG C 167 67.86 -23.22 63.03
CA ARG C 167 68.41 -24.13 64.02
C ARG C 167 67.98 -25.57 63.72
N GLU C 168 66.71 -25.76 63.37
CA GLU C 168 66.25 -27.08 63.00
C GLU C 168 67.02 -27.62 61.81
N LEU C 169 67.29 -26.76 60.83
CA LEU C 169 68.10 -27.19 59.68
C LEU C 169 69.48 -27.60 60.14
N GLU C 170 70.07 -26.81 61.04
CA GLU C 170 71.40 -27.11 61.55
C GLU C 170 71.43 -28.45 62.27
N THR C 171 70.33 -28.82 62.90
CA THR C 171 70.24 -30.09 63.62
C THR C 171 69.77 -31.19 62.70
N THR D 50 60.01 -26.80 52.53
CA THR D 50 59.26 -25.55 52.45
C THR D 50 58.51 -25.30 53.76
N ILE D 51 58.51 -24.05 54.20
CA ILE D 51 57.85 -23.66 55.44
C ILE D 51 56.76 -22.64 55.16
N GLN D 52 55.71 -22.69 55.98
CA GLN D 52 54.60 -21.75 55.92
C GLN D 52 54.33 -21.26 57.33
N ILE D 53 54.33 -19.94 57.51
CA ILE D 53 54.09 -19.34 58.83
C ILE D 53 52.82 -18.51 58.76
N GLU D 54 51.97 -18.68 59.76
CA GLU D 54 50.70 -17.97 59.88
C GLU D 54 50.60 -17.41 61.29
N PHE D 55 50.09 -16.18 61.40
CA PHE D 55 49.92 -15.50 62.69
C PHE D 55 48.49 -15.08 62.88
N PRO D 56 47.64 -15.93 63.46
CA PRO D 56 46.20 -15.62 63.50
C PRO D 56 45.92 -14.29 64.18
N GLN D 57 46.67 -13.96 65.23
CA GLN D 57 46.47 -12.71 65.96
C GLN D 57 47.30 -11.57 65.40
N HIS D 58 47.96 -11.77 64.26
CA HIS D 58 48.72 -10.69 63.65
C HIS D 58 47.77 -9.57 63.25
N SER D 59 46.66 -9.94 62.63
CA SER D 59 45.70 -8.95 62.15
C SER D 59 45.09 -8.20 63.33
N SER D 60 44.73 -8.94 64.38
CA SER D 60 44.11 -8.31 65.55
C SER D 60 45.07 -7.33 66.20
N SER D 61 46.35 -7.71 66.32
CA SER D 61 47.33 -6.79 66.88
C SER D 61 47.44 -5.54 66.01
N LEU D 62 47.43 -5.73 64.69
CA LEU D 62 47.48 -4.57 63.80
C LEU D 62 46.27 -3.67 64.05
N LEU D 63 45.08 -4.27 64.09
CA LEU D 63 43.87 -3.48 64.26
C LEU D 63 43.90 -2.69 65.56
N GLU D 64 44.27 -3.36 66.66
CA GLU D 64 44.25 -2.66 67.94
C GLU D 64 45.27 -1.53 67.92
N SER D 65 46.45 -1.78 67.33
CA SER D 65 47.45 -0.73 67.26
C SER D 65 46.90 0.46 66.49
N LEU D 66 46.26 0.19 65.34
CA LEU D 66 45.71 1.26 64.53
C LEU D 66 44.64 2.02 65.29
N ASN D 67 43.80 1.31 66.01
CA ASN D 67 42.74 1.98 66.76
C ASN D 67 43.33 2.88 67.81
N ARG D 68 44.35 2.39 68.52
CA ARG D 68 45.01 3.21 69.53
C ARG D 68 45.60 4.45 68.88
N HIS D 69 46.22 4.28 67.71
CA HIS D 69 46.77 5.43 67.00
C HIS D 69 45.68 6.44 66.73
N ARG D 70 44.56 6.00 66.18
CA ARG D 70 43.48 6.93 65.88
C ARG D 70 43.06 7.66 67.14
N LEU D 71 42.91 6.92 68.25
CA LEU D 71 42.46 7.54 69.50
C LEU D 71 43.41 8.67 69.89
N GLU D 72 44.71 8.38 69.94
CA GLU D 72 45.66 9.39 70.37
C GLU D 72 45.77 10.53 69.36
N GLY D 73 45.07 10.40 68.23
CA GLY D 73 45.16 11.35 67.14
C GLY D 73 46.41 11.21 66.32
N LYS D 74 47.11 10.10 66.44
CA LYS D 74 48.36 9.89 65.72
C LYS D 74 48.09 9.37 64.31
N PHE D 75 48.79 9.94 63.33
CA PHE D 75 48.75 9.52 61.94
C PHE D 75 47.38 9.67 61.30
N CYS D 76 46.41 10.29 61.96
CA CYS D 76 45.13 10.50 61.31
C CYS D 76 45.35 11.50 60.18
N ASP D 77 44.86 11.16 58.99
CA ASP D 77 45.10 11.98 57.80
C ASP D 77 43.84 12.57 57.21
N VAL D 78 42.67 12.29 57.79
CA VAL D 78 41.42 12.88 57.32
C VAL D 78 40.61 13.28 58.54
N SER D 79 39.87 14.38 58.39
CA SER D 79 39.01 14.90 59.43
C SER D 79 37.58 14.90 58.92
N LEU D 80 36.69 14.26 59.66
CA LEU D 80 35.30 14.07 59.26
C LEU D 80 34.41 14.97 60.09
N LEU D 81 33.63 15.82 59.43
CA LEU D 81 32.71 16.72 60.11
C LEU D 81 31.30 16.14 60.02
N VAL D 82 30.73 15.80 61.17
CA VAL D 82 29.42 15.18 61.26
C VAL D 82 28.60 16.00 62.25
N GLN D 83 27.65 16.79 61.73
CA GLN D 83 26.76 17.58 62.58
C GLN D 83 27.55 18.45 63.54
N GLY D 84 28.63 19.05 63.06
CA GLY D 84 29.46 19.92 63.85
C GLY D 84 30.52 19.21 64.67
N ARG D 85 30.56 17.89 64.67
CA ARG D 85 31.55 17.14 65.44
C ARG D 85 32.68 16.74 64.50
N GLU D 86 33.92 17.07 64.89
CA GLU D 86 35.06 16.79 64.04
C GLU D 86 35.75 15.54 64.59
N LEU D 87 35.95 14.54 63.73
CA LEU D 87 36.51 13.25 64.12
C LEU D 87 37.64 12.86 63.17
N ARG D 88 38.82 12.61 63.71
CA ARG D 88 39.99 12.28 62.90
C ARG D 88 40.07 10.79 62.63
N ALA D 89 40.61 10.44 61.46
CA ALA D 89 40.72 9.05 61.05
C ALA D 89 41.75 8.92 59.94
N HIS D 90 42.03 7.67 59.55
CA HIS D 90 43.03 7.36 58.54
C HIS D 90 42.34 7.01 57.22
N LYS D 91 42.80 7.64 56.14
CA LYS D 91 42.16 7.46 54.84
C LYS D 91 42.24 6.03 54.34
N ALA D 92 43.41 5.38 54.47
CA ALA D 92 43.55 4.04 53.91
C ALA D 92 42.59 3.05 54.53
N VAL D 93 42.45 3.07 55.86
CA VAL D 93 41.54 2.14 56.51
C VAL D 93 40.10 2.41 56.08
N LEU D 94 39.72 3.69 56.04
CA LEU D 94 38.36 4.04 55.66
C LEU D 94 38.05 3.60 54.23
N ALA D 95 38.98 3.83 53.30
CA ALA D 95 38.76 3.40 51.92
C ALA D 95 38.65 1.89 51.84
N ALA D 96 39.49 1.18 52.58
CA ALA D 96 39.43 -0.28 52.54
C ALA D 96 38.16 -0.82 53.16
N ALA D 97 37.61 -0.13 54.17
CA ALA D 97 36.44 -0.62 54.90
C ALA D 97 35.10 -0.24 54.27
N SER D 98 34.93 1.01 53.82
CA SER D 98 33.63 1.44 53.33
C SER D 98 33.65 1.71 51.84
N PRO D 99 32.74 1.11 51.06
CA PRO D 99 32.68 1.46 49.63
C PRO D 99 32.46 2.95 49.44
N TYR D 100 31.56 3.55 50.22
CA TYR D 100 31.28 4.98 50.06
C TYR D 100 32.57 5.76 50.17
N PHE D 101 33.27 5.59 51.29
CA PHE D 101 34.49 6.34 51.53
C PHE D 101 35.52 6.01 50.47
N HIS D 102 35.62 4.72 50.09
CA HIS D 102 36.58 4.33 49.08
C HIS D 102 36.37 5.19 47.83
N ASP D 103 35.14 5.23 47.34
CA ASP D 103 34.86 5.98 46.12
C ASP D 103 35.12 7.46 46.34
N LYS D 104 34.65 7.98 47.48
CA LYS D 104 34.84 9.39 47.80
C LYS D 104 36.31 9.76 47.65
N LEU D 105 37.20 8.94 48.21
CA LEU D 105 38.62 9.24 48.14
C LEU D 105 39.10 9.08 46.71
N LEU D 106 38.81 7.94 46.08
CA LEU D 106 39.20 7.70 44.70
C LEU D 106 38.90 8.91 43.83
N LEU D 107 37.88 9.69 44.18
CA LEU D 107 37.46 10.84 43.39
C LEU D 107 37.85 12.16 44.00
N GLY D 108 37.88 12.27 45.32
CA GLY D 108 38.25 13.51 45.97
C GLY D 108 39.25 13.28 47.09
N ASP D 109 40.45 13.87 46.93
CA ASP D 109 41.51 13.74 47.93
C ASP D 109 41.52 14.98 48.82
N ALA D 110 40.46 15.10 49.63
CA ALA D 110 40.34 16.23 50.54
C ALA D 110 40.71 15.80 51.96
N PRO D 111 41.55 16.56 52.67
CA PRO D 111 41.86 16.18 54.05
C PRO D 111 40.66 16.23 54.97
N ARG D 112 39.61 16.95 54.60
CA ARG D 112 38.40 17.05 55.41
C ARG D 112 37.20 16.64 54.57
N LEU D 113 36.34 15.80 55.13
CA LEU D 113 35.10 15.40 54.49
C LEU D 113 33.94 15.67 55.44
N THR D 114 32.99 16.49 54.99
CA THR D 114 31.78 16.78 55.76
C THR D 114 30.63 15.92 55.25
N LEU D 115 30.08 15.09 56.13
CA LEU D 115 28.99 14.18 55.76
C LEU D 115 27.65 14.91 55.79
N PRO D 116 26.64 14.34 55.14
CA PRO D 116 25.31 14.96 55.17
C PRO D 116 24.82 15.15 56.60
N SER D 117 24.13 16.27 56.81
CA SER D 117 23.65 16.61 58.15
C SER D 117 22.77 15.51 58.72
N VAL D 118 22.08 14.75 57.87
CA VAL D 118 21.19 13.71 58.36
C VAL D 118 21.94 12.64 59.12
N ILE D 119 23.24 12.51 58.88
CA ILE D 119 24.03 11.48 59.55
C ILE D 119 24.33 11.97 60.96
N GLU D 120 23.89 11.21 61.95
CA GLU D 120 24.08 11.60 63.35
C GLU D 120 25.52 11.36 63.80
N ALA D 121 26.03 12.30 64.59
CA ALA D 121 27.43 12.23 65.05
C ALA D 121 27.63 11.02 65.97
N ASP D 122 26.68 10.76 66.87
CA ASP D 122 26.85 9.68 67.84
C ASP D 122 26.80 8.33 67.13
N ALA D 123 25.85 8.15 66.21
CA ALA D 123 25.79 6.91 65.45
C ALA D 123 27.07 6.70 64.66
N PHE D 124 27.57 7.78 64.05
CA PHE D 124 28.82 7.68 63.30
C PHE D 124 29.98 7.29 64.20
N GLU D 125 30.02 7.83 65.42
CA GLU D 125 31.12 7.50 66.32
C GLU D 125 31.04 6.04 66.76
N GLY D 126 29.83 5.55 67.04
CA GLY D 126 29.67 4.14 67.33
C GLY D 126 30.11 3.26 66.17
N LEU D 127 29.71 3.63 64.96
CA LEU D 127 30.10 2.87 63.79
C LEU D 127 31.60 2.95 63.53
N LEU D 128 32.22 4.09 63.82
CA LEU D 128 33.67 4.21 63.69
C LEU D 128 34.37 3.30 64.69
N GLN D 129 33.85 3.25 65.92
CA GLN D 129 34.38 2.32 66.90
C GLN D 129 34.25 0.89 66.40
N LEU D 130 33.11 0.55 65.81
CA LEU D 130 32.96 -0.78 65.22
C LEU D 130 34.00 -0.99 64.12
N ILE D 131 34.21 0.02 63.28
CA ILE D 131 35.15 -0.09 62.18
C ILE D 131 36.53 -0.42 62.71
N TYR D 132 36.92 0.19 63.82
CA TYR D 132 38.25 0.01 64.37
C TYR D 132 38.31 -1.08 65.43
N SER D 133 37.21 -1.74 65.72
CA SER D 133 37.20 -2.83 66.71
C SER D 133 36.43 -4.07 66.28
N GLY D 134 35.49 -3.98 65.36
CA GLY D 134 34.62 -5.11 65.08
C GLY D 134 33.55 -5.36 66.13
N ARG D 135 33.35 -4.44 67.06
CA ARG D 135 32.34 -4.60 68.11
C ARG D 135 31.53 -3.32 68.23
N LEU D 136 30.25 -3.48 68.57
CA LEU D 136 29.34 -2.34 68.69
C LEU D 136 28.46 -2.52 69.91
N ARG D 137 28.49 -1.55 70.83
CA ARG D 137 27.59 -1.54 71.97
C ARG D 137 26.77 -0.27 71.89
N LEU D 138 25.44 -0.41 71.98
CA LEU D 138 24.55 0.73 71.79
C LEU D 138 23.25 0.45 72.52
N PRO D 139 22.47 1.49 72.81
CA PRO D 139 21.11 1.27 73.33
C PRO D 139 20.17 0.71 72.28
N LEU D 140 19.18 -0.05 72.76
CA LEU D 140 18.23 -0.70 71.87
C LEU D 140 17.51 0.28 70.95
N ASP D 141 16.98 1.38 71.53
CA ASP D 141 16.21 2.32 70.73
C ASP D 141 17.04 3.02 69.66
N ALA D 142 18.36 3.02 69.80
CA ALA D 142 19.23 3.62 68.79
C ALA D 142 19.55 2.68 67.65
N LEU D 143 19.05 1.46 67.69
CA LEU D 143 19.38 0.51 66.62
C LEU D 143 18.99 0.99 65.23
N PRO D 144 17.79 1.54 65.01
CA PRO D 144 17.47 2.01 63.64
C PRO D 144 18.47 3.02 63.10
N ALA D 145 18.71 4.11 63.83
CA ALA D 145 19.61 5.16 63.34
C ALA D 145 20.96 4.59 62.94
N HIS D 146 21.59 3.84 63.85
CA HIS D 146 22.87 3.21 63.53
C HIS D 146 22.74 2.39 62.25
N LEU D 147 21.72 1.53 62.18
CA LEU D 147 21.51 0.75 60.98
C LEU D 147 21.54 1.64 59.76
N LEU D 148 20.76 2.73 59.80
CA LEU D 148 20.68 3.65 58.68
C LEU D 148 22.08 4.08 58.24
N VAL D 149 22.89 4.58 59.19
CA VAL D 149 24.20 5.08 58.79
C VAL D 149 25.03 3.96 58.17
N ALA D 150 24.98 2.76 58.76
CA ALA D 150 25.74 1.66 58.18
C ALA D 150 25.37 1.46 56.72
N SER D 151 24.07 1.56 56.41
CA SER D 151 23.64 1.38 55.04
C SER D 151 24.22 2.45 54.15
N GLY D 152 24.26 3.70 54.63
CA GLY D 152 24.86 4.75 53.83
C GLY D 152 26.33 4.48 53.54
N LEU D 153 27.05 3.87 54.48
CA LEU D 153 28.43 3.51 54.25
C LEU D 153 28.58 2.14 53.59
N GLN D 154 27.47 1.45 53.36
CA GLN D 154 27.48 0.17 52.65
C GLN D 154 28.29 -0.87 53.42
N MET D 155 28.04 -0.95 54.72
CA MET D 155 28.60 -2.03 55.53
C MET D 155 27.60 -3.18 55.53
N TRP D 156 27.45 -3.74 54.32
CA TRP D 156 26.46 -4.76 54.04
C TRP D 156 26.34 -5.77 55.17
N GLN D 157 27.44 -6.44 55.51
CA GLN D 157 27.40 -7.53 56.48
C GLN D 157 26.70 -7.09 57.76
N VAL D 158 27.21 -6.04 58.38
CA VAL D 158 26.66 -5.56 59.64
C VAL D 158 25.23 -5.10 59.45
N VAL D 159 24.96 -4.37 58.35
CA VAL D 159 23.62 -3.88 58.09
C VAL D 159 22.65 -5.04 58.14
N ASP D 160 23.00 -6.14 57.47
CA ASP D 160 22.12 -7.30 57.44
C ASP D 160 21.98 -7.90 58.83
N GLN D 161 23.11 -8.22 59.47
CA GLN D 161 23.11 -8.74 60.84
C GLN D 161 22.11 -7.96 61.69
N CYS D 162 22.13 -6.65 61.53
CA CYS D 162 21.26 -5.77 62.31
C CYS D 162 19.81 -5.96 61.91
N SER D 163 19.54 -6.11 60.62
CA SER D 163 18.16 -6.36 60.20
C SER D 163 17.65 -7.66 60.82
N GLU D 164 18.49 -8.70 60.84
CA GLU D 164 18.08 -9.95 61.48
C GLU D 164 17.81 -9.73 62.95
N ILE D 165 18.66 -8.95 63.62
CA ILE D 165 18.45 -8.71 65.05
C ILE D 165 17.14 -7.97 65.29
N LEU D 166 16.86 -6.95 64.48
CA LEU D 166 15.59 -6.24 64.60
C LEU D 166 14.42 -7.18 64.39
N ARG D 167 14.53 -8.05 63.39
CA ARG D 167 13.48 -9.03 63.14
C ARG D 167 13.29 -9.94 64.34
N GLU D 168 14.40 -10.39 64.95
CA GLU D 168 14.31 -11.20 66.14
C GLU D 168 13.60 -10.45 67.26
N LEU D 169 13.91 -9.16 67.42
CA LEU D 169 13.25 -8.36 68.45
C LEU D 169 11.75 -8.24 68.21
N GLU D 170 11.33 -7.98 66.97
CA GLU D 170 9.89 -7.85 66.72
C GLU D 170 9.18 -9.16 67.02
N THR D 171 9.85 -10.29 66.82
CA THR D 171 9.26 -11.60 67.09
C THR D 171 9.48 -11.98 68.54
N THR E 50 15.63 40.29 24.35
CA THR E 50 15.94 38.94 24.79
C THR E 50 14.71 38.30 25.41
N ILE E 51 14.50 37.02 25.11
CA ILE E 51 13.34 36.28 25.61
C ILE E 51 13.77 35.10 26.46
N GLN E 52 12.92 34.77 27.43
CA GLN E 52 13.11 33.64 28.33
C GLN E 52 11.83 32.82 28.33
N ILE E 53 11.96 31.52 28.05
CA ILE E 53 10.82 30.61 27.99
C ILE E 53 10.96 29.55 29.07
N GLU E 54 9.86 29.28 29.78
CA GLU E 54 9.81 28.29 30.84
C GLU E 54 8.62 27.39 30.59
N PHE E 55 8.81 26.08 30.82
CA PHE E 55 7.77 25.07 30.64
C PHE E 55 7.61 24.27 31.93
N PRO E 56 6.74 24.71 32.85
CA PRO E 56 6.71 24.05 34.17
C PRO E 56 6.47 22.55 34.09
N GLN E 57 5.63 22.10 33.17
CA GLN E 57 5.32 20.68 33.03
C GLN E 57 6.23 19.98 32.04
N HIS E 58 7.28 20.67 31.55
CA HIS E 58 8.22 20.03 30.64
C HIS E 58 8.92 18.86 31.31
N SER E 59 9.39 19.06 32.54
CA SER E 59 10.14 18.03 33.23
C SER E 59 9.27 16.82 33.50
N SER E 60 8.04 17.05 33.95
CA SER E 60 7.14 15.94 34.25
C SER E 60 6.81 15.16 33.00
N SER E 61 6.55 15.85 31.89
CA SER E 61 6.28 15.15 30.64
C SER E 61 7.49 14.34 30.20
N LEU E 62 8.69 14.90 30.34
CA LEU E 62 9.86 14.12 29.97
C LEU E 62 10.01 12.89 30.84
N LEU E 63 9.80 13.03 32.15
CA LEU E 63 9.92 11.88 33.03
C LEU E 63 8.86 10.83 32.78
N GLU E 64 7.62 11.24 32.46
CA GLU E 64 6.63 10.24 32.10
C GLU E 64 7.06 9.51 30.83
N SER E 65 7.54 10.25 29.84
CA SER E 65 8.00 9.59 28.62
C SER E 65 9.08 8.57 28.95
N LEU E 66 10.04 8.96 29.79
CA LEU E 66 11.12 8.05 30.18
C LEU E 66 10.55 6.80 30.85
N ASN E 67 9.66 6.99 31.82
CA ASN E 67 9.12 5.85 32.54
C ASN E 67 8.37 4.94 31.58
N ARG E 68 7.66 5.53 30.61
CA ARG E 68 6.93 4.73 29.63
C ARG E 68 7.90 3.91 28.79
N HIS E 69 8.98 4.55 28.33
CA HIS E 69 10.01 3.81 27.61
C HIS E 69 10.48 2.64 28.45
N ARG E 70 10.68 2.88 29.75
CA ARG E 70 11.08 1.81 30.65
C ARG E 70 10.07 0.67 30.59
N LEU E 71 8.81 0.99 30.90
CA LEU E 71 7.76 -0.01 30.85
C LEU E 71 7.73 -0.68 29.48
N GLU E 72 8.13 0.06 28.44
CA GLU E 72 8.23 -0.50 27.09
C GLU E 72 9.59 -1.14 26.82
N GLY E 73 10.51 -1.11 27.78
CA GLY E 73 11.82 -1.69 27.56
C GLY E 73 12.65 -0.97 26.53
N LYS E 74 12.29 0.26 26.17
CA LYS E 74 12.98 0.97 25.11
C LYS E 74 14.24 1.67 25.61
N PHE E 75 15.33 1.51 24.87
CA PHE E 75 16.62 2.16 25.12
C PHE E 75 17.23 1.84 26.47
N CYS E 76 16.68 0.88 27.21
CA CYS E 76 17.30 0.50 28.47
C CYS E 76 18.66 -0.12 28.17
N ASP E 77 19.69 0.35 28.88
CA ASP E 77 21.07 -0.07 28.60
C ASP E 77 21.71 -0.82 29.75
N VAL E 78 21.02 -1.02 30.87
CA VAL E 78 21.57 -1.77 31.98
C VAL E 78 20.50 -2.69 32.53
N SER E 79 20.92 -3.85 33.01
CA SER E 79 20.03 -4.84 33.59
C SER E 79 20.43 -5.09 35.03
N LEU E 80 19.48 -4.93 35.95
CA LEU E 80 19.72 -5.01 37.38
C LEU E 80 19.13 -6.31 37.92
N LEU E 81 19.96 -7.12 38.55
CA LEU E 81 19.52 -8.39 39.12
C LEU E 81 19.33 -8.23 40.62
N VAL E 82 18.09 -8.43 41.07
CA VAL E 82 17.70 -8.24 42.46
C VAL E 82 16.98 -9.51 42.92
N GLN E 83 17.66 -10.32 43.72
CA GLN E 83 17.08 -11.55 44.27
C GLN E 83 16.53 -12.44 43.17
N GLY E 84 17.28 -12.54 42.08
CA GLY E 84 16.90 -13.37 40.95
C GLY E 84 15.97 -12.73 39.96
N ARG E 85 15.48 -11.52 40.21
CA ARG E 85 14.58 -10.84 39.30
C ARG E 85 15.39 -9.84 38.49
N GLU E 86 15.28 -9.91 37.17
CA GLU E 86 16.06 -9.08 36.28
C GLU E 86 15.19 -7.92 35.80
N LEU E 87 15.67 -6.69 35.99
CA LEU E 87 14.92 -5.48 35.67
C LEU E 87 15.77 -4.53 34.84
N ARG E 88 15.26 -4.14 33.68
CA ARG E 88 16.01 -3.28 32.77
C ARG E 88 15.78 -1.82 33.12
N ALA E 89 16.81 -1.00 32.89
CA ALA E 89 16.74 0.41 33.19
C ALA E 89 17.86 1.10 32.40
N HIS E 90 17.86 2.42 32.46
CA HIS E 90 18.83 3.22 31.72
C HIS E 90 19.92 3.76 32.65
N LYS E 91 21.18 3.59 32.23
CA LYS E 91 22.31 3.95 33.08
C LYS E 91 22.33 5.44 33.43
N ALA E 92 22.08 6.30 32.45
CA ALA E 92 22.16 7.73 32.71
C ALA E 92 21.14 8.16 33.76
N VAL E 93 19.91 7.66 33.65
CA VAL E 93 18.87 8.03 34.61
C VAL E 93 19.29 7.58 36.01
N LEU E 94 19.76 6.34 36.12
CA LEU E 94 20.15 5.81 37.43
C LEU E 94 21.31 6.60 38.03
N ALA E 95 22.32 6.92 37.21
CA ALA E 95 23.45 7.69 37.72
C ALA E 95 23.02 9.08 38.15
N ALA E 96 22.16 9.72 37.36
CA ALA E 96 21.69 11.06 37.70
C ALA E 96 20.83 11.05 38.95
N ALA E 97 20.08 9.97 39.18
CA ALA E 97 19.15 9.91 40.29
C ALA E 97 19.80 9.42 41.59
N SER E 98 20.67 8.41 41.51
CA SER E 98 21.27 7.86 42.71
C SER E 98 22.77 8.15 42.73
N PRO E 99 23.30 8.73 43.80
CA PRO E 99 24.77 8.89 43.86
C PRO E 99 25.48 7.55 43.85
N TYR E 100 24.93 6.54 44.52
CA TYR E 100 25.55 5.22 44.47
C TYR E 100 25.69 4.77 43.04
N PHE E 101 24.59 4.81 42.28
CA PHE E 101 24.63 4.36 40.90
C PHE E 101 25.55 5.25 40.08
N HIS E 102 25.52 6.56 40.35
CA HIS E 102 26.45 7.46 39.67
C HIS E 102 27.85 6.91 39.77
N ASP E 103 28.31 6.68 41.01
CA ASP E 103 29.65 6.19 41.24
C ASP E 103 29.84 4.84 40.56
N LYS E 104 28.87 3.95 40.72
CA LYS E 104 28.97 2.61 40.16
C LYS E 104 29.26 2.67 38.67
N LEU E 105 28.51 3.50 37.95
CA LEU E 105 28.67 3.62 36.52
C LEU E 105 30.01 4.26 36.20
N LEU E 106 30.33 5.36 36.90
CA LEU E 106 31.60 6.03 36.68
C LEU E 106 32.76 5.04 36.80
N LEU E 107 32.61 4.03 37.64
CA LEU E 107 33.67 3.06 37.88
C LEU E 107 33.53 1.83 37.00
N GLY E 108 32.32 1.33 36.84
CA GLY E 108 32.10 0.09 36.10
C GLY E 108 31.00 0.25 35.08
N ASP E 109 31.36 0.10 33.81
CA ASP E 109 30.39 0.22 32.72
C ASP E 109 29.94 -1.18 32.29
N ALA E 110 29.20 -1.83 33.19
CA ALA E 110 28.71 -3.17 32.89
C ALA E 110 27.23 -3.10 32.51
N PRO E 111 26.82 -3.76 31.42
CA PRO E 111 25.39 -3.75 31.08
C PRO E 111 24.53 -4.44 32.11
N ARG E 112 25.11 -5.31 32.94
CA ARG E 112 24.37 -6.00 33.98
C ARG E 112 25.05 -5.77 35.32
N LEU E 113 24.25 -5.41 36.33
CA LEU E 113 24.74 -5.26 37.70
C LEU E 113 23.86 -6.10 38.60
N THR E 114 24.47 -7.05 39.30
CA THR E 114 23.75 -7.86 40.28
C THR E 114 24.02 -7.31 41.67
N LEU E 115 22.95 -6.86 42.33
CA LEU E 115 23.12 -6.31 43.66
C LEU E 115 23.10 -7.43 44.69
N PRO E 116 23.63 -7.19 45.88
CA PRO E 116 23.57 -8.22 46.92
C PRO E 116 22.12 -8.61 47.21
N SER E 117 21.92 -9.89 47.50
CA SER E 117 20.57 -10.43 47.62
C SER E 117 19.76 -9.71 48.68
N VAL E 118 20.40 -9.17 49.72
CA VAL E 118 19.68 -8.61 50.86
C VAL E 118 18.66 -7.59 50.39
N ILE E 119 18.82 -7.08 49.17
CA ILE E 119 17.96 -6.03 48.66
C ILE E 119 16.70 -6.73 48.14
N GLU E 120 15.56 -6.37 48.69
CA GLU E 120 14.31 -7.02 48.30
C GLU E 120 13.84 -6.53 46.93
N ALA E 121 13.33 -7.48 46.14
CA ALA E 121 12.90 -7.15 44.78
C ALA E 121 11.73 -6.18 44.79
N ASP E 122 10.78 -6.39 45.71
CA ASP E 122 9.59 -5.55 45.75
C ASP E 122 9.95 -4.14 46.19
N ALA E 123 10.79 -4.01 47.22
CA ALA E 123 11.23 -2.70 47.66
C ALA E 123 11.97 -1.99 46.55
N PHE E 124 12.85 -2.72 45.85
CA PHE E 124 13.57 -2.11 44.74
C PHE E 124 12.62 -1.66 43.64
N GLU E 125 11.58 -2.44 43.37
CA GLU E 125 10.65 -2.03 42.32
C GLU E 125 9.86 -0.80 42.73
N GLY E 126 9.45 -0.72 43.99
CA GLY E 126 8.81 0.49 44.47
C GLY E 126 9.71 1.72 44.41
N LEU E 127 10.96 1.58 44.83
CA LEU E 127 11.88 2.71 44.77
C LEU E 127 12.19 3.10 43.33
N LEU E 128 12.29 2.12 42.42
CA LEU E 128 12.50 2.44 41.01
C LEU E 128 11.29 3.17 40.42
N GLN E 129 10.09 2.72 40.78
CA GLN E 129 8.88 3.42 40.38
C GLN E 129 8.89 4.85 40.90
N LEU E 130 9.30 5.06 42.15
CA LEU E 130 9.44 6.42 42.64
C LEU E 130 10.45 7.20 41.82
N ILE E 131 11.58 6.56 41.49
CA ILE E 131 12.62 7.25 40.73
C ILE E 131 12.06 7.76 39.40
N TYR E 132 11.23 6.94 38.76
CA TYR E 132 10.71 7.31 37.45
C TYR E 132 9.35 7.98 37.53
N SER E 133 8.82 8.18 38.74
CA SER E 133 7.54 8.87 38.93
C SER E 133 7.56 9.89 40.06
N GLY E 134 8.46 9.79 41.03
CA GLY E 134 8.37 10.62 42.21
C GLY E 134 7.29 10.23 43.19
N ARG E 135 6.66 9.07 43.02
CA ARG E 135 5.58 8.63 43.90
C ARG E 135 5.83 7.19 44.31
N LEU E 136 5.44 6.88 45.55
CA LEU E 136 5.62 5.55 46.11
C LEU E 136 4.38 5.16 46.91
N ARG E 137 3.76 4.04 46.54
CA ARG E 137 2.63 3.49 47.28
C ARG E 137 3.03 2.09 47.74
N LEU E 138 2.84 1.83 49.03
CA LEU E 138 3.30 0.58 49.62
C LEU E 138 2.46 0.26 50.84
N PRO E 139 2.43 -1.00 51.27
CA PRO E 139 1.79 -1.32 52.56
C PRO E 139 2.61 -0.78 53.73
N LEU E 140 1.91 -0.47 54.82
CA LEU E 140 2.57 0.09 55.99
C LEU E 140 3.70 -0.80 56.49
N ASP E 141 3.42 -2.11 56.64
CA ASP E 141 4.40 -3.02 57.21
C ASP E 141 5.65 -3.16 56.34
N ALA E 142 5.57 -2.84 55.05
CA ALA E 142 6.74 -2.90 54.18
C ALA E 142 7.56 -1.63 54.22
N LEU E 143 7.14 -0.62 54.98
CA LEU E 143 7.87 0.63 55.03
C LEU E 143 9.32 0.49 55.49
N PRO E 144 9.64 -0.26 56.54
CA PRO E 144 11.07 -0.38 56.92
C PRO E 144 11.95 -0.86 55.79
N ALA E 145 11.61 -1.99 55.18
CA ALA E 145 12.44 -2.54 54.11
C ALA E 145 12.71 -1.49 53.03
N HIS E 146 11.65 -0.88 52.52
CA HIS E 146 11.81 0.18 51.54
C HIS E 146 12.79 1.24 52.04
N LEU E 147 12.57 1.71 53.27
CA LEU E 147 13.47 2.70 53.85
C LEU E 147 14.91 2.22 53.71
N LEU E 148 15.17 0.98 54.12
CA LEU E 148 16.52 0.45 54.06
C LEU E 148 17.12 0.65 52.67
N VAL E 149 16.41 0.19 51.64
CA VAL E 149 16.99 0.27 50.30
C VAL E 149 17.25 1.73 49.94
N ALA E 150 16.33 2.63 50.28
CA ALA E 150 16.55 4.04 49.96
C ALA E 150 17.87 4.52 50.54
N SER E 151 18.20 4.09 51.76
CA SER E 151 19.45 4.53 52.37
C SER E 151 20.63 4.02 51.56
N GLY E 152 20.56 2.78 51.08
CA GLY E 152 21.64 2.28 50.26
C GLY E 152 21.82 3.09 48.99
N LEU E 153 20.75 3.63 48.44
CA LEU E 153 20.84 4.48 47.26
C LEU E 153 21.10 5.94 47.62
N GLN E 154 21.20 6.27 48.90
CA GLN E 154 21.55 7.62 49.33
C GLN E 154 20.50 8.64 48.89
N MET E 155 19.23 8.30 49.11
CA MET E 155 18.11 9.19 48.81
C MET E 155 17.73 9.86 50.14
N TRP E 156 18.47 10.91 50.47
CA TRP E 156 18.43 11.42 51.83
C TRP E 156 17.16 12.20 52.11
N GLN E 157 16.61 12.86 51.09
CA GLN E 157 15.30 13.50 51.25
C GLN E 157 14.22 12.47 51.53
N VAL E 158 14.23 11.38 50.76
CA VAL E 158 13.26 10.31 50.97
C VAL E 158 13.48 9.64 52.31
N VAL E 159 14.73 9.38 52.67
CA VAL E 159 15.01 8.77 53.96
C VAL E 159 14.52 9.67 55.09
N ASP E 160 14.77 10.97 54.98
CA ASP E 160 14.31 11.92 55.98
C ASP E 160 12.79 11.88 56.10
N GLN E 161 12.09 11.93 54.98
CA GLN E 161 10.63 11.94 55.00
C GLN E 161 10.10 10.65 55.61
N CYS E 162 10.67 9.51 55.22
CA CYS E 162 10.20 8.23 55.73
C CYS E 162 10.46 8.10 57.24
N SER E 163 11.63 8.55 57.71
CA SER E 163 11.88 8.53 59.14
C SER E 163 10.92 9.43 59.89
N GLU E 164 10.63 10.61 59.33
CA GLU E 164 9.67 11.50 59.95
C GLU E 164 8.29 10.86 60.03
N ILE E 165 7.91 10.16 58.96
CA ILE E 165 6.60 9.48 58.94
C ILE E 165 6.57 8.40 60.00
N LEU E 166 7.66 7.63 60.13
CA LEU E 166 7.72 6.63 61.18
C LEU E 166 7.55 7.29 62.54
N ARG E 167 8.20 8.44 62.74
CA ARG E 167 8.07 9.16 64.00
C ARG E 167 6.62 9.56 64.24
N GLU E 168 5.95 10.06 63.20
CA GLU E 168 4.53 10.40 63.33
C GLU E 168 3.71 9.19 63.71
N LEU E 169 4.00 8.04 63.11
CA LEU E 169 3.29 6.82 63.47
C LEU E 169 3.52 6.48 64.93
N GLU E 170 4.76 6.61 65.40
CA GLU E 170 5.07 6.32 66.79
C GLU E 170 4.29 7.22 67.72
N THR E 171 4.03 8.46 67.29
CA THR E 171 3.28 9.41 68.10
C THR E 171 1.78 9.28 67.85
N THR F 50 -1.53 5.07 53.37
CA THR F 50 -0.68 5.44 52.25
C THR F 50 -0.26 6.90 52.34
N ILE F 51 1.00 7.17 52.00
CA ILE F 51 1.57 8.50 52.05
C ILE F 51 2.01 8.88 50.64
N GLN F 52 1.98 10.18 50.36
CA GLN F 52 2.39 10.71 49.06
C GLN F 52 3.40 11.82 49.29
N ILE F 53 4.56 11.68 48.67
CA ILE F 53 5.65 12.66 48.77
C ILE F 53 5.90 13.22 47.38
N GLU F 54 6.04 14.54 47.29
CA GLU F 54 6.29 15.21 46.04
C GLU F 54 7.47 16.15 46.20
N PHE F 55 8.34 16.20 45.19
CA PHE F 55 9.50 17.07 45.18
C PHE F 55 9.44 17.89 43.91
N PRO F 56 8.76 19.04 43.94
CA PRO F 56 8.53 19.78 42.69
C PRO F 56 9.82 20.13 41.99
N GLN F 57 10.87 20.46 42.75
CA GLN F 57 12.16 20.84 42.20
C GLN F 57 13.09 19.65 42.02
N HIS F 58 12.59 18.42 42.21
CA HIS F 58 13.43 17.26 41.99
C HIS F 58 13.88 17.21 40.54
N SER F 59 12.92 17.39 39.63
CA SER F 59 13.24 17.29 38.21
C SER F 59 14.19 18.40 37.79
N SER F 60 13.94 19.63 38.24
CA SER F 60 14.80 20.74 37.86
C SER F 60 16.22 20.56 38.38
N SER F 61 16.35 20.11 39.64
CA SER F 61 17.67 19.85 40.19
C SER F 61 18.37 18.75 39.40
N LEU F 62 17.63 17.71 39.05
CA LEU F 62 18.22 16.61 38.29
C LEU F 62 18.69 17.11 36.93
N LEU F 63 17.86 17.91 36.27
CA LEU F 63 18.24 18.49 34.99
C LEU F 63 19.51 19.32 35.13
N GLU F 64 19.60 20.13 36.19
CA GLU F 64 20.80 20.93 36.39
C GLU F 64 22.01 20.03 36.51
N SER F 65 21.92 18.99 37.35
CA SER F 65 23.03 18.07 37.51
C SER F 65 23.43 17.47 36.17
N LEU F 66 22.43 17.02 35.39
CA LEU F 66 22.72 16.40 34.10
C LEU F 66 23.44 17.39 33.19
N ASN F 67 22.94 18.62 33.11
CA ASN F 67 23.57 19.60 32.24
C ASN F 67 25.00 19.85 32.66
N ARG F 68 25.24 19.95 33.97
CA ARG F 68 26.59 20.18 34.46
C ARG F 68 27.48 19.03 34.07
N HIS F 69 27.01 17.80 34.27
CA HIS F 69 27.77 16.62 33.86
C HIS F 69 28.13 16.74 32.39
N ARG F 70 27.18 17.12 31.56
CA ARG F 70 27.41 17.26 30.14
C ARG F 70 28.55 18.26 29.88
N LEU F 71 28.45 19.44 30.49
CA LEU F 71 29.50 20.44 30.33
C LEU F 71 30.87 19.86 30.71
N GLU F 72 30.98 19.27 31.89
CA GLU F 72 32.23 18.64 32.32
C GLU F 72 32.60 17.42 31.48
N GLY F 73 31.80 17.06 30.47
CA GLY F 73 32.07 15.90 29.65
C GLY F 73 31.94 14.55 30.33
N LYS F 74 31.30 14.48 31.49
CA LYS F 74 31.20 13.22 32.22
C LYS F 74 30.04 12.40 31.69
N PHE F 75 30.29 11.11 31.47
CA PHE F 75 29.29 10.15 31.03
C PHE F 75 28.70 10.48 29.66
N CYS F 76 29.26 11.45 28.95
CA CYS F 76 28.78 11.75 27.61
C CYS F 76 29.10 10.57 26.70
N ASP F 77 28.10 10.11 25.95
CA ASP F 77 28.25 8.92 25.12
C ASP F 77 28.10 9.16 23.63
N VAL F 78 27.81 10.39 23.19
CA VAL F 78 27.70 10.67 21.76
C VAL F 78 28.38 11.98 21.43
N SER F 79 28.94 12.03 20.23
CA SER F 79 29.60 13.21 19.69
C SER F 79 28.86 13.66 18.44
N LEU F 80 28.46 14.92 18.43
CA LEU F 80 27.66 15.48 17.36
C LEU F 80 28.56 16.41 16.56
N LEU F 81 28.67 16.14 15.26
CA LEU F 81 29.50 16.94 14.37
C LEU F 81 28.57 17.86 13.59
N VAL F 82 28.74 19.17 13.79
CA VAL F 82 27.90 20.18 13.18
C VAL F 82 28.84 21.18 12.51
N GLN F 83 28.92 21.13 11.19
CA GLN F 83 29.74 22.05 10.42
C GLN F 83 31.19 22.04 10.92
N GLY F 84 31.69 20.85 11.22
CA GLY F 84 33.06 20.71 11.69
C GLY F 84 33.25 20.92 13.18
N ARG F 85 32.19 21.29 13.90
CA ARG F 85 32.28 21.53 15.34
C ARG F 85 31.79 20.31 16.09
N GLU F 86 32.58 19.83 17.03
CA GLU F 86 32.29 18.62 17.78
C GLU F 86 31.71 18.97 19.14
N LEU F 87 30.54 18.41 19.45
CA LEU F 87 29.84 18.70 20.69
C LEU F 87 29.42 17.39 21.34
N ARG F 88 29.83 17.16 22.58
CA ARG F 88 29.50 15.93 23.27
C ARG F 88 28.18 16.06 24.01
N ALA F 89 27.45 14.96 24.08
CA ALA F 89 26.14 14.94 24.72
C ALA F 89 25.76 13.50 25.00
N HIS F 90 24.64 13.31 25.70
CA HIS F 90 24.17 12.00 26.08
C HIS F 90 23.02 11.58 25.17
N LYS F 91 23.11 10.37 24.63
CA LYS F 91 22.11 9.90 23.67
C LYS F 91 20.72 9.84 24.28
N ALA F 92 20.61 9.35 25.51
CA ALA F 92 19.29 9.19 26.13
C ALA F 92 18.56 10.51 26.28
N VAL F 93 19.26 11.55 26.74
CA VAL F 93 18.60 12.84 26.92
C VAL F 93 18.10 13.37 25.58
N LEU F 94 18.94 13.28 24.56
CA LEU F 94 18.57 13.77 23.24
C LEU F 94 17.40 12.99 22.66
N ALA F 95 17.41 11.67 22.81
CA ALA F 95 16.31 10.86 22.30
C ALA F 95 15.02 11.16 23.04
N ALA F 96 15.10 11.32 24.36
CA ALA F 96 13.91 11.63 25.13
C ALA F 96 13.36 13.00 24.79
N ALA F 97 14.24 13.94 24.44
CA ALA F 97 13.82 15.31 24.15
C ALA F 97 13.40 15.49 22.70
N SER F 98 14.09 14.83 21.77
CA SER F 98 13.79 15.00 20.36
C SER F 98 13.24 13.71 19.78
N PRO F 99 12.11 13.75 19.07
CA PRO F 99 11.66 12.53 18.40
C PRO F 99 12.60 12.08 17.30
N TYR F 100 13.20 13.03 16.58
CA TYR F 100 14.17 12.65 15.56
C TYR F 100 15.31 11.85 16.18
N PHE F 101 15.82 12.29 17.32
CA PHE F 101 16.92 11.56 17.94
C PHE F 101 16.47 10.18 18.37
N HIS F 102 15.27 10.08 18.93
CA HIS F 102 14.71 8.77 19.27
C HIS F 102 14.79 7.88 18.04
N ASP F 103 14.27 8.37 16.92
CA ASP F 103 14.23 7.58 15.70
C ASP F 103 15.63 7.19 15.26
N LYS F 104 16.52 8.17 15.20
CA LYS F 104 17.88 7.92 14.72
C LYS F 104 18.57 6.87 15.56
N LEU F 105 18.37 6.92 16.88
CA LEU F 105 19.03 5.96 17.76
C LEU F 105 18.43 4.59 17.53
N LEU F 106 17.09 4.51 17.46
CA LEU F 106 16.46 3.23 17.16
C LEU F 106 17.02 2.66 15.87
N LEU F 107 17.43 3.53 14.94
CA LEU F 107 17.91 3.09 13.63
C LEU F 107 19.42 2.95 13.57
N GLY F 108 20.16 3.65 14.42
CA GLY F 108 21.62 3.66 14.32
C GLY F 108 22.30 3.95 15.64
N ASP F 109 23.11 3.00 16.11
CA ASP F 109 23.85 3.15 17.36
C ASP F 109 25.29 3.57 17.08
N ALA F 110 25.43 4.81 16.59
CA ALA F 110 26.78 5.32 16.32
C ALA F 110 27.22 6.27 17.42
N PRO F 111 28.43 6.13 17.97
CA PRO F 111 28.88 7.09 18.99
C PRO F 111 29.03 8.49 18.45
N ARG F 112 29.17 8.65 17.15
CA ARG F 112 29.30 9.95 16.52
C ARG F 112 28.25 10.08 15.44
N LEU F 113 27.55 11.21 15.43
CA LEU F 113 26.56 11.53 14.42
C LEU F 113 26.92 12.87 13.80
N THR F 114 27.12 12.89 12.49
CA THR F 114 27.38 14.11 11.75
C THR F 114 26.07 14.58 11.13
N LEU F 115 25.63 15.77 11.51
CA LEU F 115 24.37 16.29 11.02
C LEU F 115 24.54 16.94 9.65
N PRO F 116 23.45 17.13 8.91
CA PRO F 116 23.56 17.77 7.60
C PRO F 116 24.24 19.14 7.70
N SER F 117 25.05 19.45 6.69
CA SER F 117 25.81 20.69 6.70
C SER F 117 24.91 21.91 6.85
N VAL F 118 23.66 21.81 6.41
CA VAL F 118 22.75 22.95 6.49
C VAL F 118 22.49 23.37 7.93
N ILE F 119 22.67 22.47 8.89
CA ILE F 119 22.40 22.78 10.29
C ILE F 119 23.55 23.59 10.85
N GLU F 120 23.26 24.80 11.31
CA GLU F 120 24.27 25.68 11.87
C GLU F 120 24.67 25.25 13.27
N ALA F 121 25.98 25.35 13.56
CA ALA F 121 26.50 24.92 14.85
C ALA F 121 25.98 25.77 16.01
N ASP F 122 25.90 27.08 15.81
CA ASP F 122 25.48 27.96 16.91
C ASP F 122 24.02 27.75 17.26
N ALA F 123 23.15 27.63 16.26
CA ALA F 123 21.75 27.36 16.52
C ALA F 123 21.60 26.04 17.27
N PHE F 124 22.36 25.04 16.85
CA PHE F 124 22.31 23.75 17.54
C PHE F 124 22.77 23.86 18.98
N GLU F 125 23.79 24.68 19.24
CA GLU F 125 24.25 24.83 20.62
C GLU F 125 23.21 25.56 21.47
N GLY F 126 22.56 26.57 20.90
CA GLY F 126 21.47 27.22 21.61
C GLY F 126 20.33 26.27 21.92
N LEU F 127 19.96 25.44 20.94
CA LEU F 127 18.89 24.48 21.17
C LEU F 127 19.29 23.42 22.19
N LEU F 128 20.57 23.02 22.20
CA LEU F 128 21.03 22.08 23.21
C LEU F 128 20.96 22.70 24.60
N GLN F 129 21.35 23.97 24.71
CA GLN F 129 21.19 24.68 25.97
C GLN F 129 19.73 24.70 26.42
N LEU F 130 18.83 24.97 25.48
CA LEU F 130 17.40 24.90 25.80
C LEU F 130 17.02 23.49 26.27
N ILE F 131 17.50 22.47 25.58
CA ILE F 131 17.16 21.09 25.91
C ILE F 131 17.58 20.78 27.34
N TYR F 132 18.75 21.25 27.74
CA TYR F 132 19.30 20.93 29.05
C TYR F 132 19.00 21.99 30.10
N SER F 133 18.24 23.02 29.76
CA SER F 133 17.86 24.04 30.73
C SER F 133 16.39 24.44 30.68
N GLY F 134 15.70 24.23 29.56
CA GLY F 134 14.36 24.76 29.39
C GLY F 134 14.29 26.24 29.15
N ARG F 135 15.42 26.90 28.89
CA ARG F 135 15.46 28.33 28.63
C ARG F 135 16.32 28.60 27.41
N LEU F 136 15.94 29.61 26.64
CA LEU F 136 16.71 29.96 25.45
C LEU F 136 16.78 31.48 25.35
N ARG F 137 17.99 32.01 25.34
CA ARG F 137 18.23 33.43 25.13
C ARG F 137 19.10 33.54 23.87
N LEU F 138 18.69 34.38 22.94
CA LEU F 138 19.37 34.45 21.65
C LEU F 138 19.14 35.83 21.05
N PRO F 139 19.96 36.25 20.10
CA PRO F 139 19.65 37.48 19.37
C PRO F 139 18.46 37.28 18.46
N LEU F 140 17.74 38.37 18.24
CA LEU F 140 16.52 38.32 17.42
C LEU F 140 16.79 37.76 16.03
N ASP F 141 17.82 38.28 15.35
CA ASP F 141 18.09 37.88 13.98
C ASP F 141 18.44 36.40 13.85
N ALA F 142 18.89 35.75 14.92
CA ALA F 142 19.20 34.33 14.87
C ALA F 142 17.97 33.46 15.12
N LEU F 143 16.81 34.06 15.38
CA LEU F 143 15.62 33.27 15.67
C LEU F 143 15.25 32.34 14.52
N PRO F 144 15.25 32.79 13.25
CA PRO F 144 14.92 31.84 12.17
C PRO F 144 15.81 30.62 12.17
N ALA F 145 17.14 30.81 12.14
CA ALA F 145 18.04 29.67 12.09
C ALA F 145 17.73 28.71 13.22
N HIS F 146 17.71 29.21 14.45
CA HIS F 146 17.35 28.37 15.59
C HIS F 146 16.02 27.68 15.30
N LEU F 147 15.01 28.48 14.92
CA LEU F 147 13.72 27.91 14.58
C LEU F 147 13.89 26.77 13.59
N LEU F 148 14.64 27.04 12.52
CA LEU F 148 14.86 26.01 11.50
C LEU F 148 15.33 24.72 12.16
N VAL F 149 16.39 24.82 12.97
CA VAL F 149 16.96 23.63 13.58
C VAL F 149 15.91 22.97 14.47
N ALA F 150 15.16 23.76 15.23
CA ALA F 150 14.12 23.20 16.08
C ALA F 150 13.17 22.34 15.27
N SER F 151 12.82 22.79 14.06
CA SER F 151 11.90 22.01 13.24
C SER F 151 12.53 20.67 12.90
N GLY F 152 13.81 20.66 12.59
CA GLY F 152 14.49 19.40 12.32
C GLY F 152 14.45 18.47 13.52
N LEU F 153 14.47 19.02 14.73
CA LEU F 153 14.39 18.21 15.93
C LEU F 153 12.96 17.91 16.37
N GLN F 154 11.96 18.44 15.67
CA GLN F 154 10.56 18.11 15.93
C GLN F 154 10.14 18.49 17.36
N MET F 155 10.55 19.68 17.80
CA MET F 155 10.13 20.18 19.11
C MET F 155 8.98 21.16 18.91
N TRP F 156 7.79 20.59 18.80
CA TRP F 156 6.64 21.33 18.27
C TRP F 156 6.08 22.35 19.25
N GLN F 157 6.18 22.09 20.57
CA GLN F 157 5.80 23.12 21.53
C GLN F 157 6.68 24.36 21.38
N VAL F 158 7.99 24.13 21.28
CA VAL F 158 8.93 25.23 21.09
C VAL F 158 8.67 25.89 19.75
N VAL F 159 8.43 25.10 18.72
CA VAL F 159 8.13 25.66 17.41
C VAL F 159 6.90 26.55 17.51
N ASP F 160 5.87 26.09 18.23
CA ASP F 160 4.67 26.89 18.41
C ASP F 160 5.00 28.22 19.06
N GLN F 161 5.77 28.17 20.15
CA GLN F 161 6.09 29.41 20.86
C GLN F 161 6.90 30.35 19.98
N CYS F 162 7.87 29.80 19.25
CA CYS F 162 8.72 30.62 18.39
C CYS F 162 7.90 31.24 17.27
N SER F 163 6.99 30.47 16.68
CA SER F 163 6.12 31.02 15.66
C SER F 163 5.26 32.14 16.22
N GLU F 164 4.74 31.95 17.43
CA GLU F 164 3.95 33.00 18.06
C GLU F 164 4.76 34.27 18.27
N ILE F 165 6.00 34.13 18.74
CA ILE F 165 6.82 35.32 18.96
C ILE F 165 7.15 36.00 17.64
N LEU F 166 7.52 35.23 16.61
CA LEU F 166 7.79 35.83 15.31
C LEU F 166 6.56 36.55 14.76
N ARG F 167 5.39 35.94 14.89
CA ARG F 167 4.17 36.58 14.43
C ARG F 167 3.91 37.87 15.18
N GLU F 168 4.08 37.85 16.50
CA GLU F 168 3.92 39.07 17.29
C GLU F 168 4.91 40.15 16.84
N LEU F 169 6.16 39.76 16.56
CA LEU F 169 7.14 40.73 16.07
C LEU F 169 6.68 41.33 14.75
N GLU F 170 6.18 40.49 13.84
CA GLU F 170 5.72 40.99 12.55
C GLU F 170 4.57 41.97 12.72
N THR F 171 3.74 41.77 13.74
CA THR F 171 2.59 42.64 14.00
C THR F 171 3.00 43.80 14.91
N THR G 50 26.62 -2.51 -26.71
CA THR G 50 25.67 -2.05 -25.70
C THR G 50 25.13 -0.68 -26.06
N ILE G 51 23.83 -0.48 -25.82
CA ILE G 51 23.15 0.77 -26.14
C ILE G 51 22.58 1.38 -24.87
N GLN G 52 22.49 2.71 -24.88
CA GLN G 52 21.93 3.48 -23.78
C GLN G 52 20.90 4.44 -24.36
N ILE G 53 19.68 4.37 -23.84
CA ILE G 53 18.57 5.20 -24.27
C ILE G 53 18.12 6.07 -23.12
N GLU G 54 17.89 7.35 -23.41
CA GLU G 54 17.45 8.30 -22.40
C GLU G 54 16.23 9.05 -22.92
N PHE G 55 15.26 9.26 -22.03
CA PHE G 55 14.02 9.96 -22.35
C PHE G 55 13.89 11.08 -21.32
N PRO G 56 14.44 12.26 -21.59
CA PRO G 56 14.52 13.29 -20.54
C PRO G 56 13.16 13.65 -19.92
N GLN G 57 12.09 13.66 -20.70
CA GLN G 57 10.78 14.02 -20.20
C GLN G 57 9.97 12.85 -19.67
N HIS G 58 10.58 11.66 -19.55
CA HIS G 58 9.85 10.52 -19.01
C HIS G 58 9.43 10.82 -17.57
N SER G 59 10.36 11.34 -16.78
CA SER G 59 10.11 11.59 -15.36
C SER G 59 9.02 12.62 -15.17
N SER G 60 9.07 13.72 -15.93
CA SER G 60 8.08 14.77 -15.77
C SER G 60 6.68 14.26 -16.11
N SER G 61 6.57 13.50 -17.20
CA SER G 61 5.28 12.93 -17.57
C SER G 61 4.79 11.97 -16.49
N LEU G 62 5.70 11.16 -15.94
CA LEU G 62 5.32 10.24 -14.89
C LEU G 62 4.81 11.00 -13.67
N LEU G 63 5.55 12.03 -13.26
CA LEU G 63 5.13 12.83 -12.12
C LEU G 63 3.78 13.48 -12.37
N GLU G 64 3.55 13.92 -13.60
CA GLU G 64 2.24 14.48 -13.94
C GLU G 64 1.16 13.44 -13.72
N SER G 65 1.39 12.22 -14.21
CA SER G 65 0.40 11.16 -14.05
C SER G 65 0.13 10.91 -12.58
N LEU G 66 1.20 10.85 -11.77
CA LEU G 66 1.02 10.61 -10.34
C LEU G 66 0.18 11.71 -9.71
N ASN G 67 0.49 12.97 -10.04
CA ASN G 67 -0.26 14.07 -9.45
C ASN G 67 -1.72 13.99 -9.87
N ARG G 68 -1.97 13.65 -11.14
CA ARG G 68 -3.33 13.54 -11.63
C ARG G 68 -4.09 12.46 -10.88
N HIS G 69 -3.44 11.31 -10.66
CA HIS G 69 -4.09 10.25 -9.91
C HIS G 69 -4.41 10.72 -8.50
N ARG G 70 -3.46 11.43 -7.88
CA ARG G 70 -3.73 11.96 -6.54
C ARG G 70 -4.95 12.85 -6.57
N LEU G 71 -5.07 13.70 -7.60
CA LEU G 71 -6.22 14.58 -7.69
C LEU G 71 -7.50 13.76 -7.77
N GLU G 72 -7.50 12.71 -8.59
CA GLU G 72 -8.69 11.91 -8.75
C GLU G 72 -8.94 11.00 -7.55
N GLY G 73 -7.90 10.71 -6.78
CA GLY G 73 -8.00 9.77 -5.70
C GLY G 73 -7.62 8.35 -6.04
N LYS G 74 -6.95 8.13 -7.16
CA LYS G 74 -6.63 6.78 -7.60
C LYS G 74 -5.36 6.27 -6.92
N PHE G 75 -5.42 5.04 -6.43
CA PHE G 75 -4.28 4.35 -5.82
C PHE G 75 -3.73 5.06 -4.59
N CYS G 76 -4.42 6.10 -4.10
CA CYS G 76 -3.99 6.77 -2.88
C CYS G 76 -4.15 5.84 -1.69
N ASP G 77 -3.10 5.74 -0.88
CA ASP G 77 -3.07 4.80 0.23
C ASP G 77 -2.97 5.46 1.60
N VAL G 78 -2.91 6.78 1.70
CA VAL G 78 -2.85 7.44 3.00
C VAL G 78 -3.74 8.68 2.97
N SER G 79 -4.33 8.97 4.13
CA SER G 79 -5.18 10.13 4.33
C SER G 79 -4.56 11.00 5.41
N LEU G 80 -4.33 12.27 5.09
CA LEU G 80 -3.63 13.21 5.96
C LEU G 80 -4.62 14.20 6.55
N LEU G 81 -4.66 14.27 7.88
CA LEU G 81 -5.55 15.19 8.57
C LEU G 81 -4.72 16.39 9.02
N VAL G 82 -5.06 17.57 8.52
CA VAL G 82 -4.34 18.81 8.78
C VAL G 82 -5.35 19.84 9.23
N GLN G 83 -5.37 20.13 10.53
CA GLN G 83 -6.27 21.13 11.09
C GLN G 83 -7.72 20.84 10.73
N GLY G 84 -8.08 19.55 10.79
CA GLY G 84 -9.42 19.10 10.50
C GLY G 84 -9.73 18.88 9.03
N ARG G 85 -8.80 19.20 8.14
CA ARG G 85 -9.01 19.01 6.70
C ARG G 85 -8.33 17.72 6.28
N GLU G 86 -9.08 16.84 5.60
CA GLU G 86 -8.57 15.54 5.21
C GLU G 86 -8.16 15.57 3.73
N LEU G 87 -6.92 15.17 3.45
CA LEU G 87 -6.35 15.21 2.12
C LEU G 87 -5.73 13.86 1.80
N ARG G 88 -6.14 13.23 0.71
CA ARG G 88 -5.62 11.92 0.37
C ARG G 88 -4.36 12.06 -0.47
N ALA G 89 -3.44 11.11 -0.30
CA ALA G 89 -2.17 11.12 -1.00
C ALA G 89 -1.58 9.72 -0.92
N HIS G 90 -0.48 9.53 -1.64
CA HIS G 90 0.17 8.23 -1.71
C HIS G 90 1.43 8.20 -0.86
N LYS G 91 1.55 7.14 -0.05
CA LYS G 91 2.64 7.03 0.92
C LYS G 91 4.01 6.98 0.27
N ALA G 92 4.17 6.20 -0.81
CA ALA G 92 5.49 6.05 -1.40
C ALA G 92 6.06 7.37 -1.92
N VAL G 93 5.23 8.16 -2.61
CA VAL G 93 5.73 9.43 -3.14
C VAL G 93 6.16 10.34 -2.02
N LEU G 94 5.32 10.43 -0.98
CA LEU G 94 5.62 11.30 0.15
C LEU G 94 6.90 10.87 0.86
N ALA G 95 7.05 9.56 1.09
CA ALA G 95 8.26 9.07 1.75
C ALA G 95 9.49 9.32 0.90
N ALA G 96 9.39 9.11 -0.42
CA ALA G 96 10.53 9.33 -1.30
C ALA G 96 10.91 10.80 -1.38
N ALA G 97 9.94 11.69 -1.25
CA ALA G 97 10.19 13.12 -1.42
C ALA G 97 10.65 13.79 -0.13
N SER G 98 10.10 13.40 1.02
CA SER G 98 10.42 14.05 2.27
C SER G 98 11.14 13.09 3.20
N PRO G 99 12.28 13.47 3.78
CA PRO G 99 12.91 12.58 4.77
C PRO G 99 12.00 12.41 5.97
N TYR G 100 11.30 13.47 6.35
CA TYR G 100 10.33 13.37 7.43
C TYR G 100 9.31 12.29 7.14
N PHE G 101 8.77 12.27 5.92
CA PHE G 101 7.78 11.25 5.59
C PHE G 101 8.39 9.86 5.65
N HIS G 102 9.61 9.71 5.11
CA HIS G 102 10.29 8.43 5.19
C HIS G 102 10.30 7.94 6.63
N ASP G 103 10.85 8.77 7.52
CA ASP G 103 10.95 8.38 8.93
C ASP G 103 9.58 8.04 9.50
N LYS G 104 8.63 8.96 9.34
CA LYS G 104 7.30 8.78 9.91
C LYS G 104 6.71 7.45 9.47
N LEU G 105 6.77 7.16 8.17
CA LEU G 105 6.18 5.94 7.66
C LEU G 105 6.90 4.73 8.23
N LEU G 106 8.24 4.75 8.19
CA LEU G 106 9.02 3.64 8.71
C LEU G 106 8.64 3.34 10.15
N LEU G 107 8.25 4.37 10.90
CA LEU G 107 7.92 4.21 12.32
C LEU G 107 6.47 3.84 12.57
N GLY G 108 5.56 4.13 11.64
CA GLY G 108 4.16 3.92 11.89
C GLY G 108 3.40 3.64 10.61
N ASP G 109 2.76 2.47 10.53
CA ASP G 109 2.00 2.08 9.35
C ASP G 109 0.51 2.34 9.59
N ALA G 110 0.18 3.63 9.66
CA ALA G 110 -1.21 4.01 9.86
C ALA G 110 -1.80 4.49 8.54
N PRO G 111 -2.99 4.02 8.13
CA PRO G 111 -3.58 4.53 6.88
C PRO G 111 -3.91 6.01 6.95
N ARG G 112 -4.06 6.56 8.14
CA ARG G 112 -4.36 7.97 8.34
C ARG G 112 -3.31 8.56 9.26
N LEU G 113 -2.79 9.73 8.89
CA LEU G 113 -1.84 10.46 9.73
C LEU G 113 -2.35 11.87 9.97
N THR G 114 -2.53 12.23 11.23
CA THR G 114 -2.92 13.57 11.62
C THR G 114 -1.68 14.36 12.01
N LEU G 115 -1.42 15.44 11.29
CA LEU G 115 -0.25 16.26 11.52
C LEU G 115 -0.49 17.22 12.68
N PRO G 116 0.57 17.79 13.26
CA PRO G 116 0.39 18.74 14.36
C PRO G 116 -0.50 19.90 13.94
N SER G 117 -1.33 20.35 14.89
CA SER G 117 -2.29 21.42 14.62
C SER G 117 -1.59 22.67 14.12
N VAL G 118 -0.34 22.88 14.52
CA VAL G 118 0.38 24.08 14.11
C VAL G 118 0.58 24.13 12.60
N ILE G 119 0.51 22.98 11.92
CA ILE G 119 0.73 22.95 10.49
C ILE G 119 -0.54 23.46 9.80
N GLU G 120 -0.40 24.54 9.05
CA GLU G 120 -1.53 25.12 8.33
C GLU G 120 -1.88 24.30 7.10
N ALA G 121 -3.19 24.15 6.85
CA ALA G 121 -3.66 23.32 5.75
C ALA G 121 -3.24 23.87 4.39
N ASP G 122 -3.34 25.20 4.19
CA ASP G 122 -3.09 25.78 2.88
C ASP G 122 -1.63 25.62 2.49
N ALA G 123 -0.71 25.89 3.42
CA ALA G 123 0.69 25.70 3.14
C ALA G 123 0.95 24.24 2.81
N PHE G 124 0.31 23.32 3.54
CA PHE G 124 0.50 21.91 3.26
C PHE G 124 0.04 21.53 1.86
N GLU G 125 -1.09 22.07 1.39
CA GLU G 125 -1.47 21.71 0.02
C GLU G 125 -0.51 22.32 -0.99
N GLY G 126 -0.05 23.54 -0.74
CA GLY G 126 0.96 24.11 -1.62
C GLY G 126 2.23 23.29 -1.68
N LEU G 127 2.70 22.83 -0.52
CA LEU G 127 3.89 22.00 -0.50
C LEU G 127 3.65 20.64 -1.13
N LEU G 128 2.45 20.08 -0.97
CA LEU G 128 2.15 18.81 -1.62
C LEU G 128 2.11 18.94 -3.14
N GLN G 129 1.48 20.00 -3.66
CA GLN G 129 1.53 20.23 -5.09
C GLN G 129 2.97 20.43 -5.55
N LEU G 130 3.78 21.16 -4.77
CA LEU G 130 5.20 21.26 -5.12
C LEU G 130 5.85 19.88 -5.16
N ILE G 131 5.53 19.04 -4.17
CA ILE G 131 6.10 17.70 -4.11
C ILE G 131 5.78 16.93 -5.38
N TYR G 132 4.56 17.08 -5.87
CA TYR G 132 4.09 16.34 -7.02
C TYR G 132 4.25 17.10 -8.33
N SER G 133 4.84 18.30 -8.30
CA SER G 133 5.09 19.08 -9.50
C SER G 133 6.45 19.73 -9.54
N GLY G 134 7.13 19.95 -8.41
CA GLY G 134 8.34 20.74 -8.41
C GLY G 134 8.16 22.22 -8.56
N ARG G 135 6.92 22.72 -8.43
CA ARG G 135 6.63 24.14 -8.58
C ARG G 135 5.75 24.59 -7.43
N LEU G 136 5.94 25.83 -7.00
CA LEU G 136 5.18 26.40 -5.89
C LEU G 136 4.77 27.83 -6.21
N ARG G 137 3.47 28.09 -6.20
CA ARG G 137 2.92 29.42 -6.37
C ARG G 137 2.12 29.78 -5.14
N LEU G 138 2.41 30.94 -4.57
CA LEU G 138 1.82 31.36 -3.31
C LEU G 138 1.81 32.87 -3.25
N PRO G 139 0.98 33.46 -2.40
CA PRO G 139 1.07 34.90 -2.16
C PRO G 139 2.34 35.23 -1.39
N LEU G 140 2.84 36.44 -1.62
CA LEU G 140 4.09 36.85 -0.97
C LEU G 140 3.99 36.72 0.54
N ASP G 141 2.91 37.25 1.12
CA ASP G 141 2.78 37.25 2.57
C ASP G 141 2.70 35.86 3.16
N ALA G 142 2.34 34.85 2.37
CA ALA G 142 2.29 33.47 2.84
C ALA G 142 3.63 32.78 2.75
N LEU G 143 4.67 33.45 2.25
CA LEU G 143 5.97 32.80 2.10
C LEU G 143 6.52 32.30 3.43
N PRO G 144 6.49 33.06 4.52
CA PRO G 144 6.99 32.52 5.79
C PRO G 144 6.33 31.21 6.20
N ALA G 145 5.00 31.19 6.26
CA ALA G 145 4.28 30.01 6.71
C ALA G 145 4.70 28.78 5.90
N HIS G 146 4.64 28.88 4.57
CA HIS G 146 5.09 27.78 3.73
C HIS G 146 6.49 27.35 4.13
N LEU G 147 7.41 28.31 4.21
CA LEU G 147 8.77 28.02 4.63
C LEU G 147 8.76 27.18 5.90
N LEU G 148 8.02 27.64 6.91
CA LEU G 148 7.99 26.91 8.17
C LEU G 148 7.68 25.45 7.92
N VAL G 149 6.60 25.19 7.18
CA VAL G 149 6.19 23.81 6.94
C VAL G 149 7.29 23.06 6.21
N ALA G 150 7.91 23.71 5.22
CA ALA G 150 9.00 23.06 4.49
C ALA G 150 10.07 22.55 5.43
N SER G 151 10.40 23.33 6.46
CA SER G 151 11.43 22.89 7.40
C SER G 151 10.99 21.62 8.10
N GLY G 152 9.73 21.54 8.47
CA GLY G 152 9.24 20.33 9.09
C GLY G 152 9.37 19.12 8.19
N LEU G 153 9.26 19.32 6.88
CA LEU G 153 9.43 18.22 5.94
C LEU G 153 10.88 17.97 5.55
N GLN G 154 11.82 18.76 6.04
CA GLN G 154 13.25 18.51 5.82
C GLN G 154 13.62 18.54 4.34
N MET G 155 13.10 19.52 3.61
CA MET G 155 13.44 19.72 2.20
C MET G 155 14.45 20.87 2.11
N TRP G 156 15.73 20.53 2.30
CA TRP G 156 16.72 21.56 2.59
C TRP G 156 17.10 22.37 1.36
N GLN G 157 17.03 21.79 0.17
CA GLN G 157 17.23 22.59 -1.03
C GLN G 157 16.19 23.68 -1.14
N VAL G 158 14.92 23.32 -0.91
CA VAL G 158 13.85 24.30 -0.95
C VAL G 158 14.04 25.32 0.14
N VAL G 159 14.43 24.89 1.34
CA VAL G 159 14.67 25.84 2.41
C VAL G 159 15.75 26.84 2.01
N ASP G 160 16.83 26.36 1.38
CA ASP G 160 17.89 27.25 0.93
C ASP G 160 17.35 28.29 -0.03
N GLN G 161 16.60 27.83 -1.05
CA GLN G 161 16.07 28.78 -2.02
C GLN G 161 15.11 29.77 -1.39
N CYS G 162 14.24 29.29 -0.50
CA CYS G 162 13.27 30.18 0.13
C CYS G 162 13.97 31.22 1.00
N SER G 163 14.99 30.82 1.75
CA SER G 163 15.74 31.78 2.53
C SER G 163 16.41 32.82 1.62
N GLU G 164 16.98 32.35 0.50
CA GLU G 164 17.60 33.28 -0.43
C GLU G 164 16.59 34.27 -1.01
N ILE G 165 15.40 33.79 -1.37
CA ILE G 165 14.40 34.69 -1.95
C ILE G 165 13.92 35.68 -0.89
N LEU G 166 13.69 35.23 0.34
CA LEU G 166 13.30 36.16 1.39
C LEU G 166 14.36 37.23 1.58
N ARG G 167 15.63 36.82 1.59
CA ARG G 167 16.72 37.78 1.73
C ARG G 167 16.73 38.77 0.57
N GLU G 168 16.54 38.27 -0.66
CA GLU G 168 16.48 39.16 -1.82
C GLU G 168 15.34 40.15 -1.71
N LEU G 169 14.17 39.70 -1.23
CA LEU G 169 13.07 40.63 -1.03
C LEU G 169 13.45 41.69 -0.01
N GLU G 170 14.11 41.26 1.07
CA GLU G 170 14.51 42.20 2.11
C GLU G 170 15.48 43.24 1.54
N THR G 171 16.30 42.84 0.57
CA THR G 171 17.26 43.74 -0.06
C THR G 171 16.61 44.47 -1.22
N THR H 50 5.55 36.99 -8.13
CA THR H 50 5.46 35.54 -8.24
C THR H 50 6.82 34.93 -8.54
N ILE H 51 7.09 33.80 -7.91
CA ILE H 51 8.37 33.11 -8.06
C ILE H 51 8.11 31.73 -8.64
N GLN H 52 9.08 31.22 -9.39
CA GLN H 52 9.01 29.90 -10.00
C GLN H 52 10.28 29.15 -9.65
N ILE H 53 10.11 27.96 -9.05
CA ILE H 53 11.26 27.13 -8.66
C ILE H 53 11.18 25.83 -9.44
N GLU H 54 12.31 25.43 -10.02
CA GLU H 54 12.44 24.20 -10.77
C GLU H 54 13.67 23.45 -10.29
N PHE H 55 13.56 22.13 -10.18
CA PHE H 55 14.67 21.28 -9.75
C PHE H 55 14.87 20.20 -10.80
N PRO H 56 15.71 20.47 -11.82
CA PRO H 56 15.79 19.52 -12.94
C PRO H 56 16.17 18.12 -12.51
N GLN H 57 17.05 17.99 -11.53
CA GLN H 57 17.49 16.68 -11.06
C GLN H 57 16.65 16.17 -9.90
N HIS H 58 15.55 16.86 -9.59
CA HIS H 58 14.68 16.38 -8.52
C HIS H 58 14.10 15.02 -8.88
N SER H 59 13.61 14.89 -10.12
CA SER H 59 12.98 13.64 -10.52
C SER H 59 13.99 12.52 -10.52
N SER H 60 15.18 12.78 -11.07
CA SER H 60 16.22 11.75 -11.12
C SER H 60 16.66 11.34 -9.73
N SER H 61 16.84 12.31 -8.83
CA SER H 61 17.21 11.99 -7.46
C SER H 61 16.12 11.16 -6.79
N LEU H 62 14.86 11.51 -7.03
CA LEU H 62 13.78 10.73 -6.44
C LEU H 62 13.78 9.31 -6.96
N LEU H 63 13.90 9.15 -8.28
CA LEU H 63 13.99 7.81 -8.84
C LEU H 63 15.15 7.04 -8.23
N GLU H 64 16.27 7.72 -8.01
CA GLU H 64 17.41 7.07 -7.37
C GLU H 64 17.01 6.56 -6.00
N SER H 65 16.37 7.41 -5.20
CA SER H 65 15.93 7.00 -3.87
C SER H 65 15.02 5.78 -3.96
N LEU H 66 14.08 5.80 -4.90
CA LEU H 66 13.16 4.68 -5.07
C LEU H 66 13.93 3.40 -5.37
N ASN H 67 14.86 3.47 -6.32
CA ASN H 67 15.62 2.28 -6.67
C ASN H 67 16.45 1.83 -5.49
N ARG H 68 16.97 2.79 -4.71
CA ARG H 68 17.71 2.46 -3.50
C ARG H 68 16.84 1.61 -2.60
N HIS H 69 15.61 2.07 -2.37
CA HIS H 69 14.68 1.33 -1.53
C HIS H 69 14.47 -0.07 -2.10
N ARG H 70 14.29 -0.16 -3.41
CA ARG H 70 14.13 -1.45 -4.06
C ARG H 70 15.26 -2.40 -3.71
N LEU H 71 16.50 -2.00 -4.03
CA LEU H 71 17.63 -2.87 -3.76
C LEU H 71 17.71 -3.28 -2.30
N GLU H 72 17.24 -2.43 -1.39
CA GLU H 72 17.18 -2.80 0.02
C GLU H 72 15.87 -3.47 0.40
N GLY H 73 14.97 -3.68 -0.55
CA GLY H 73 13.68 -4.29 -0.27
C GLY H 73 12.74 -3.49 0.58
N LYS H 74 12.98 -2.19 0.72
CA LYS H 74 12.17 -1.34 1.59
C LYS H 74 10.91 -0.84 0.91
N PHE H 75 9.81 -0.91 1.66
CA PHE H 75 8.48 -0.43 1.27
C PHE H 75 7.88 -1.13 0.05
N CYS H 76 8.50 -2.21 -0.42
CA CYS H 76 7.92 -2.96 -1.53
C CYS H 76 6.63 -3.63 -1.04
N ASP H 77 5.56 -3.47 -1.82
CA ASP H 77 4.24 -3.96 -1.41
C ASP H 77 3.67 -5.05 -2.31
N VAL H 78 4.39 -5.45 -3.36
CA VAL H 78 3.93 -6.53 -4.24
C VAL H 78 5.10 -7.43 -4.56
N SER H 79 4.80 -8.72 -4.72
CA SER H 79 5.80 -9.72 -5.06
C SER H 79 5.43 -10.37 -6.39
N LEU H 80 6.37 -10.35 -7.33
CA LEU H 80 6.17 -10.80 -8.70
C LEU H 80 6.90 -12.13 -8.89
N LEU H 81 6.17 -13.16 -9.29
CA LEU H 81 6.75 -14.47 -9.54
C LEU H 81 6.93 -14.63 -11.05
N VAL H 82 8.19 -14.77 -11.47
CA VAL H 82 8.54 -14.86 -12.88
C VAL H 82 9.42 -16.10 -13.04
N GLN H 83 8.86 -17.17 -13.61
CA GLN H 83 9.61 -18.38 -13.88
C GLN H 83 10.29 -18.91 -12.62
N GLY H 84 9.59 -18.85 -11.49
CA GLY H 84 10.11 -19.34 -10.23
C GLY H 84 10.95 -18.33 -9.48
N ARG H 85 11.20 -17.16 -10.04
CA ARG H 85 12.00 -16.13 -9.40
C ARG H 85 11.07 -15.11 -8.75
N GLU H 86 11.31 -14.82 -7.47
CA GLU H 86 10.45 -13.94 -6.70
C GLU H 86 11.12 -12.58 -6.65
N LEU H 87 10.38 -11.54 -7.04
CA LEU H 87 10.92 -10.19 -7.17
C LEU H 87 10.02 -9.20 -6.45
N ARG H 88 10.56 -8.44 -5.52
CA ARG H 88 9.75 -7.51 -4.75
C ARG H 88 9.70 -6.17 -5.48
N ALA H 89 8.58 -5.47 -5.36
CA ALA H 89 8.43 -4.18 -6.04
C ALA H 89 7.28 -3.43 -5.40
N HIS H 90 7.13 -2.17 -5.81
CA HIS H 90 6.09 -1.30 -5.28
C HIS H 90 4.96 -1.15 -6.28
N LYS H 91 3.73 -1.35 -5.81
CA LYS H 91 2.58 -1.35 -6.71
C LYS H 91 2.38 -0.01 -7.42
N ALA H 92 2.49 1.10 -6.69
CA ALA H 92 2.23 2.41 -7.30
C ALA H 92 3.20 2.73 -8.43
N VAL H 93 4.49 2.47 -8.24
CA VAL H 93 5.45 2.77 -9.29
C VAL H 93 5.14 1.95 -10.53
N LEU H 94 4.86 0.66 -10.34
CA LEU H 94 4.56 -0.21 -11.46
C LEU H 94 3.32 0.24 -12.20
N ALA H 95 2.27 0.61 -11.47
CA ALA H 95 1.04 1.07 -12.12
C ALA H 95 1.28 2.38 -12.87
N ALA H 96 2.04 3.30 -12.27
CA ALA H 96 2.30 4.57 -12.93
C ALA H 96 3.18 4.42 -14.16
N ALA H 97 4.08 3.44 -14.16
CA ALA H 97 5.01 3.28 -15.26
C ALA H 97 4.46 2.43 -16.40
N SER H 98 3.73 1.35 -16.08
CA SER H 98 3.20 0.47 -17.10
C SER H 98 1.67 0.55 -17.15
N PRO H 99 1.08 0.82 -18.31
CA PRO H 99 -0.39 0.75 -18.37
C PRO H 99 -0.89 -0.64 -18.07
N TYR H 100 -0.17 -1.67 -18.52
CA TYR H 100 -0.56 -3.04 -18.19
C TYR H 100 -0.66 -3.22 -16.69
N PHE H 101 0.40 -2.86 -15.97
CA PHE H 101 0.38 -3.01 -14.53
C PHE H 101 -0.65 -2.09 -13.91
N HIS H 102 -0.78 -0.88 -14.42
CA HIS H 102 -1.82 0.02 -13.91
C HIS H 102 -3.15 -0.71 -13.87
N ASP H 103 -3.59 -1.21 -15.02
CA ASP H 103 -4.88 -1.89 -15.08
C ASP H 103 -4.88 -3.10 -14.17
N LYS H 104 -3.84 -3.92 -14.24
CA LYS H 104 -3.79 -5.15 -13.45
C LYS H 104 -4.04 -4.84 -11.98
N LEU H 105 -3.36 -3.82 -11.46
CA LEU H 105 -3.50 -3.47 -10.06
C LEU H 105 -4.88 -2.89 -9.80
N LEU H 106 -5.31 -1.96 -10.64
CA LEU H 106 -6.64 -1.36 -10.51
C LEU H 106 -7.71 -2.43 -10.41
N LEU H 107 -7.48 -3.58 -11.04
CA LEU H 107 -8.46 -4.66 -11.08
C LEU H 107 -8.26 -5.64 -9.93
N GLY H 108 -7.02 -5.93 -9.57
CA GLY H 108 -6.73 -6.94 -8.57
C GLY H 108 -5.67 -6.48 -7.60
N ASP H 109 -6.05 -6.38 -6.32
CA ASP H 109 -5.13 -5.95 -5.26
C ASP H 109 -4.55 -7.15 -4.54
N ALA H 110 -3.72 -7.89 -5.26
CA ALA H 110 -3.07 -9.06 -4.68
C ALA H 110 -1.64 -8.73 -4.31
N PRO H 111 -1.17 -9.08 -3.12
CA PRO H 111 0.24 -8.81 -2.79
C PRO H 111 1.20 -9.59 -3.67
N ARG H 112 0.75 -10.67 -4.29
CA ARG H 112 1.58 -11.48 -5.17
C ARG H 112 0.90 -11.61 -6.52
N LEU H 113 1.68 -11.39 -7.58
CA LEU H 113 1.24 -11.55 -8.96
C LEU H 113 2.22 -12.48 -9.67
N THR H 114 1.69 -13.56 -10.23
CA THR H 114 2.49 -14.50 -11.00
C THR H 114 2.34 -14.18 -12.48
N LEU H 115 3.46 -13.86 -13.13
CA LEU H 115 3.43 -13.45 -14.52
C LEU H 115 3.36 -14.67 -15.43
N PRO H 116 2.94 -14.49 -16.68
CA PRO H 116 2.89 -15.63 -17.60
C PRO H 116 4.25 -16.30 -17.73
N SER H 117 4.23 -17.63 -17.84
CA SER H 117 5.48 -18.39 -17.92
C SER H 117 6.32 -17.94 -19.11
N VAL H 118 5.69 -17.45 -20.18
CA VAL H 118 6.42 -17.05 -21.37
C VAL H 118 7.35 -15.87 -21.07
N ILE H 119 7.07 -15.11 -20.02
CA ILE H 119 7.90 -13.95 -19.70
C ILE H 119 9.18 -14.45 -19.04
N GLU H 120 10.32 -14.13 -19.66
CA GLU H 120 11.60 -14.57 -19.13
C GLU H 120 12.00 -13.74 -17.92
N ALA H 121 12.57 -14.43 -16.92
CA ALA H 121 12.94 -13.75 -15.69
C ALA H 121 14.05 -12.73 -15.92
N ASP H 122 15.06 -13.09 -16.71
CA ASP H 122 16.20 -12.20 -16.92
C ASP H 122 15.79 -10.97 -17.73
N ALA H 123 15.02 -11.17 -18.79
CA ALA H 123 14.52 -10.05 -19.56
C ALA H 123 13.67 -9.14 -18.68
N PHE H 124 12.84 -9.74 -17.84
CA PHE H 124 12.02 -8.94 -16.94
C PHE H 124 12.88 -8.14 -15.99
N GLU H 125 13.98 -8.71 -15.49
CA GLU H 125 14.82 -7.94 -14.58
C GLU H 125 15.51 -6.79 -15.30
N GLY H 126 15.94 -7.02 -16.54
CA GLY H 126 16.49 -5.93 -17.32
C GLY H 126 15.49 -4.81 -17.56
N LEU H 127 14.26 -5.18 -17.91
CA LEU H 127 13.24 -4.16 -18.12
C LEU H 127 12.86 -3.45 -16.83
N LEU H 128 12.85 -4.16 -15.71
CA LEU H 128 12.58 -3.51 -14.42
C LEU H 128 13.68 -2.53 -14.07
N GLN H 129 14.94 -2.92 -14.31
CA GLN H 129 16.04 -2.00 -14.12
C GLN H 129 15.91 -0.77 -15.01
N LEU H 130 15.52 -0.97 -16.27
CA LEU H 130 15.25 0.18 -17.13
C LEU H 130 14.14 1.05 -16.55
N ILE H 131 13.08 0.42 -16.07
CA ILE H 131 11.94 1.15 -15.51
C ILE H 131 12.40 2.01 -14.35
N TYR H 132 13.30 1.48 -13.54
CA TYR H 132 13.74 2.16 -12.34
C TYR H 132 15.00 2.98 -12.55
N SER H 133 15.54 3.03 -13.78
CA SER H 133 16.73 3.83 -14.06
C SER H 133 16.64 4.63 -15.34
N GLY H 134 15.80 4.27 -16.30
CA GLY H 134 15.85 4.90 -17.61
C GLY H 134 17.02 4.50 -18.48
N ARG H 135 17.75 3.46 -18.10
CA ARG H 135 18.89 2.98 -18.86
C ARG H 135 18.81 1.47 -18.98
N LEU H 136 19.26 0.95 -20.11
CA LEU H 136 19.24 -0.49 -20.35
C LEU H 136 20.53 -0.91 -21.03
N ARG H 137 21.27 -1.81 -20.39
CA ARG H 137 22.46 -2.41 -20.97
C ARG H 137 22.23 -3.92 -21.04
N LEU H 138 22.45 -4.49 -22.22
CA LEU H 138 22.15 -5.90 -22.43
C LEU H 138 23.03 -6.44 -23.54
N PRO H 139 23.19 -7.76 -23.62
CA PRO H 139 23.86 -8.34 -24.79
C PRO H 139 22.99 -8.22 -26.02
N LEU H 140 23.65 -8.13 -27.17
CA LEU H 140 22.94 -7.96 -28.43
C LEU H 140 21.90 -9.06 -28.66
N ASP H 141 22.31 -10.32 -28.47
CA ASP H 141 21.42 -11.45 -28.75
C ASP H 141 20.19 -11.48 -27.86
N ALA H 142 20.22 -10.81 -26.71
CA ALA H 142 19.06 -10.76 -25.84
C ALA H 142 18.08 -9.66 -26.19
N LEU H 143 18.37 -8.84 -27.20
CA LEU H 143 17.46 -7.75 -27.51
C LEU H 143 16.05 -8.21 -27.86
N PRO H 144 15.84 -9.23 -28.69
CA PRO H 144 14.47 -9.64 -28.99
C PRO H 144 13.64 -9.98 -27.76
N ALA H 145 14.14 -10.87 -26.90
CA ALA H 145 13.37 -11.27 -25.72
C ALA H 145 12.96 -10.04 -24.91
N HIS H 146 13.93 -9.20 -24.57
CA HIS H 146 13.61 -7.97 -23.85
C HIS H 146 12.52 -7.21 -24.59
N LEU H 147 12.74 -6.98 -25.89
CA LEU H 147 11.74 -6.30 -26.70
C LEU H 147 10.37 -6.95 -26.50
N LEU H 148 10.32 -8.27 -26.63
CA LEU H 148 9.05 -8.97 -26.47
C LEU H 148 8.40 -8.58 -25.16
N VAL H 149 9.16 -8.70 -24.06
CA VAL H 149 8.59 -8.39 -22.76
C VAL H 149 8.15 -6.94 -22.72
N ALA H 150 8.96 -6.03 -23.28
CA ALA H 150 8.59 -4.63 -23.31
C ALA H 150 7.23 -4.44 -23.94
N SER H 151 6.95 -5.17 -25.03
CA SER H 151 5.65 -5.05 -25.67
C SER H 151 4.56 -5.50 -24.72
N GLY H 152 4.80 -6.59 -23.99
CA GLY H 152 3.83 -7.03 -23.01
C GLY H 152 3.60 -5.99 -21.94
N LEU H 153 4.63 -5.21 -21.60
CA LEU H 153 4.50 -4.12 -20.65
C LEU H 153 4.02 -2.83 -21.27
N GLN H 154 3.79 -2.81 -22.58
CA GLN H 154 3.21 -1.66 -23.26
C GLN H 154 4.08 -0.42 -23.16
N MET H 155 5.39 -0.59 -23.37
CA MET H 155 6.34 0.53 -23.38
C MET H 155 6.58 0.88 -24.84
N TRP H 156 5.67 1.67 -25.40
CA TRP H 156 5.62 1.80 -26.85
C TRP H 156 6.73 2.66 -27.40
N GLN H 157 7.16 3.67 -26.64
CA GLN H 157 8.35 4.44 -27.03
C GLN H 157 9.58 3.55 -27.07
N VAL H 158 9.74 2.72 -26.04
CA VAL H 158 10.86 1.80 -25.99
C VAL H 158 10.77 0.78 -27.12
N VAL H 159 9.57 0.26 -27.37
CA VAL H 159 9.40 -0.68 -28.47
C VAL H 159 9.82 -0.03 -29.79
N ASP H 160 9.40 1.23 -29.99
CA ASP H 160 9.78 1.95 -31.20
C ASP H 160 11.31 2.03 -31.31
N GLN H 161 11.96 2.43 -30.22
CA GLN H 161 13.40 2.60 -30.25
C GLN H 161 14.09 1.27 -30.54
N CYS H 162 13.64 0.19 -29.91
CA CYS H 162 14.25 -1.11 -30.11
C CYS H 162 14.08 -1.60 -31.54
N SER H 163 12.90 -1.39 -32.12
CA SER H 163 12.70 -1.76 -33.51
C SER H 163 13.63 -0.97 -34.41
N GLU H 164 13.78 0.33 -34.13
CA GLU H 164 14.71 1.15 -34.90
C GLU H 164 16.13 0.63 -34.79
N ILE H 165 16.54 0.24 -33.59
CA ILE H 165 17.89 -0.26 -33.39
C ILE H 165 18.10 -1.57 -34.14
N LEU H 166 17.13 -2.49 -34.08
CA LEU H 166 17.26 -3.72 -34.85
C LEU H 166 17.38 -3.42 -36.34
N ARG H 167 16.56 -2.48 -36.84
CA ARG H 167 16.65 -2.12 -38.25
C ARG H 167 18.03 -1.56 -38.59
N GLU H 168 18.56 -0.69 -37.72
CA GLU H 168 19.89 -0.15 -37.93
C GLU H 168 20.94 -1.25 -37.96
N LEU H 169 20.82 -2.24 -37.07
CA LEU H 169 21.75 -3.37 -37.11
C LEU H 169 21.64 -4.11 -38.42
N GLU H 170 20.41 -4.32 -38.89
CA GLU H 170 20.20 -5.04 -40.15
C GLU H 170 20.84 -4.28 -41.31
N THR H 171 20.87 -2.96 -41.24
CA THR H 171 21.45 -2.15 -42.29
C THR H 171 22.95 -1.94 -42.03
N THR I 50 -32.30 -38.93 -18.48
CA THR I 50 -31.55 -37.68 -18.64
C THR I 50 -30.90 -37.65 -20.01
N ILE I 51 -30.90 -36.48 -20.65
CA ILE I 51 -30.34 -36.33 -21.99
C ILE I 51 -29.22 -35.32 -21.97
N GLN I 52 -28.24 -35.53 -22.86
CA GLN I 52 -27.11 -34.64 -23.04
C GLN I 52 -26.98 -34.34 -24.53
N ILE I 53 -27.00 -33.06 -24.89
CA ILE I 53 -26.86 -32.65 -26.29
C ILE I 53 -25.61 -31.79 -26.43
N GLU I 54 -24.80 -32.11 -27.44
CA GLU I 54 -23.59 -31.36 -27.73
C GLU I 54 -23.56 -31.05 -29.22
N PHE I 55 -23.16 -29.83 -29.57
CA PHE I 55 -23.07 -29.42 -30.98
C PHE I 55 -21.67 -28.89 -31.26
N PRO I 56 -20.73 -29.75 -31.64
CA PRO I 56 -19.34 -29.30 -31.75
C PRO I 56 -19.16 -28.14 -32.70
N GLN I 57 -19.90 -28.11 -33.81
CA GLN I 57 -19.79 -27.06 -34.80
C GLN I 57 -20.74 -25.89 -34.55
N HIS I 58 -21.42 -25.88 -33.40
CA HIS I 58 -22.42 -24.84 -33.14
C HIS I 58 -21.74 -23.51 -32.81
N SER I 59 -20.82 -23.53 -31.86
CA SER I 59 -20.17 -22.29 -31.45
C SER I 59 -19.41 -21.69 -32.62
N SER I 60 -18.73 -22.54 -33.40
CA SER I 60 -18.01 -22.07 -34.57
C SER I 60 -18.96 -21.40 -35.55
N SER I 61 -20.11 -22.02 -35.80
CA SER I 61 -21.08 -21.43 -36.73
C SER I 61 -21.57 -20.08 -36.21
N LEU I 62 -21.85 -19.99 -34.91
CA LEU I 62 -22.26 -18.72 -34.33
C LEU I 62 -21.18 -17.67 -34.55
N LEU I 63 -19.92 -18.05 -34.34
CA LEU I 63 -18.82 -17.14 -34.58
C LEU I 63 -18.79 -16.72 -36.03
N GLU I 64 -19.03 -17.65 -36.94
CA GLU I 64 -19.01 -17.30 -38.36
C GLU I 64 -20.07 -16.27 -38.64
N SER I 65 -21.28 -16.47 -38.10
CA SER I 65 -22.35 -15.50 -38.29
C SER I 65 -21.93 -14.14 -37.76
N LEU I 66 -21.34 -14.12 -36.57
CA LEU I 66 -20.90 -12.86 -35.97
C LEU I 66 -19.90 -12.18 -36.87
N ASN I 67 -18.93 -12.94 -37.38
CA ASN I 67 -17.91 -12.37 -38.24
C ASN I 67 -18.54 -11.80 -39.49
N ARG I 68 -19.48 -12.54 -40.08
CA ARG I 68 -20.16 -12.06 -41.29
C ARG I 68 -20.85 -10.74 -41.00
N HIS I 69 -21.49 -10.65 -39.85
CA HIS I 69 -22.16 -9.40 -39.47
C HIS I 69 -21.13 -8.28 -39.40
N ARG I 70 -20.01 -8.53 -38.72
CA ARG I 70 -18.97 -7.52 -38.63
C ARG I 70 -18.55 -7.08 -40.03
N LEU I 71 -18.41 -8.03 -40.96
CA LEU I 71 -18.00 -7.68 -42.31
C LEU I 71 -19.03 -6.75 -42.95
N GLU I 72 -20.29 -7.17 -42.97
CA GLU I 72 -21.34 -6.40 -43.62
C GLU I 72 -21.68 -5.11 -42.86
N GLY I 73 -21.02 -4.87 -41.73
CA GLY I 73 -21.32 -3.77 -40.84
C GLY I 73 -22.55 -3.88 -39.98
N LYS I 74 -23.12 -5.08 -39.81
CA LYS I 74 -24.33 -5.20 -39.03
C LYS I 74 -24.00 -5.33 -37.55
N PHE I 75 -24.73 -4.58 -36.73
CA PHE I 75 -24.62 -4.63 -35.27
C PHE I 75 -23.25 -4.22 -34.76
N CYS I 76 -22.36 -3.70 -35.62
CA CYS I 76 -21.07 -3.22 -35.13
C CYS I 76 -21.30 -2.00 -34.24
N ASP I 77 -20.71 -2.02 -33.04
CA ASP I 77 -20.93 -0.97 -32.06
C ASP I 77 -19.67 -0.19 -31.70
N VAL I 78 -18.50 -0.53 -32.25
CA VAL I 78 -17.28 0.20 -31.95
C VAL I 78 -16.49 0.42 -33.24
N SER I 79 -15.80 1.56 -33.29
CA SER I 79 -14.96 1.93 -34.41
C SER I 79 -13.53 2.08 -33.92
N LEU I 80 -12.62 1.35 -34.55
CA LEU I 80 -11.22 1.29 -34.15
C LEU I 80 -10.41 2.08 -35.16
N LEU I 81 -9.67 3.08 -34.70
CA LEU I 81 -8.83 3.90 -35.55
C LEU I 81 -7.40 3.43 -35.41
N VAL I 82 -6.86 2.93 -36.52
CA VAL I 82 -5.51 2.36 -36.59
C VAL I 82 -4.81 3.08 -37.72
N GLN I 83 -3.89 3.99 -37.37
CA GLN I 83 -3.11 4.72 -38.36
C GLN I 83 -4.03 5.39 -39.37
N GLY I 84 -5.12 5.99 -38.86
CA GLY I 84 -6.08 6.69 -39.68
C GLY I 84 -7.15 5.84 -40.32
N ARG I 85 -7.10 4.51 -40.15
CA ARG I 85 -8.07 3.60 -40.74
C ARG I 85 -9.14 3.23 -39.73
N GLU I 86 -10.40 3.38 -40.12
CA GLU I 86 -11.54 3.13 -39.24
C GLU I 86 -12.11 1.74 -39.53
N LEU I 87 -12.25 0.94 -38.47
CA LEU I 87 -12.66 -0.44 -38.58
C LEU I 87 -13.80 -0.73 -37.61
N ARG I 88 -14.92 -1.23 -38.12
CA ARG I 88 -16.07 -1.48 -37.28
C ARG I 88 -15.99 -2.89 -36.68
N ALA I 89 -16.51 -3.02 -35.46
CA ALA I 89 -16.47 -4.29 -34.75
C ALA I 89 -17.47 -4.26 -33.60
N HIS I 90 -17.60 -5.41 -32.94
CA HIS I 90 -18.54 -5.59 -31.84
C HIS I 90 -17.79 -5.55 -30.52
N LYS I 91 -18.28 -4.73 -29.58
CA LYS I 91 -17.57 -4.55 -28.32
C LYS I 91 -17.49 -5.86 -27.54
N ALA I 92 -18.60 -6.60 -27.49
CA ALA I 92 -18.62 -7.83 -26.70
C ALA I 92 -17.61 -8.84 -27.20
N VAL I 93 -17.52 -9.04 -28.51
CA VAL I 93 -16.57 -10.01 -29.05
C VAL I 93 -15.16 -9.59 -28.70
N LEU I 94 -14.84 -8.31 -28.90
CA LEU I 94 -13.49 -7.84 -28.64
C LEU I 94 -13.13 -7.97 -27.16
N ALA I 95 -14.04 -7.61 -26.26
CA ALA I 95 -13.77 -7.75 -24.84
C ALA I 95 -13.60 -9.21 -24.43
N ALA I 96 -14.46 -10.08 -24.96
CA ALA I 96 -14.38 -11.51 -24.63
C ALA I 96 -13.11 -12.16 -25.17
N ALA I 97 -12.62 -11.69 -26.31
CA ALA I 97 -11.48 -12.30 -26.96
C ALA I 97 -10.13 -11.78 -26.46
N SER I 98 -10.03 -10.49 -26.15
CA SER I 98 -8.74 -9.88 -25.84
C SER I 98 -8.75 -9.28 -24.44
N PRO I 99 -7.88 -9.72 -23.53
CA PRO I 99 -7.89 -9.11 -22.19
C PRO I 99 -7.45 -7.67 -22.25
N TYR I 100 -6.54 -7.34 -23.16
CA TYR I 100 -6.16 -5.94 -23.36
C TYR I 100 -7.38 -5.12 -23.73
N PHE I 101 -8.05 -5.52 -24.81
CA PHE I 101 -9.26 -4.81 -25.18
C PHE I 101 -10.33 -4.98 -24.11
N HIS I 102 -10.32 -6.11 -23.41
CA HIS I 102 -11.27 -6.31 -22.32
C HIS I 102 -11.20 -5.18 -21.31
N ASP I 103 -10.04 -4.98 -20.68
CA ASP I 103 -9.94 -3.91 -19.70
C ASP I 103 -10.14 -2.55 -20.36
N LYS I 104 -9.66 -2.39 -21.60
CA LYS I 104 -9.84 -1.10 -22.27
C LYS I 104 -11.32 -0.73 -22.27
N LEU I 105 -12.17 -1.66 -22.72
CA LEU I 105 -13.59 -1.38 -22.74
C LEU I 105 -14.16 -1.26 -21.33
N LEU I 106 -13.74 -2.15 -20.43
CA LEU I 106 -14.20 -2.13 -19.04
C LEU I 106 -14.01 -0.75 -18.41
N LEU I 107 -12.97 -0.04 -18.81
CA LEU I 107 -12.64 1.24 -18.21
C LEU I 107 -13.22 2.42 -18.99
N GLY I 108 -13.41 2.28 -20.29
CA GLY I 108 -13.85 3.39 -21.11
C GLY I 108 -14.91 2.97 -22.12
N ASP I 109 -16.11 3.55 -22.01
CA ASP I 109 -17.20 3.24 -22.92
C ASP I 109 -17.29 4.28 -24.03
N ALA I 110 -16.27 4.26 -24.89
CA ALA I 110 -16.23 5.17 -26.02
C ALA I 110 -16.64 4.44 -27.28
N PRO I 111 -17.54 5.00 -28.11
CA PRO I 111 -17.88 4.32 -29.36
C PRO I 111 -16.71 4.21 -30.32
N ARG I 112 -15.70 5.06 -30.15
CA ARG I 112 -14.52 5.07 -31.00
C ARG I 112 -13.28 4.93 -30.13
N LEU I 113 -12.38 4.02 -30.51
CA LEU I 113 -11.11 3.84 -29.82
C LEU I 113 -9.99 3.96 -30.85
N THR I 114 -9.09 4.90 -30.63
CA THR I 114 -7.92 5.08 -31.48
C THR I 114 -6.71 4.42 -30.83
N LEU I 115 -6.13 3.45 -31.52
CA LEU I 115 -5.00 2.71 -30.99
C LEU I 115 -3.72 3.50 -31.22
N PRO I 116 -2.65 3.17 -30.48
CA PRO I 116 -1.39 3.87 -30.68
C PRO I 116 -0.92 3.79 -32.12
N SER I 117 -0.31 4.89 -32.59
CA SER I 117 0.15 4.96 -33.97
C SER I 117 1.11 3.84 -34.29
N VAL I 118 1.84 3.33 -33.29
CA VAL I 118 2.80 2.27 -33.52
C VAL I 118 2.13 1.02 -34.02
N ILE I 119 0.83 0.87 -33.78
CA ILE I 119 0.12 -0.34 -34.20
C ILE I 119 -0.11 -0.24 -35.69
N GLU I 120 0.42 -1.20 -36.43
CA GLU I 120 0.31 -1.23 -37.89
C GLU I 120 -1.09 -1.66 -38.33
N ALA I 121 -1.59 -1.00 -39.38
CA ALA I 121 -2.94 -1.28 -39.86
C ALA I 121 -3.03 -2.69 -40.42
N ASP I 122 -2.03 -3.11 -41.19
CA ASP I 122 -2.08 -4.43 -41.83
C ASP I 122 -1.95 -5.53 -40.79
N ALA I 123 -1.02 -5.38 -39.85
CA ALA I 123 -0.89 -6.36 -38.78
C ALA I 123 -2.16 -6.44 -37.97
N PHE I 124 -2.76 -5.28 -37.67
CA PHE I 124 -4.02 -5.28 -36.93
C PHE I 124 -5.11 -5.98 -37.71
N GLU I 125 -5.13 -5.80 -39.03
CA GLU I 125 -6.17 -6.47 -39.82
C GLU I 125 -5.98 -7.97 -39.83
N GLY I 126 -4.73 -8.43 -39.92
CA GLY I 126 -4.48 -9.85 -39.80
C GLY I 126 -4.88 -10.42 -38.46
N LEU I 127 -4.54 -9.71 -37.38
CA LEU I 127 -4.91 -10.17 -36.05
C LEU I 127 -6.42 -10.15 -35.84
N LEU I 128 -7.10 -9.15 -36.40
CA LEU I 128 -8.56 -9.12 -36.29
C LEU I 128 -9.19 -10.27 -37.06
N GLN I 129 -8.67 -10.57 -38.25
CA GLN I 129 -9.13 -11.73 -38.99
C GLN I 129 -8.92 -13.01 -38.20
N LEU I 130 -7.76 -13.15 -37.56
CA LEU I 130 -7.55 -14.31 -36.71
C LEU I 130 -8.56 -14.34 -35.57
N ILE I 131 -8.79 -13.18 -34.94
CA ILE I 131 -9.70 -13.10 -33.80
C ILE I 131 -11.09 -13.58 -34.19
N TYR I 132 -11.55 -13.19 -35.37
CA TYR I 132 -12.90 -13.52 -35.81
C TYR I 132 -12.96 -14.76 -36.69
N SER I 133 -11.82 -15.41 -36.93
CA SER I 133 -11.78 -16.64 -37.72
C SER I 133 -10.91 -17.72 -37.12
N GLY I 134 -9.95 -17.40 -36.26
CA GLY I 134 -8.99 -18.39 -35.84
C GLY I 134 -7.94 -18.73 -36.87
N ARG I 135 -7.83 -17.94 -37.94
CA ARG I 135 -6.86 -18.21 -39.00
C ARG I 135 -6.11 -16.94 -39.35
N LEU I 136 -4.84 -17.12 -39.72
CA LEU I 136 -3.96 -16.01 -40.08
C LEU I 136 -3.11 -16.41 -41.28
N ARG I 137 -3.20 -15.64 -42.36
CA ARG I 137 -2.36 -15.84 -43.53
C ARG I 137 -1.57 -14.56 -43.72
N LEU I 138 -0.25 -14.66 -43.86
CA LEU I 138 0.57 -13.46 -43.92
C LEU I 138 1.86 -13.76 -44.67
N PRO I 139 2.53 -12.74 -45.19
CA PRO I 139 3.88 -12.94 -45.74
C PRO I 139 4.91 -13.18 -44.64
N LEU I 140 5.95 -13.93 -44.99
CA LEU I 140 6.98 -14.27 -44.02
C LEU I 140 7.61 -13.02 -43.40
N ASP I 141 8.01 -12.06 -44.24
CA ASP I 141 8.71 -10.87 -43.74
C ASP I 141 7.86 -10.02 -42.80
N ALA I 142 6.54 -10.15 -42.86
CA ALA I 142 5.65 -9.40 -41.98
C ALA I 142 5.45 -10.07 -40.64
N LEU I 143 6.06 -11.24 -40.42
CA LEU I 143 5.84 -11.95 -39.17
C LEU I 143 6.24 -11.16 -37.93
N PRO I 144 7.39 -10.48 -37.87
CA PRO I 144 7.71 -9.71 -36.65
C PRO I 144 6.63 -8.71 -36.27
N ALA I 145 6.25 -7.83 -37.20
CA ALA I 145 5.28 -6.79 -36.87
C ALA I 145 4.01 -7.40 -36.27
N HIS I 146 3.42 -8.37 -36.95
CA HIS I 146 2.24 -9.04 -36.42
C HIS I 146 2.50 -9.53 -35.01
N LEU I 147 3.61 -10.25 -34.82
CA LEU I 147 3.96 -10.73 -33.49
C LEU I 147 3.92 -9.59 -32.48
N LEU I 148 4.57 -8.48 -32.81
CA LEU I 148 4.61 -7.35 -31.89
C LEU I 148 3.21 -6.99 -31.45
N VAL I 149 2.31 -6.80 -32.40
CA VAL I 149 0.95 -6.37 -32.08
C VAL I 149 0.29 -7.40 -31.19
N ALA I 150 0.49 -8.68 -31.48
CA ALA I 150 -0.12 -9.72 -30.66
C ALA I 150 0.22 -9.53 -29.19
N SER I 151 1.47 -9.17 -28.89
CA SER I 151 1.82 -8.98 -27.48
C SER I 151 1.02 -7.84 -26.89
N GLY I 152 0.85 -6.76 -27.63
CA GLY I 152 0.02 -5.67 -27.14
C GLY I 152 -1.41 -6.10 -26.90
N LEU I 153 -1.91 -7.03 -27.72
CA LEU I 153 -3.24 -7.56 -27.53
C LEU I 153 -3.30 -8.72 -26.55
N GLN I 154 -2.16 -9.14 -26.01
CA GLN I 154 -2.11 -10.17 -24.97
C GLN I 154 -2.66 -11.51 -25.47
N MET I 155 -2.26 -11.91 -26.67
CA MET I 155 -2.63 -13.20 -27.24
C MET I 155 -1.46 -14.15 -27.04
N TRP I 156 -1.38 -14.72 -25.84
CA TRP I 156 -0.14 -15.37 -25.42
C TRP I 156 0.05 -16.74 -26.07
N GLN I 157 -1.04 -17.45 -26.37
CA GLN I 157 -0.93 -18.69 -27.14
C GLN I 157 -0.37 -18.41 -28.53
N VAL I 158 -0.89 -17.39 -29.19
CA VAL I 158 -0.40 -17.02 -30.51
C VAL I 158 1.04 -16.54 -30.42
N VAL I 159 1.35 -15.74 -29.41
CA VAL I 159 2.72 -15.29 -29.23
C VAL I 159 3.66 -16.47 -29.06
N ASP I 160 3.26 -17.45 -28.26
CA ASP I 160 4.08 -18.65 -28.07
C ASP I 160 4.32 -19.35 -29.40
N GLN I 161 3.25 -19.56 -30.17
CA GLN I 161 3.39 -20.27 -31.43
C GLN I 161 4.28 -19.50 -32.39
N CYS I 162 4.09 -18.18 -32.46
CA CYS I 162 4.88 -17.35 -33.36
C CYS I 162 6.35 -17.33 -32.95
N SER I 163 6.64 -17.25 -31.65
CA SER I 163 8.03 -17.31 -31.22
C SER I 163 8.65 -18.64 -31.58
N GLU I 164 7.91 -19.73 -31.41
CA GLU I 164 8.42 -21.05 -31.80
C GLU I 164 8.72 -21.09 -33.29
N ILE I 165 7.82 -20.53 -34.09
CA ILE I 165 8.00 -20.53 -35.54
C ILE I 165 9.20 -19.68 -35.95
N LEU I 166 9.36 -18.50 -35.34
CA LEU I 166 10.54 -17.68 -35.64
C LEU I 166 11.81 -18.43 -35.30
N ARG I 167 11.82 -19.12 -34.16
CA ARG I 167 12.99 -19.90 -33.78
C ARG I 167 13.26 -20.99 -34.82
N GLU I 168 12.20 -21.66 -35.27
CA GLU I 168 12.33 -22.66 -36.32
C GLU I 168 12.92 -22.05 -37.60
N LEU I 169 12.47 -20.85 -37.94
CA LEU I 169 13.02 -20.16 -39.11
C LEU I 169 14.50 -19.91 -38.94
N GLU I 170 14.91 -19.49 -37.75
CA GLU I 170 16.33 -19.23 -37.52
C GLU I 170 17.14 -20.50 -37.73
N THR I 171 16.56 -21.64 -37.43
CA THR I 171 17.25 -22.92 -37.59
C THR I 171 17.02 -23.45 -39.00
N THR J 50 3.03 -20.59 -44.65
CA THR J 50 1.79 -20.14 -44.01
C THR J 50 1.39 -21.12 -42.92
N ILE J 51 0.91 -20.60 -41.79
CA ILE J 51 0.53 -21.41 -40.65
C ILE J 51 -0.94 -21.20 -40.32
N GLN J 52 -1.54 -22.25 -39.77
CA GLN J 52 -2.94 -22.24 -39.34
C GLN J 52 -2.99 -22.75 -37.91
N ILE J 53 -3.58 -21.97 -37.00
CA ILE J 53 -3.70 -22.33 -35.59
C ILE J 53 -5.17 -22.46 -35.25
N GLU J 54 -5.51 -23.54 -34.55
CA GLU J 54 -6.88 -23.82 -34.12
C GLU J 54 -6.89 -24.16 -32.63
N PHE J 55 -7.90 -23.64 -31.92
CA PHE J 55 -8.08 -23.84 -30.48
C PHE J 55 -9.46 -24.44 -30.21
N PRO J 56 -9.58 -25.77 -30.18
CA PRO J 56 -10.93 -26.36 -30.12
C PRO J 56 -11.76 -25.87 -28.95
N GLN J 57 -11.14 -25.65 -27.80
CA GLN J 57 -11.86 -25.20 -26.62
C GLN J 57 -11.89 -23.69 -26.49
N HIS J 58 -11.44 -22.96 -27.51
CA HIS J 58 -11.50 -21.51 -27.44
C HIS J 58 -12.95 -21.05 -27.33
N SER J 59 -13.81 -21.62 -28.17
CA SER J 59 -15.21 -21.20 -28.18
C SER J 59 -15.87 -21.52 -26.85
N SER J 60 -15.62 -22.72 -26.33
CA SER J 60 -16.21 -23.15 -25.07
C SER J 60 -15.73 -22.27 -23.92
N SER J 61 -14.44 -21.95 -23.90
CA SER J 61 -13.93 -21.07 -22.86
C SER J 61 -14.57 -19.69 -22.95
N LEU J 62 -14.73 -19.19 -24.16
CA LEU J 62 -15.38 -17.88 -24.32
C LEU J 62 -16.82 -17.93 -23.83
N LEU J 63 -17.55 -18.99 -24.17
CA LEU J 63 -18.94 -19.09 -23.74
C LEU J 63 -19.06 -19.28 -22.24
N GLU J 64 -18.15 -20.00 -21.60
CA GLU J 64 -18.23 -20.13 -20.15
C GLU J 64 -17.93 -18.78 -19.49
N SER J 65 -16.86 -18.13 -19.93
CA SER J 65 -16.51 -16.84 -19.33
C SER J 65 -17.67 -15.87 -19.46
N LEU J 66 -18.25 -15.77 -20.66
CA LEU J 66 -19.36 -14.84 -20.87
C LEU J 66 -20.58 -15.22 -20.04
N ASN J 67 -20.87 -16.52 -19.94
CA ASN J 67 -22.01 -16.94 -19.12
C ASN J 67 -21.79 -16.52 -17.68
N ARG J 68 -20.57 -16.70 -17.17
CA ARG J 68 -20.27 -16.29 -15.81
C ARG J 68 -20.42 -14.78 -15.68
N HIS J 69 -19.92 -14.03 -16.66
CA HIS J 69 -20.10 -12.58 -16.64
C HIS J 69 -21.56 -12.24 -16.48
N ARG J 70 -22.43 -12.91 -17.23
CA ARG J 70 -23.86 -12.71 -17.06
C ARG J 70 -24.27 -12.98 -15.62
N LEU J 71 -23.95 -14.18 -15.13
CA LEU J 71 -24.21 -14.50 -13.72
C LEU J 71 -23.66 -13.42 -12.81
N GLU J 72 -22.61 -12.73 -13.23
CA GLU J 72 -22.06 -11.61 -12.49
C GLU J 72 -22.74 -10.29 -12.85
N GLY J 73 -23.72 -10.32 -13.75
CA GLY J 73 -24.39 -9.10 -14.18
C GLY J 73 -23.52 -8.14 -14.95
N LYS J 74 -22.37 -8.58 -15.42
CA LYS J 74 -21.44 -7.69 -16.09
C LYS J 74 -21.77 -7.54 -17.56
N PHE J 75 -21.76 -6.30 -18.05
CA PHE J 75 -21.98 -5.96 -19.45
C PHE J 75 -23.35 -6.36 -19.97
N CYS J 76 -24.27 -6.80 -19.12
CA CYS J 76 -25.61 -7.11 -19.59
C CYS J 76 -26.28 -5.82 -20.03
N ASP J 77 -26.85 -5.83 -21.24
CA ASP J 77 -27.44 -4.64 -21.84
C ASP J 77 -28.94 -4.75 -22.09
N VAL J 78 -29.59 -5.86 -21.77
CA VAL J 78 -31.03 -5.98 -21.96
C VAL J 78 -31.62 -6.67 -20.74
N SER J 79 -32.84 -6.26 -20.42
CA SER J 79 -33.59 -6.82 -19.30
C SER J 79 -34.88 -7.45 -19.81
N LEU J 80 -35.08 -8.72 -19.47
CA LEU J 80 -36.22 -9.49 -19.96
C LEU J 80 -37.19 -9.69 -18.81
N LEU J 81 -38.43 -9.25 -19.01
CA LEU J 81 -39.47 -9.38 -18.00
C LEU J 81 -40.36 -10.56 -18.38
N VAL J 82 -40.38 -11.58 -17.54
CA VAL J 82 -41.12 -12.81 -17.77
C VAL J 82 -41.95 -13.08 -16.53
N GLN J 83 -43.26 -12.83 -16.62
CA GLN J 83 -44.18 -13.10 -15.52
C GLN J 83 -43.72 -12.39 -14.25
N GLY J 84 -43.26 -11.14 -14.40
CA GLY J 84 -42.80 -10.35 -13.29
C GLY J 84 -41.37 -10.57 -12.87
N ARG J 85 -40.67 -11.52 -13.49
CA ARG J 85 -39.29 -11.83 -13.16
C ARG J 85 -38.35 -11.16 -14.15
N GLU J 86 -37.37 -10.43 -13.61
CA GLU J 86 -36.44 -9.66 -14.44
C GLU J 86 -35.13 -10.42 -14.57
N LEU J 87 -34.69 -10.63 -15.81
CA LEU J 87 -33.48 -11.39 -16.11
C LEU J 87 -32.61 -10.60 -17.07
N ARG J 88 -31.37 -10.35 -16.68
CA ARG J 88 -30.46 -9.56 -17.50
C ARG J 88 -29.72 -10.46 -18.48
N ALA J 89 -29.39 -9.89 -19.64
CA ALA J 89 -28.72 -10.66 -20.67
C ALA J 89 -28.08 -9.69 -21.66
N HIS J 90 -27.30 -10.26 -22.59
CA HIS J 90 -26.57 -9.48 -23.58
C HIS J 90 -27.28 -9.59 -24.93
N LYS J 91 -27.51 -8.45 -25.56
CA LYS J 91 -28.28 -8.42 -26.80
C LYS J 91 -27.59 -9.18 -27.93
N ALA J 92 -26.28 -9.01 -28.09
CA ALA J 92 -25.60 -9.63 -29.23
C ALA J 92 -25.67 -11.16 -29.18
N VAL J 93 -25.42 -11.75 -28.02
CA VAL J 93 -25.45 -13.21 -27.92
C VAL J 93 -26.85 -13.73 -28.22
N LEU J 94 -27.87 -13.10 -27.64
CA LEU J 94 -29.24 -13.55 -27.85
C LEU J 94 -29.63 -13.42 -29.32
N ALA J 95 -29.29 -12.30 -29.95
CA ALA J 95 -29.62 -12.13 -31.36
C ALA J 95 -28.89 -13.14 -32.23
N ALA J 96 -27.62 -13.40 -31.94
CA ALA J 96 -26.85 -14.35 -32.72
C ALA J 96 -27.37 -15.76 -32.56
N ALA J 97 -27.89 -16.09 -31.38
CA ALA J 97 -28.33 -17.46 -31.11
C ALA J 97 -29.76 -17.73 -31.55
N SER J 98 -30.67 -16.78 -31.35
CA SER J 98 -32.07 -17.01 -31.70
C SER J 98 -32.50 -16.12 -32.85
N PRO J 99 -33.05 -16.69 -33.93
CA PRO J 99 -33.59 -15.83 -34.98
C PRO J 99 -34.73 -14.97 -34.47
N TYR J 100 -35.57 -15.52 -33.58
CA TYR J 100 -36.64 -14.72 -33.00
C TYR J 100 -36.11 -13.48 -32.32
N PHE J 101 -35.13 -13.65 -31.44
CA PHE J 101 -34.57 -12.51 -30.73
C PHE J 101 -33.86 -11.58 -31.72
N HIS J 102 -33.14 -12.16 -32.68
CA HIS J 102 -32.47 -11.35 -33.69
C HIS J 102 -33.47 -10.41 -34.36
N ASP J 103 -34.56 -10.98 -34.85
CA ASP J 103 -35.58 -10.19 -35.53
C ASP J 103 -36.13 -9.12 -34.59
N LYS J 104 -36.45 -9.51 -33.36
CA LYS J 104 -37.04 -8.56 -32.43
C LYS J 104 -36.10 -7.38 -32.26
N LEU J 105 -34.81 -7.66 -32.14
CA LEU J 105 -33.82 -6.61 -31.93
C LEU J 105 -33.72 -5.73 -33.17
N LEU J 106 -33.66 -6.36 -34.35
CA LEU J 106 -33.60 -5.60 -35.58
C LEU J 106 -34.76 -4.64 -35.67
N LEU J 107 -35.91 -5.02 -35.11
CA LEU J 107 -37.10 -4.17 -35.21
C LEU J 107 -37.22 -3.20 -34.05
N GLY J 108 -36.69 -3.56 -32.88
CA GLY J 108 -36.86 -2.73 -31.70
C GLY J 108 -35.66 -2.78 -30.78
N ASP J 109 -35.03 -1.62 -30.57
CA ASP J 109 -33.87 -1.50 -29.70
C ASP J 109 -34.30 -0.99 -28.32
N ALA J 110 -35.02 -1.84 -27.60
CA ALA J 110 -35.46 -1.46 -26.26
C ALA J 110 -34.58 -2.11 -25.22
N PRO J 111 -34.10 -1.38 -24.21
CA PRO J 111 -33.29 -2.02 -23.17
C PRO J 111 -34.06 -3.06 -22.37
N ARG J 112 -35.40 -2.98 -22.37
CA ARG J 112 -36.23 -3.93 -21.67
C ARG J 112 -37.24 -4.51 -22.64
N LEU J 113 -37.38 -5.83 -22.60
CA LEU J 113 -38.35 -6.55 -23.41
C LEU J 113 -39.20 -7.40 -22.47
N THR J 114 -40.51 -7.18 -22.51
CA THR J 114 -41.45 -7.97 -21.73
C THR J 114 -42.00 -9.07 -22.62
N LEU J 115 -41.79 -10.31 -22.23
CA LEU J 115 -42.19 -11.43 -23.04
C LEU J 115 -43.68 -11.71 -22.84
N PRO J 116 -44.31 -12.43 -23.77
CA PRO J 116 -45.73 -12.75 -23.61
C PRO J 116 -45.99 -13.47 -22.30
N SER J 117 -47.12 -13.13 -21.67
CA SER J 117 -47.47 -13.73 -20.38
C SER J 117 -47.54 -15.25 -20.49
N VAL J 118 -47.86 -15.77 -21.67
CA VAL J 118 -48.00 -17.21 -21.84
C VAL J 118 -46.68 -17.91 -21.60
N ILE J 119 -45.56 -17.20 -21.74
CA ILE J 119 -44.25 -17.83 -21.57
C ILE J 119 -43.99 -17.98 -20.08
N GLU J 120 -43.80 -19.23 -19.64
CA GLU J 120 -43.56 -19.53 -18.24
C GLU J 120 -42.13 -19.17 -17.84
N ALA J 121 -41.98 -18.64 -16.62
CA ALA J 121 -40.69 -18.16 -16.14
C ALA J 121 -39.67 -19.29 -15.99
N ASP J 122 -40.10 -20.45 -15.47
CA ASP J 122 -39.16 -21.53 -15.21
C ASP J 122 -38.60 -22.11 -16.50
N ALA J 123 -39.47 -22.34 -17.49
CA ALA J 123 -38.99 -22.84 -18.77
C ALA J 123 -38.04 -21.84 -19.41
N PHE J 124 -38.39 -20.54 -19.34
CA PHE J 124 -37.52 -19.53 -19.93
C PHE J 124 -36.16 -19.47 -19.26
N GLU J 125 -36.12 -19.58 -17.93
CA GLU J 125 -34.81 -19.55 -17.27
C GLU J 125 -33.99 -20.80 -17.58
N GLY J 126 -34.63 -21.97 -17.64
CA GLY J 126 -33.92 -23.15 -18.06
C GLY J 126 -33.37 -23.04 -19.48
N LEU J 127 -34.18 -22.51 -20.39
CA LEU J 127 -33.72 -22.32 -21.77
C LEU J 127 -32.61 -21.28 -21.84
N LEU J 128 -32.67 -20.26 -21.00
CA LEU J 128 -31.59 -19.27 -20.96
C LEU J 128 -30.30 -19.93 -20.49
N GLN J 129 -30.40 -20.79 -19.49
CA GLN J 129 -29.25 -21.56 -19.06
C GLN J 129 -28.71 -22.42 -20.18
N LEU J 130 -29.58 -23.08 -20.94
CA LEU J 130 -29.12 -23.86 -22.09
C LEU J 130 -28.44 -22.99 -23.13
N ILE J 131 -29.03 -21.85 -23.47
CA ILE J 131 -28.45 -20.99 -24.50
C ILE J 131 -27.05 -20.55 -24.09
N TYR J 132 -26.88 -20.24 -22.80
CA TYR J 132 -25.61 -19.70 -22.33
C TYR J 132 -24.69 -20.79 -21.79
N SER J 133 -25.09 -22.06 -21.87
CA SER J 133 -24.27 -23.17 -21.43
C SER J 133 -24.27 -24.35 -22.40
N GLY J 134 -25.28 -24.48 -23.26
CA GLY J 134 -25.43 -25.65 -24.08
C GLY J 134 -25.94 -26.87 -23.34
N ARG J 135 -26.41 -26.71 -22.11
CA ARG J 135 -26.91 -27.82 -21.32
C ARG J 135 -28.24 -27.44 -20.69
N LEU J 136 -29.14 -28.42 -20.56
CA LEU J 136 -30.46 -28.19 -19.98
C LEU J 136 -30.83 -29.35 -19.08
N ARG J 137 -31.08 -29.06 -17.81
CA ARG J 137 -31.59 -30.04 -16.85
C ARG J 137 -32.93 -29.56 -16.33
N LEU J 138 -33.93 -30.43 -16.38
CA LEU J 138 -35.29 -30.06 -16.04
C LEU J 138 -36.02 -31.32 -15.59
N PRO J 139 -37.13 -31.18 -14.86
CA PRO J 139 -37.97 -32.34 -14.58
C PRO J 139 -38.68 -32.82 -15.84
N LEU J 140 -38.96 -34.12 -15.86
CA LEU J 140 -39.59 -34.73 -17.03
C LEU J 140 -40.92 -34.05 -17.38
N ASP J 141 -41.79 -33.85 -16.38
CA ASP J 141 -43.10 -33.30 -16.65
C ASP J 141 -43.05 -31.87 -17.20
N ALA J 142 -41.96 -31.16 -16.98
CA ALA J 142 -41.80 -29.81 -17.50
C ALA J 142 -41.27 -29.78 -18.93
N LEU J 143 -40.98 -30.95 -19.52
CA LEU J 143 -40.43 -30.97 -20.86
C LEU J 143 -41.35 -30.31 -21.88
N PRO J 144 -42.66 -30.56 -21.89
CA PRO J 144 -43.51 -29.86 -22.87
C PRO J 144 -43.36 -28.35 -22.78
N ALA J 145 -43.54 -27.79 -21.59
CA ALA J 145 -43.47 -26.34 -21.43
C ALA J 145 -42.16 -25.81 -22.00
N HIS J 146 -41.03 -26.37 -21.55
CA HIS J 146 -39.75 -25.96 -22.11
C HIS J 146 -39.78 -26.05 -23.62
N LEU J 147 -40.19 -27.21 -24.13
CA LEU J 147 -40.30 -27.39 -25.58
C LEU J 147 -41.09 -26.25 -26.18
N LEU J 148 -42.26 -25.95 -25.58
CA LEU J 148 -43.10 -24.89 -26.10
C LEU J 148 -42.30 -23.62 -26.26
N VAL J 149 -41.61 -23.20 -25.20
CA VAL J 149 -40.87 -21.94 -25.27
C VAL J 149 -39.83 -22.02 -26.37
N ALA J 150 -39.13 -23.15 -26.48
CA ALA J 150 -38.13 -23.31 -27.52
C ALA J 150 -38.74 -23.05 -28.89
N SER J 151 -39.96 -23.53 -29.11
CA SER J 151 -40.61 -23.31 -30.40
C SER J 151 -40.85 -21.83 -30.62
N GLY J 152 -41.28 -21.11 -29.58
CA GLY J 152 -41.45 -19.68 -29.72
C GLY J 152 -40.14 -18.98 -30.06
N LEU J 153 -39.03 -19.50 -29.55
CA LEU J 153 -37.71 -18.98 -29.86
C LEU J 153 -37.13 -19.57 -31.14
N GLN J 154 -37.86 -20.48 -31.79
CA GLN J 154 -37.45 -21.04 -33.07
C GLN J 154 -36.14 -21.82 -32.95
N MET J 155 -36.03 -22.64 -31.90
CA MET J 155 -34.87 -23.50 -31.73
C MET J 155 -35.29 -24.88 -32.25
N TRP J 156 -35.21 -25.01 -33.58
CA TRP J 156 -35.87 -26.12 -34.25
C TRP J 156 -35.11 -27.43 -34.10
N GLN J 157 -33.78 -27.37 -34.00
CA GLN J 157 -33.01 -28.56 -33.69
C GLN J 157 -33.37 -29.08 -32.30
N VAL J 158 -33.45 -28.18 -31.33
CA VAL J 158 -33.83 -28.55 -29.97
C VAL J 158 -35.26 -29.04 -29.95
N VAL J 159 -36.15 -28.37 -30.68
CA VAL J 159 -37.54 -28.82 -30.74
C VAL J 159 -37.61 -30.24 -31.29
N ASP J 160 -36.85 -30.51 -32.35
CA ASP J 160 -36.82 -31.86 -32.92
C ASP J 160 -36.35 -32.87 -31.89
N GLN J 161 -35.26 -32.57 -31.19
CA GLN J 161 -34.71 -33.50 -30.21
C GLN J 161 -35.72 -33.76 -29.10
N CYS J 162 -36.35 -32.70 -28.61
CA CYS J 162 -37.32 -32.84 -27.52
C CYS J 162 -38.54 -33.64 -27.98
N SER J 163 -39.02 -33.40 -29.19
CA SER J 163 -40.14 -34.17 -29.71
C SER J 163 -39.76 -35.65 -29.82
N GLU J 164 -38.55 -35.94 -30.28
CA GLU J 164 -38.10 -37.32 -30.36
C GLU J 164 -38.06 -37.95 -28.97
N ILE J 165 -37.58 -37.21 -27.99
CA ILE J 165 -37.48 -37.71 -26.62
C ILE J 165 -38.87 -37.97 -26.05
N LEU J 166 -39.80 -37.04 -26.26
CA LEU J 166 -41.17 -37.28 -25.81
C LEU J 166 -41.76 -38.51 -26.48
N ARG J 167 -41.52 -38.67 -27.78
CA ARG J 167 -42.05 -39.84 -28.48
C ARG J 167 -41.50 -41.14 -27.91
N GLU J 168 -40.18 -41.20 -27.68
CA GLU J 168 -39.61 -42.40 -27.06
C GLU J 168 -40.19 -42.64 -25.67
N LEU J 169 -40.39 -41.56 -24.89
CA LEU J 169 -40.99 -41.71 -23.57
C LEU J 169 -42.40 -42.30 -23.66
N GLU J 170 -43.19 -41.87 -24.63
CA GLU J 170 -44.54 -42.40 -24.74
C GLU J 170 -44.53 -43.90 -24.98
N THR J 171 -43.51 -44.41 -25.67
CA THR J 171 -43.41 -45.84 -25.93
C THR J 171 -42.67 -46.54 -24.79
N THR K 50 -75.89 10.43 -36.27
CA THR K 50 -74.91 9.41 -36.61
C THR K 50 -75.52 8.02 -36.45
N ILE K 51 -75.18 7.14 -37.39
CA ILE K 51 -75.70 5.78 -37.41
C ILE K 51 -74.55 4.78 -37.29
N GLN K 52 -74.86 3.63 -36.70
CA GLN K 52 -73.90 2.55 -36.54
C GLN K 52 -74.48 1.24 -37.07
N ILE K 53 -73.76 0.63 -38.01
CA ILE K 53 -74.16 -0.64 -38.59
C ILE K 53 -73.07 -1.68 -38.32
N GLU K 54 -73.49 -2.86 -37.89
CA GLU K 54 -72.58 -3.96 -37.62
C GLU K 54 -73.14 -5.19 -38.33
N PHE K 55 -72.24 -5.98 -38.92
CA PHE K 55 -72.61 -7.20 -39.65
C PHE K 55 -71.84 -8.37 -39.06
N PRO K 56 -72.39 -9.04 -38.05
CA PRO K 56 -71.60 -10.06 -37.34
C PRO K 56 -71.03 -11.12 -38.26
N GLN K 57 -71.75 -11.50 -39.30
CA GLN K 57 -71.29 -12.54 -40.21
C GLN K 57 -70.50 -11.99 -41.38
N HIS K 58 -70.08 -10.72 -41.32
CA HIS K 58 -69.26 -10.19 -42.42
C HIS K 58 -67.87 -10.82 -42.37
N SER K 59 -67.24 -10.80 -41.19
CA SER K 59 -65.89 -11.33 -41.08
C SER K 59 -65.85 -12.80 -41.44
N SER K 60 -66.84 -13.57 -40.96
CA SER K 60 -66.88 -14.99 -41.27
C SER K 60 -66.98 -15.20 -42.78
N SER K 61 -67.87 -14.45 -43.44
CA SER K 61 -68.02 -14.59 -44.88
C SER K 61 -66.71 -14.25 -45.59
N LEU K 62 -66.04 -13.19 -45.12
CA LEU K 62 -64.78 -12.80 -45.73
C LEU K 62 -63.73 -13.89 -45.56
N LEU K 63 -63.68 -14.47 -44.37
CA LEU K 63 -62.74 -15.57 -44.15
C LEU K 63 -63.05 -16.74 -45.08
N GLU K 64 -64.33 -17.04 -45.25
CA GLU K 64 -64.72 -18.12 -46.15
C GLU K 64 -64.21 -17.82 -47.56
N SER K 65 -64.44 -16.60 -48.02
CA SER K 65 -64.00 -16.21 -49.35
C SER K 65 -62.49 -16.37 -49.45
N LEU K 66 -61.78 -15.93 -48.43
CA LEU K 66 -60.32 -16.02 -48.41
C LEU K 66 -59.90 -17.47 -48.56
N ASN K 67 -60.49 -18.35 -47.76
CA ASN K 67 -60.12 -19.76 -47.82
C ASN K 67 -60.40 -20.33 -49.19
N ARG K 68 -61.54 -19.96 -49.77
CA ARG K 68 -61.91 -20.47 -51.09
C ARG K 68 -60.89 -20.02 -52.11
N HIS K 69 -60.44 -18.75 -52.02
CA HIS K 69 -59.44 -18.26 -52.95
C HIS K 69 -58.14 -19.03 -52.77
N ARG K 70 -57.74 -19.25 -51.51
CA ARG K 70 -56.53 -20.04 -51.26
C ARG K 70 -56.66 -21.39 -51.94
N LEU K 71 -57.85 -22.00 -51.85
CA LEU K 71 -58.07 -23.31 -52.42
C LEU K 71 -57.92 -23.27 -53.94
N GLU K 72 -58.56 -22.29 -54.57
CA GLU K 72 -58.57 -22.22 -56.04
C GLU K 72 -57.28 -21.66 -56.60
N GLY K 73 -56.32 -21.28 -55.75
CA GLY K 73 -55.10 -20.63 -56.19
C GLY K 73 -55.21 -19.20 -56.69
N LYS K 74 -56.30 -18.50 -56.41
CA LYS K 74 -56.46 -17.15 -56.94
C LYS K 74 -55.74 -16.14 -56.05
N PHE K 75 -55.00 -15.23 -56.67
CA PHE K 75 -54.29 -14.15 -56.00
C PHE K 75 -53.23 -14.64 -55.00
N CYS K 76 -52.92 -15.93 -54.97
CA CYS K 76 -51.86 -16.40 -54.08
C CYS K 76 -50.53 -15.84 -54.56
N ASP K 77 -49.78 -15.25 -53.63
CA ASP K 77 -48.53 -14.58 -53.96
C ASP K 77 -47.31 -15.21 -53.31
N VAL K 78 -47.47 -16.27 -52.51
CA VAL K 78 -46.33 -16.94 -51.90
C VAL K 78 -46.52 -18.44 -51.96
N SER K 79 -45.40 -19.14 -52.11
CA SER K 79 -45.36 -20.59 -52.15
C SER K 79 -44.50 -21.08 -50.99
N LEU K 80 -45.06 -21.93 -50.16
CA LEU K 80 -44.41 -22.41 -48.96
C LEU K 80 -44.01 -23.87 -49.19
N LEU K 81 -42.73 -24.16 -49.05
CA LEU K 81 -42.23 -25.51 -49.22
C LEU K 81 -42.03 -26.14 -47.85
N VAL K 82 -42.78 -27.20 -47.58
CA VAL K 82 -42.77 -27.88 -46.28
C VAL K 82 -42.55 -29.36 -46.55
N GLN K 83 -41.34 -29.85 -46.27
CA GLN K 83 -41.02 -31.26 -46.43
C GLN K 83 -41.33 -31.75 -47.85
N GLY K 84 -40.99 -30.92 -48.84
CA GLY K 84 -41.21 -31.27 -50.22
C GLY K 84 -42.59 -30.96 -50.75
N ARG K 85 -43.50 -30.48 -49.90
CA ARG K 85 -44.86 -30.16 -50.29
C ARG K 85 -44.99 -28.66 -50.54
N GLU K 86 -45.54 -28.31 -51.70
CA GLU K 86 -45.68 -26.92 -52.11
C GLU K 86 -47.11 -26.48 -51.83
N LEU K 87 -47.25 -25.40 -51.07
CA LEU K 87 -48.56 -24.90 -50.67
C LEU K 87 -48.63 -23.40 -50.95
N ARG K 88 -49.61 -22.98 -51.75
CA ARG K 88 -49.74 -21.58 -52.10
C ARG K 88 -50.62 -20.84 -51.10
N ALA K 89 -50.29 -19.58 -50.88
CA ALA K 89 -51.04 -18.76 -49.93
C ALA K 89 -50.75 -17.29 -50.20
N HIS K 90 -51.47 -16.42 -49.49
CA HIS K 90 -51.33 -14.98 -49.66
C HIS K 90 -50.54 -14.41 -48.48
N LYS K 91 -49.55 -13.58 -48.80
CA LYS K 91 -48.65 -13.06 -47.78
C LYS K 91 -49.39 -12.21 -46.73
N ALA K 92 -50.32 -11.36 -47.16
CA ALA K 92 -50.98 -10.46 -46.20
C ALA K 92 -51.75 -11.20 -45.13
N VAL K 93 -52.52 -12.23 -45.50
CA VAL K 93 -53.29 -12.96 -44.50
C VAL K 93 -52.35 -13.63 -43.51
N LEU K 94 -51.29 -14.26 -44.01
CA LEU K 94 -50.36 -14.95 -43.13
C LEU K 94 -49.69 -13.97 -42.17
N ALA K 95 -49.26 -12.81 -42.67
CA ALA K 95 -48.63 -11.82 -41.81
C ALA K 95 -49.61 -11.31 -40.76
N ALA K 96 -50.85 -11.05 -41.17
CA ALA K 96 -51.86 -10.55 -40.23
C ALA K 96 -52.24 -11.58 -39.18
N ALA K 97 -52.20 -12.86 -39.53
CA ALA K 97 -52.63 -13.91 -38.61
C ALA K 97 -51.51 -14.38 -37.69
N SER K 98 -50.30 -14.53 -38.21
CA SER K 98 -49.20 -15.06 -37.42
C SER K 98 -48.13 -14.00 -37.21
N PRO K 99 -47.72 -13.73 -35.96
CA PRO K 99 -46.61 -12.79 -35.78
C PRO K 99 -45.32 -13.33 -36.37
N TYR K 100 -45.13 -14.64 -36.32
CA TYR K 100 -43.97 -15.22 -36.99
C TYR K 100 -44.00 -14.89 -38.47
N PHE K 101 -45.10 -15.18 -39.14
CA PHE K 101 -45.20 -14.84 -40.55
C PHE K 101 -45.04 -13.35 -40.74
N HIS K 102 -45.69 -12.56 -39.90
CA HIS K 102 -45.53 -11.11 -39.96
C HIS K 102 -44.06 -10.76 -40.10
N ASP K 103 -43.27 -11.13 -39.08
CA ASP K 103 -41.86 -10.79 -39.06
C ASP K 103 -41.14 -11.36 -40.28
N LYS K 104 -41.36 -12.65 -40.56
CA LYS K 104 -40.66 -13.30 -41.65
C LYS K 104 -40.81 -12.49 -42.93
N LEU K 105 -42.06 -12.13 -43.25
CA LEU K 105 -42.31 -11.39 -44.48
C LEU K 105 -41.72 -10.00 -44.40
N LEU K 106 -41.95 -9.30 -43.29
CA LEU K 106 -41.41 -7.96 -43.10
C LEU K 106 -39.91 -7.94 -43.38
N LEU K 107 -39.22 -9.02 -43.06
CA LEU K 107 -37.77 -9.07 -43.22
C LEU K 107 -37.34 -9.59 -44.57
N GLY K 108 -38.21 -10.33 -45.26
CA GLY K 108 -37.83 -10.96 -46.51
C GLY K 108 -39.02 -11.08 -47.44
N ASP K 109 -38.94 -10.43 -48.59
CA ASP K 109 -40.01 -10.46 -49.58
C ASP K 109 -39.70 -11.49 -50.67
N ALA K 110 -39.74 -12.76 -50.25
CA ALA K 110 -39.49 -13.84 -51.20
C ALA K 110 -40.78 -14.50 -51.63
N PRO K 111 -41.01 -14.73 -52.92
CA PRO K 111 -42.24 -15.42 -53.34
C PRO K 111 -42.30 -16.85 -52.84
N ARG K 112 -41.17 -17.45 -52.50
CA ARG K 112 -41.12 -18.80 -51.97
C ARG K 112 -40.39 -18.79 -50.64
N LEU K 113 -40.97 -19.47 -49.66
CA LEU K 113 -40.36 -19.62 -48.35
C LEU K 113 -40.30 -21.09 -48.01
N THR K 114 -39.10 -21.59 -47.75
CA THR K 114 -38.90 -22.96 -47.32
C THR K 114 -38.79 -22.96 -45.81
N LEU K 115 -39.70 -23.66 -45.16
CA LEU K 115 -39.74 -23.69 -43.71
C LEU K 115 -38.76 -24.71 -43.17
N PRO K 116 -38.39 -24.62 -41.89
CA PRO K 116 -37.47 -25.60 -41.32
C PRO K 116 -38.03 -27.00 -41.51
N SER K 117 -37.12 -27.95 -41.76
CA SER K 117 -37.52 -29.33 -42.02
C SER K 117 -38.35 -29.89 -40.88
N VAL K 118 -38.15 -29.40 -39.66
CA VAL K 118 -38.88 -29.93 -38.51
C VAL K 118 -40.38 -29.69 -38.66
N ILE K 119 -40.78 -28.71 -39.46
CA ILE K 119 -42.20 -28.40 -39.62
C ILE K 119 -42.81 -29.46 -40.54
N GLU K 120 -43.79 -30.19 -40.01
CA GLU K 120 -44.44 -31.24 -40.78
C GLU K 120 -45.42 -30.67 -41.79
N ALA K 121 -45.45 -31.26 -42.98
CA ALA K 121 -46.33 -30.75 -44.03
C ALA K 121 -47.79 -30.92 -43.64
N ASP K 122 -48.14 -32.07 -43.06
CA ASP K 122 -49.54 -32.32 -42.70
C ASP K 122 -49.98 -31.43 -41.56
N ALA K 123 -49.14 -31.30 -40.53
CA ALA K 123 -49.45 -30.41 -39.42
C ALA K 123 -49.57 -28.98 -39.91
N PHE K 124 -48.66 -28.56 -40.79
CA PHE K 124 -48.74 -27.21 -41.33
C PHE K 124 -50.01 -27.00 -42.12
N GLU K 125 -50.44 -28.01 -42.89
CA GLU K 125 -51.67 -27.87 -43.66
C GLU K 125 -52.90 -27.80 -42.75
N GLY K 126 -52.92 -28.60 -41.69
CA GLY K 126 -53.99 -28.49 -40.72
C GLY K 126 -54.05 -27.13 -40.06
N LEU K 127 -52.90 -26.61 -39.66
CA LEU K 127 -52.87 -25.28 -39.05
C LEU K 127 -53.26 -24.21 -40.06
N LEU K 128 -52.90 -24.40 -41.32
CA LEU K 128 -53.31 -23.47 -42.36
C LEU K 128 -54.83 -23.49 -42.52
N GLN K 129 -55.42 -24.68 -42.47
CA GLN K 129 -56.88 -24.79 -42.47
C GLN K 129 -57.49 -24.06 -41.28
N LEU K 130 -56.89 -24.21 -40.09
CA LEU K 130 -57.37 -23.43 -38.95
C LEU K 130 -57.25 -21.94 -39.22
N ILE K 131 -56.13 -21.52 -39.79
CA ILE K 131 -55.88 -20.12 -40.08
C ILE K 131 -56.98 -19.56 -40.98
N TYR K 132 -57.39 -20.35 -41.95
CA TYR K 132 -58.37 -19.92 -42.93
C TYR K 132 -59.80 -20.33 -42.57
N SER K 133 -60.01 -20.95 -41.42
CA SER K 133 -61.34 -21.33 -40.98
C SER K 133 -61.63 -21.04 -39.51
N GLY K 134 -60.61 -20.93 -38.66
CA GLY K 134 -60.86 -20.84 -37.23
C GLY K 134 -61.27 -22.15 -36.58
N ARG K 135 -61.14 -23.27 -37.29
CA ARG K 135 -61.50 -24.58 -36.76
C ARG K 135 -60.39 -25.57 -37.05
N LEU K 136 -60.22 -26.51 -36.14
CA LEU K 136 -59.20 -27.54 -36.28
C LEU K 136 -59.76 -28.87 -35.85
N ARG K 137 -59.77 -29.83 -36.76
CA ARG K 137 -60.14 -31.21 -36.47
C ARG K 137 -58.95 -32.09 -36.80
N LEU K 138 -58.56 -32.95 -35.87
CA LEU K 138 -57.36 -33.74 -36.02
C LEU K 138 -57.49 -35.00 -35.19
N PRO K 139 -56.70 -36.02 -35.47
CA PRO K 139 -56.66 -37.18 -34.58
C PRO K 139 -55.98 -36.82 -33.28
N LEU K 140 -56.38 -37.51 -32.21
CA LEU K 140 -55.84 -37.22 -30.89
C LEU K 140 -54.32 -37.30 -30.88
N ASP K 141 -53.76 -38.39 -31.42
CA ASP K 141 -52.32 -38.58 -31.37
C ASP K 141 -51.54 -37.52 -32.13
N ALA K 142 -52.18 -36.82 -33.06
CA ALA K 142 -51.51 -35.75 -33.79
C ALA K 142 -51.56 -34.42 -33.06
N LEU K 143 -52.22 -34.35 -31.90
CA LEU K 143 -52.34 -33.08 -31.19
C LEU K 143 -50.98 -32.49 -30.83
N PRO K 144 -50.02 -33.26 -30.30
CA PRO K 144 -48.72 -32.66 -29.99
C PRO K 144 -48.08 -31.99 -31.20
N ALA K 145 -47.94 -32.72 -32.31
CA ALA K 145 -47.29 -32.16 -33.48
C ALA K 145 -47.95 -30.83 -33.87
N HIS K 146 -49.28 -30.86 -34.04
CA HIS K 146 -49.99 -29.63 -34.34
C HIS K 146 -49.62 -28.56 -33.33
N LEU K 147 -49.74 -28.90 -32.04
CA LEU K 147 -49.39 -27.96 -30.99
C LEU K 147 -48.00 -27.40 -31.24
N LEU K 148 -47.03 -28.28 -31.48
CA LEU K 148 -45.67 -27.82 -31.71
C LEU K 148 -45.65 -26.75 -32.78
N VAL K 149 -46.24 -27.05 -33.94
CA VAL K 149 -46.20 -26.09 -35.04
C VAL K 149 -46.90 -24.82 -34.62
N ALA K 150 -48.04 -24.94 -33.93
CA ALA K 150 -48.76 -23.77 -33.47
C ALA K 150 -47.85 -22.87 -32.65
N SER K 151 -47.02 -23.47 -31.80
CA SER K 151 -46.12 -22.66 -30.99
C SER K 151 -45.15 -21.93 -31.89
N GLY K 152 -44.65 -22.61 -32.92
CA GLY K 152 -43.78 -21.96 -33.87
C GLY K 152 -44.48 -20.81 -34.57
N LEU K 153 -45.79 -20.93 -34.78
CA LEU K 153 -46.56 -19.85 -35.37
C LEU K 153 -47.03 -18.82 -34.36
N GLN K 154 -46.73 -19.02 -33.07
CA GLN K 154 -47.03 -18.03 -32.05
C GLN K 154 -48.52 -17.75 -31.92
N MET K 155 -49.32 -18.82 -31.89
CA MET K 155 -50.76 -18.72 -31.70
C MET K 155 -51.07 -18.99 -30.23
N TRP K 156 -50.91 -17.95 -29.41
CA TRP K 156 -50.84 -18.16 -27.97
C TRP K 156 -52.21 -18.45 -27.36
N GLN K 157 -53.28 -17.88 -27.92
CA GLN K 157 -54.62 -18.26 -27.48
C GLN K 157 -54.87 -19.73 -27.77
N VAL K 158 -54.51 -20.15 -28.98
CA VAL K 158 -54.66 -21.55 -29.37
C VAL K 158 -53.76 -22.42 -28.52
N VAL K 159 -52.53 -21.98 -28.28
CA VAL K 159 -51.62 -22.75 -27.44
C VAL K 159 -52.21 -22.93 -26.04
N ASP K 160 -52.78 -21.85 -25.49
CA ASP K 160 -53.40 -21.96 -24.17
C ASP K 160 -54.52 -22.99 -24.20
N GLN K 161 -55.39 -22.91 -25.19
CA GLN K 161 -56.52 -23.84 -25.26
C GLN K 161 -56.04 -25.27 -25.42
N CYS K 162 -55.05 -25.49 -26.27
CA CYS K 162 -54.54 -26.84 -26.50
C CYS K 162 -53.90 -27.40 -25.24
N SER K 163 -53.14 -26.58 -24.52
CA SER K 163 -52.57 -27.04 -23.26
C SER K 163 -53.67 -27.42 -22.28
N GLU K 164 -54.72 -26.61 -22.22
CA GLU K 164 -55.84 -26.95 -21.34
C GLU K 164 -56.47 -28.28 -21.74
N ILE K 165 -56.66 -28.50 -23.04
CA ILE K 165 -57.27 -29.75 -23.50
C ILE K 165 -56.37 -30.94 -23.19
N LEU K 166 -55.07 -30.81 -23.43
CA LEU K 166 -54.15 -31.90 -23.09
C LEU K 166 -54.21 -32.19 -21.60
N ARG K 167 -54.26 -31.15 -20.76
CA ARG K 167 -54.37 -31.34 -19.33
C ARG K 167 -55.67 -32.07 -18.97
N GLU K 168 -56.77 -31.68 -19.62
CA GLU K 168 -58.04 -32.37 -19.40
C GLU K 168 -57.93 -33.84 -19.76
N LEU K 169 -57.24 -34.14 -20.86
CA LEU K 169 -57.02 -35.54 -21.22
C LEU K 169 -56.23 -36.25 -20.13
N GLU K 170 -55.21 -35.59 -19.60
CA GLU K 170 -54.40 -36.20 -18.55
C GLU K 170 -55.23 -36.51 -17.33
N THR K 171 -56.25 -35.70 -17.06
CA THR K 171 -57.13 -35.91 -15.90
C THR K 171 -58.29 -36.82 -16.28
N THR L 50 -62.30 -36.17 -31.70
CA THR L 50 -62.13 -34.99 -32.54
C THR L 50 -62.58 -33.74 -31.80
N ILE L 51 -61.83 -32.65 -31.96
CA ILE L 51 -62.12 -31.40 -31.28
C ILE L 51 -62.37 -30.28 -32.30
N GLN L 52 -63.20 -29.33 -31.88
CA GLN L 52 -63.53 -28.14 -32.67
C GLN L 52 -63.32 -26.93 -31.78
N ILE L 53 -62.50 -25.98 -32.22
CA ILE L 53 -62.20 -24.78 -31.45
C ILE L 53 -62.69 -23.54 -32.20
N GLU L 54 -63.34 -22.64 -31.47
CA GLU L 54 -63.85 -21.39 -32.03
C GLU L 54 -63.40 -20.24 -31.15
N PHE L 55 -62.98 -19.14 -31.77
CA PHE L 55 -62.53 -17.93 -31.09
C PHE L 55 -63.36 -16.78 -31.64
N PRO L 56 -64.51 -16.48 -31.03
CA PRO L 56 -65.43 -15.51 -31.66
C PRO L 56 -64.78 -14.17 -31.96
N GLN L 57 -63.89 -13.68 -31.10
CA GLN L 57 -63.26 -12.39 -31.31
C GLN L 57 -61.96 -12.48 -32.09
N HIS L 58 -61.62 -13.64 -32.65
CA HIS L 58 -60.40 -13.72 -33.46
C HIS L 58 -60.51 -12.80 -34.66
N SER L 59 -61.67 -12.81 -35.33
CA SER L 59 -61.84 -12.02 -36.54
C SER L 59 -61.74 -10.54 -36.23
N SER L 60 -62.37 -10.09 -35.15
CA SER L 60 -62.32 -8.68 -34.81
C SER L 60 -60.90 -8.23 -34.50
N SER L 61 -60.16 -9.06 -33.76
CA SER L 61 -58.77 -8.74 -33.47
C SER L 61 -57.95 -8.68 -34.76
N LEU L 62 -58.19 -9.62 -35.67
CA LEU L 62 -57.47 -9.61 -36.93
C LEU L 62 -57.77 -8.35 -37.73
N LEU L 63 -59.05 -7.95 -37.78
CA LEU L 63 -59.42 -6.76 -38.51
C LEU L 63 -58.86 -5.49 -37.87
N GLU L 64 -58.85 -5.40 -36.54
CA GLU L 64 -58.24 -4.24 -35.91
C GLU L 64 -56.76 -4.17 -36.24
N SER L 65 -56.03 -5.28 -36.07
CA SER L 65 -54.61 -5.27 -36.37
C SER L 65 -54.38 -4.90 -37.84
N LEU L 66 -55.22 -5.43 -38.73
CA LEU L 66 -55.10 -5.12 -40.15
C LEU L 66 -55.24 -3.63 -40.37
N ASN L 67 -56.29 -3.03 -39.83
CA ASN L 67 -56.51 -1.61 -40.01
C ASN L 67 -55.33 -0.83 -39.44
N ARG L 68 -54.83 -1.26 -38.28
CA ARG L 68 -53.71 -0.57 -37.66
C ARG L 68 -52.51 -0.56 -38.60
N HIS L 69 -52.17 -1.73 -39.15
CA HIS L 69 -51.06 -1.81 -40.06
C HIS L 69 -51.29 -0.92 -41.28
N ARG L 70 -52.52 -0.91 -41.79
CA ARG L 70 -52.83 -0.02 -42.91
C ARG L 70 -52.49 1.42 -42.54
N LEU L 71 -52.99 1.87 -41.39
CA LEU L 71 -52.66 3.21 -40.92
C LEU L 71 -51.15 3.37 -40.82
N GLU L 72 -50.48 2.41 -40.17
CA GLU L 72 -49.03 2.43 -40.06
C GLU L 72 -48.35 2.29 -41.41
N GLY L 73 -49.12 2.17 -42.48
CA GLY L 73 -48.51 1.99 -43.79
C GLY L 73 -47.77 0.69 -43.96
N LYS L 74 -48.00 -0.28 -43.09
CA LYS L 74 -47.25 -1.52 -43.11
C LYS L 74 -47.85 -2.52 -44.11
N PHE L 75 -46.98 -3.11 -44.93
CA PHE L 75 -47.33 -4.16 -45.88
C PHE L 75 -48.33 -3.72 -46.94
N CYS L 76 -48.66 -2.43 -47.03
CA CYS L 76 -49.56 -1.97 -48.07
C CYS L 76 -48.89 -2.13 -49.42
N ASP L 77 -49.59 -2.73 -50.38
CA ASP L 77 -49.02 -3.05 -51.68
C ASP L 77 -49.71 -2.31 -52.82
N VAL L 78 -50.73 -1.50 -52.56
CA VAL L 78 -51.39 -0.74 -53.61
C VAL L 78 -51.67 0.66 -53.12
N SER L 79 -51.61 1.61 -54.05
CA SER L 79 -51.88 3.02 -53.77
C SER L 79 -53.07 3.46 -54.61
N LEU L 80 -54.08 4.00 -53.94
CA LEU L 80 -55.34 4.39 -54.55
C LEU L 80 -55.41 5.90 -54.65
N LEU L 81 -55.58 6.41 -55.86
CA LEU L 81 -55.68 7.84 -56.10
C LEU L 81 -57.15 8.19 -56.28
N VAL L 82 -57.67 9.01 -55.36
CA VAL L 82 -59.07 9.40 -55.33
C VAL L 82 -59.10 10.92 -55.26
N GLN L 83 -59.42 11.57 -56.38
CA GLN L 83 -59.55 13.02 -56.41
C GLN L 83 -58.26 13.68 -55.90
N GLY L 84 -57.12 13.13 -56.30
CA GLY L 84 -55.84 13.67 -55.91
C GLY L 84 -55.32 13.19 -54.58
N ARG L 85 -56.09 12.38 -53.85
CA ARG L 85 -55.69 11.88 -52.54
C ARG L 85 -55.14 10.47 -52.68
N GLU L 86 -53.94 10.25 -52.13
CA GLU L 86 -53.25 8.97 -52.24
C GLU L 86 -53.43 8.19 -50.95
N LEU L 87 -53.94 6.97 -51.05
CA LEU L 87 -54.22 6.13 -49.89
C LEU L 87 -53.68 4.73 -50.11
N ARG L 88 -52.82 4.27 -49.21
CA ARG L 88 -52.22 2.95 -49.37
C ARG L 88 -53.09 1.89 -48.71
N ALA L 89 -53.09 0.69 -49.29
CA ALA L 89 -53.89 -0.42 -48.79
C ALA L 89 -53.35 -1.71 -49.38
N HIS L 90 -53.90 -2.83 -48.91
CA HIS L 90 -53.47 -4.14 -49.36
C HIS L 90 -54.49 -4.72 -50.34
N LYS L 91 -53.97 -5.22 -51.46
CA LYS L 91 -54.83 -5.69 -52.55
C LYS L 91 -55.75 -6.84 -52.15
N ALA L 92 -55.22 -7.83 -51.42
CA ALA L 92 -56.03 -9.01 -51.09
C ALA L 92 -57.28 -8.67 -50.29
N VAL L 93 -57.14 -7.84 -49.25
CA VAL L 93 -58.30 -7.51 -48.44
C VAL L 93 -59.36 -6.81 -49.27
N LEU L 94 -58.94 -5.85 -50.09
CA LEU L 94 -59.90 -5.11 -50.91
C LEU L 94 -60.59 -6.03 -51.90
N ALA L 95 -59.83 -6.93 -52.54
CA ALA L 95 -60.45 -7.86 -53.48
C ALA L 95 -61.43 -8.79 -52.78
N ALA L 96 -61.06 -9.29 -51.61
CA ALA L 96 -61.95 -10.19 -50.87
C ALA L 96 -63.19 -9.47 -50.38
N ALA L 97 -63.08 -8.19 -50.06
CA ALA L 97 -64.18 -7.41 -49.49
C ALA L 97 -65.10 -6.81 -50.54
N SER L 98 -64.56 -6.37 -51.67
CA SER L 98 -65.32 -5.63 -52.66
C SER L 98 -65.30 -6.38 -53.99
N PRO L 99 -66.45 -6.78 -54.54
CA PRO L 99 -66.42 -7.42 -55.86
C PRO L 99 -65.86 -6.52 -56.93
N TYR L 100 -66.12 -5.21 -56.86
CA TYR L 100 -65.51 -4.32 -57.83
C TYR L 100 -63.99 -4.44 -57.76
N PHE L 101 -63.43 -4.23 -56.57
CA PHE L 101 -61.99 -4.38 -56.40
C PHE L 101 -61.55 -5.80 -56.73
N HIS L 102 -62.38 -6.78 -56.39
CA HIS L 102 -62.07 -8.16 -56.73
C HIS L 102 -61.73 -8.27 -58.21
N ASP L 103 -62.69 -7.90 -59.06
CA ASP L 103 -62.49 -7.99 -60.50
C ASP L 103 -61.33 -7.11 -60.93
N LYS L 104 -61.25 -5.91 -60.35
CA LYS L 104 -60.18 -4.97 -60.68
C LYS L 104 -58.84 -5.68 -60.57
N LEU L 105 -58.60 -6.31 -59.41
CA LEU L 105 -57.33 -6.98 -59.19
C LEU L 105 -57.19 -8.18 -60.12
N LEU L 106 -58.25 -8.98 -60.24
CA LEU L 106 -58.19 -10.15 -61.09
C LEU L 106 -57.77 -9.80 -62.51
N LEU L 107 -58.12 -8.59 -62.96
CA LEU L 107 -57.84 -8.18 -64.33
C LEU L 107 -56.58 -7.33 -64.45
N GLY L 108 -56.23 -6.56 -63.43
CA GLY L 108 -55.10 -5.65 -63.53
C GLY L 108 -54.23 -5.63 -62.29
N ASP L 109 -52.96 -6.02 -62.44
CA ASP L 109 -52.02 -6.04 -61.32
C ASP L 109 -51.17 -4.78 -61.33
N ALA L 110 -51.82 -3.65 -61.07
CA ALA L 110 -51.11 -2.37 -61.02
C ALA L 110 -50.86 -1.96 -59.58
N PRO L 111 -49.65 -1.53 -59.22
CA PRO L 111 -49.44 -1.07 -57.83
C PRO L 111 -50.23 0.16 -57.49
N ARG L 112 -50.66 0.94 -58.48
CA ARG L 112 -51.45 2.14 -58.26
C ARG L 112 -52.73 2.04 -59.08
N LEU L 113 -53.86 2.35 -58.44
CA LEU L 113 -55.15 2.39 -59.11
C LEU L 113 -55.77 3.76 -58.87
N THR L 114 -56.08 4.46 -59.96
CA THR L 114 -56.76 5.74 -59.88
C THR L 114 -58.25 5.52 -60.09
N LEU L 115 -59.04 5.89 -59.10
CA LEU L 115 -60.47 5.65 -59.14
C LEU L 115 -61.15 6.73 -59.98
N PRO L 116 -62.37 6.46 -60.45
CA PRO L 116 -63.09 7.47 -61.23
C PRO L 116 -63.23 8.77 -60.48
N SER L 117 -63.11 9.89 -61.21
CA SER L 117 -63.18 11.20 -60.59
C SER L 117 -64.48 11.39 -59.84
N VAL L 118 -65.56 10.71 -60.28
CA VAL L 118 -66.85 10.86 -59.64
C VAL L 118 -66.80 10.34 -58.21
N ILE L 119 -65.84 9.48 -57.89
CA ILE L 119 -65.74 8.90 -56.56
C ILE L 119 -65.12 9.94 -55.64
N GLU L 120 -65.85 10.30 -54.58
CA GLU L 120 -65.38 11.31 -53.64
C GLU L 120 -64.33 10.72 -52.70
N ALA L 121 -63.29 11.53 -52.43
CA ALA L 121 -62.19 11.07 -51.58
C ALA L 121 -62.65 10.83 -50.15
N ASP L 122 -63.48 11.73 -49.62
CA ASP L 122 -63.93 11.62 -48.23
C ASP L 122 -64.85 10.43 -48.07
N ALA L 123 -65.79 10.27 -49.00
CA ALA L 123 -66.68 9.11 -48.96
C ALA L 123 -65.85 7.84 -49.06
N PHE L 124 -64.84 7.85 -49.93
CA PHE L 124 -63.99 6.68 -50.05
C PHE L 124 -63.28 6.39 -48.74
N GLU L 125 -62.87 7.44 -48.02
CA GLU L 125 -62.21 7.20 -46.74
C GLU L 125 -63.17 6.60 -45.73
N GLY L 126 -64.42 7.06 -45.72
CA GLY L 126 -65.42 6.46 -44.86
C GLY L 126 -65.67 4.99 -45.17
N LEU L 127 -65.80 4.65 -46.45
CA LEU L 127 -65.98 3.24 -46.80
C LEU L 127 -64.74 2.41 -46.53
N LEU L 128 -63.56 2.98 -46.69
CA LEU L 128 -62.34 2.25 -46.35
C LEU L 128 -62.28 1.97 -44.86
N GLN L 129 -62.64 2.96 -44.04
CA GLN L 129 -62.72 2.74 -42.60
C GLN L 129 -63.74 1.67 -42.26
N LEU L 130 -64.91 1.68 -42.92
CA LEU L 130 -65.87 0.61 -42.70
C LEU L 130 -65.27 -0.73 -43.08
N ILE L 131 -64.58 -0.78 -44.23
CA ILE L 131 -64.00 -2.03 -44.71
C ILE L 131 -63.06 -2.60 -43.67
N TYR L 132 -62.29 -1.74 -43.03
CA TYR L 132 -61.29 -2.17 -42.08
C TYR L 132 -61.78 -2.16 -40.63
N SER L 133 -63.05 -1.80 -40.41
CA SER L 133 -63.60 -1.81 -39.05
C SER L 133 -65.00 -2.39 -38.92
N GLY L 134 -65.80 -2.45 -39.99
CA GLY L 134 -67.18 -2.83 -39.82
C GLY L 134 -68.05 -1.75 -39.21
N ARG L 135 -67.54 -0.51 -39.13
CA ARG L 135 -68.25 0.61 -38.55
C ARG L 135 -68.16 1.81 -39.47
N LEU L 136 -69.24 2.59 -39.52
CA LEU L 136 -69.28 3.79 -40.35
C LEU L 136 -70.00 4.89 -39.59
N ARG L 137 -69.30 6.01 -39.35
CA ARG L 137 -69.91 7.18 -38.75
C ARG L 137 -69.74 8.34 -39.73
N LEU L 138 -70.82 9.04 -40.01
CA LEU L 138 -70.80 10.08 -41.03
C LEU L 138 -71.89 11.09 -40.73
N PRO L 139 -71.80 12.30 -41.27
CA PRO L 139 -72.92 13.23 -41.16
C PRO L 139 -74.08 12.78 -42.02
N LEU L 140 -75.29 13.17 -41.58
CA LEU L 140 -76.50 12.76 -42.29
C LEU L 140 -76.45 13.19 -43.76
N ASP L 141 -76.09 14.45 -44.01
CA ASP L 141 -76.11 14.96 -45.38
C ASP L 141 -75.13 14.24 -46.29
N ALA L 142 -74.12 13.59 -45.73
CA ALA L 142 -73.17 12.83 -46.54
C ALA L 142 -73.63 11.42 -46.83
N LEU L 143 -74.79 11.02 -46.30
CA LEU L 143 -75.26 9.65 -46.52
C LEU L 143 -75.45 9.33 -47.98
N PRO L 144 -76.07 10.19 -48.80
CA PRO L 144 -76.20 9.85 -50.23
C PRO L 144 -74.87 9.56 -50.90
N ALA L 145 -73.91 10.49 -50.79
CA ALA L 145 -72.63 10.30 -51.46
C ALA L 145 -72.02 8.96 -51.05
N HIS L 146 -71.90 8.73 -49.74
CA HIS L 146 -71.39 7.45 -49.27
C HIS L 146 -72.20 6.32 -49.91
N LEU L 147 -73.52 6.40 -49.80
CA LEU L 147 -74.36 5.38 -50.41
C LEU L 147 -73.97 5.19 -51.86
N LEU L 148 -73.88 6.28 -52.62
CA LEU L 148 -73.53 6.18 -54.02
C LEU L 148 -72.27 5.37 -54.19
N VAL L 149 -71.19 5.76 -53.50
CA VAL L 149 -69.93 5.05 -53.68
C VAL L 149 -70.09 3.60 -53.27
N ALA L 150 -70.80 3.36 -52.15
CA ALA L 150 -71.00 1.99 -51.71
C ALA L 150 -71.63 1.16 -52.82
N SER L 151 -72.59 1.74 -53.54
CA SER L 151 -73.23 1.01 -54.63
C SER L 151 -72.22 0.69 -55.71
N GLY L 152 -71.34 1.65 -56.00
CA GLY L 152 -70.29 1.40 -56.98
C GLY L 152 -69.39 0.25 -56.59
N LEU L 153 -69.19 0.03 -55.29
CA LEU L 153 -68.39 -1.08 -54.80
C LEU L 153 -69.16 -2.38 -54.70
N GLN L 154 -70.45 -2.37 -55.01
CA GLN L 154 -71.26 -3.59 -55.05
C GLN L 154 -71.32 -4.25 -53.67
N MET L 155 -71.53 -3.43 -52.63
CA MET L 155 -71.68 -3.91 -51.25
C MET L 155 -73.16 -3.93 -50.90
N TRP L 156 -73.83 -5.01 -51.28
CA TRP L 156 -75.30 -4.98 -51.30
C TRP L 156 -75.92 -5.08 -49.92
N GLN L 157 -75.27 -5.74 -48.96
CA GLN L 157 -75.78 -5.71 -47.60
C GLN L 157 -75.79 -4.28 -47.05
N VAL L 158 -74.68 -3.57 -47.25
CA VAL L 158 -74.59 -2.18 -46.81
C VAL L 158 -75.58 -1.32 -47.56
N VAL L 159 -75.70 -1.54 -48.87
CA VAL L 159 -76.67 -0.78 -49.66
C VAL L 159 -78.07 -1.02 -49.14
N ASP L 160 -78.41 -2.27 -48.82
CA ASP L 160 -79.73 -2.58 -48.28
C ASP L 160 -79.97 -1.80 -46.99
N GLN L 161 -79.01 -1.84 -46.08
CA GLN L 161 -79.19 -1.17 -44.80
C GLN L 161 -79.32 0.33 -44.99
N CYS L 162 -78.48 0.92 -45.84
CA CYS L 162 -78.52 2.37 -46.04
C CYS L 162 -79.83 2.80 -46.70
N SER L 163 -80.32 2.03 -47.66
CA SER L 163 -81.62 2.34 -48.26
C SER L 163 -82.72 2.26 -47.21
N GLU L 164 -82.65 1.25 -46.34
CA GLU L 164 -83.63 1.13 -45.27
C GLU L 164 -83.58 2.34 -44.36
N ILE L 165 -82.38 2.81 -44.02
CA ILE L 165 -82.25 3.96 -43.13
C ILE L 165 -82.81 5.22 -43.80
N LEU L 166 -82.48 5.44 -45.07
CA LEU L 166 -83.03 6.60 -45.77
C LEU L 166 -84.56 6.54 -45.80
N ARG L 167 -85.12 5.37 -46.08
CA ARG L 167 -86.57 5.22 -46.09
C ARG L 167 -87.15 5.52 -44.71
N GLU L 168 -86.50 5.03 -43.66
CA GLU L 168 -86.96 5.33 -42.31
C GLU L 168 -86.93 6.84 -42.05
N LEU L 169 -85.87 7.52 -42.52
CA LEU L 169 -85.80 8.97 -42.35
C LEU L 169 -86.94 9.68 -43.06
N GLU L 170 -87.23 9.30 -44.31
CA GLU L 170 -88.31 9.97 -45.01
C GLU L 170 -89.65 9.73 -44.30
N THR L 171 -89.80 8.58 -43.66
CA THR L 171 -91.03 8.25 -42.95
C THR L 171 -90.94 8.76 -41.51
N THR M 50 -57.62 9.94 -101.57
CA THR M 50 -58.36 9.43 -100.43
C THR M 50 -59.67 10.21 -100.24
N ILE M 51 -60.71 9.46 -99.88
CA ILE M 51 -62.06 9.99 -99.68
C ILE M 51 -62.46 9.74 -98.24
N GLN M 52 -63.31 10.60 -97.71
CA GLN M 52 -63.79 10.46 -96.35
C GLN M 52 -65.32 10.50 -96.33
N ILE M 53 -65.92 9.46 -95.78
CA ILE M 53 -67.35 9.29 -95.66
C ILE M 53 -67.69 9.22 -94.18
N GLU M 54 -68.72 9.96 -93.77
CA GLU M 54 -69.17 9.98 -92.40
C GLU M 54 -70.67 9.74 -92.40
N PHE M 55 -71.14 8.95 -91.44
CA PHE M 55 -72.57 8.63 -91.32
C PHE M 55 -73.03 9.01 -89.92
N PRO M 56 -73.44 10.26 -89.71
CA PRO M 56 -73.76 10.68 -88.33
C PRO M 56 -74.84 9.81 -87.72
N GLN M 57 -75.83 9.42 -88.51
CA GLN M 57 -76.95 8.60 -88.03
C GLN M 57 -76.70 7.12 -88.21
N HIS M 58 -75.50 6.72 -88.61
CA HIS M 58 -75.22 5.28 -88.73
C HIS M 58 -75.33 4.63 -87.37
N SER M 59 -74.71 5.24 -86.36
CA SER M 59 -74.70 4.65 -85.03
C SER M 59 -76.11 4.58 -84.47
N SER M 60 -76.88 5.66 -84.61
CA SER M 60 -78.24 5.69 -84.09
C SER M 60 -79.12 4.66 -84.79
N SER M 61 -78.99 4.55 -86.11
CA SER M 61 -79.77 3.56 -86.86
C SER M 61 -79.41 2.16 -86.39
N LEU M 62 -78.12 1.89 -86.22
CA LEU M 62 -77.69 0.56 -85.82
C LEU M 62 -78.22 0.23 -84.43
N LEU M 63 -78.07 1.19 -83.49
CA LEU M 63 -78.59 0.99 -82.15
C LEU M 63 -80.09 0.72 -82.17
N GLU M 64 -80.84 1.45 -83.00
CA GLU M 64 -82.28 1.21 -83.07
C GLU M 64 -82.56 -0.19 -83.60
N SER M 65 -81.81 -0.62 -84.60
CA SER M 65 -81.97 -1.98 -85.11
C SER M 65 -81.73 -3.00 -84.01
N LEU M 66 -80.60 -2.86 -83.32
CA LEU M 66 -80.29 -3.79 -82.23
C LEU M 66 -81.39 -3.76 -81.18
N ASN M 67 -81.90 -2.58 -80.85
CA ASN M 67 -82.91 -2.46 -79.81
C ASN M 67 -84.15 -3.23 -80.23
N ARG M 68 -84.60 -3.03 -81.47
CA ARG M 68 -85.81 -3.71 -81.93
C ARG M 68 -85.58 -5.21 -81.95
N HIS M 69 -84.37 -5.64 -82.32
CA HIS M 69 -84.05 -7.06 -82.30
C HIS M 69 -84.24 -7.60 -80.89
N ARG M 70 -83.65 -6.92 -79.90
CA ARG M 70 -83.80 -7.35 -78.52
C ARG M 70 -85.27 -7.43 -78.14
N LEU M 71 -86.06 -6.44 -78.59
CA LEU M 71 -87.48 -6.42 -78.26
C LEU M 71 -88.15 -7.68 -78.77
N GLU M 72 -87.89 -8.05 -80.02
CA GLU M 72 -88.55 -9.20 -80.60
C GLU M 72 -88.01 -10.52 -80.07
N GLY M 73 -86.95 -10.47 -79.25
CA GLY M 73 -86.30 -11.68 -78.78
C GLY M 73 -85.34 -12.31 -79.76
N LYS M 74 -84.92 -11.59 -80.78
CA LYS M 74 -84.06 -12.17 -81.82
C LYS M 74 -82.60 -12.13 -81.39
N PHE M 75 -81.90 -13.25 -81.55
CA PHE M 75 -80.47 -13.36 -81.28
C PHE M 75 -80.10 -13.03 -79.84
N CYS M 76 -81.07 -12.89 -78.95
CA CYS M 76 -80.75 -12.65 -77.54
C CYS M 76 -80.09 -13.89 -76.98
N ASP M 77 -78.95 -13.70 -76.31
CA ASP M 77 -78.15 -14.80 -75.82
C ASP M 77 -78.04 -14.85 -74.30
N VAL M 78 -78.64 -13.91 -73.57
CA VAL M 78 -78.60 -13.95 -72.11
C VAL M 78 -79.97 -13.60 -71.56
N SER M 79 -80.29 -14.23 -70.44
CA SER M 79 -81.55 -14.02 -69.72
C SER M 79 -81.23 -13.51 -68.32
N LEU M 80 -81.79 -12.36 -67.97
CA LEU M 80 -81.51 -11.70 -66.70
C LEU M 80 -82.71 -11.84 -65.80
N LEU M 81 -82.52 -12.43 -64.62
CA LEU M 81 -83.58 -12.62 -63.65
C LEU M 81 -83.45 -11.55 -62.57
N VAL M 82 -84.47 -10.71 -62.46
CA VAL M 82 -84.49 -9.59 -61.53
C VAL M 82 -85.80 -9.69 -60.76
N GLN M 83 -85.72 -10.12 -59.51
CA GLN M 83 -86.89 -10.21 -58.64
C GLN M 83 -87.99 -11.04 -59.30
N GLY M 84 -87.60 -12.14 -59.93
CA GLY M 84 -88.53 -13.03 -60.57
C GLY M 84 -88.92 -12.63 -61.99
N ARG M 85 -88.44 -11.49 -62.48
CA ARG M 85 -88.76 -11.02 -63.82
C ARG M 85 -87.62 -11.39 -64.76
N GLU M 86 -87.96 -12.03 -65.88
CA GLU M 86 -87.00 -12.51 -66.85
C GLU M 86 -86.93 -11.55 -68.02
N LEU M 87 -85.73 -11.07 -68.34
CA LEU M 87 -85.52 -10.10 -69.41
C LEU M 87 -84.40 -10.59 -70.31
N ARG M 88 -84.69 -10.73 -71.61
CA ARG M 88 -83.69 -11.23 -72.54
C ARG M 88 -82.89 -10.09 -73.13
N ALA M 89 -81.63 -10.37 -73.43
CA ALA M 89 -80.73 -9.35 -73.96
C ALA M 89 -79.53 -10.02 -74.61
N HIS M 90 -78.69 -9.21 -75.24
CA HIS M 90 -77.51 -9.68 -75.95
C HIS M 90 -76.27 -9.41 -75.10
N LYS M 91 -75.45 -10.45 -74.94
CA LYS M 91 -74.28 -10.35 -74.08
C LYS M 91 -73.29 -9.29 -74.57
N ALA M 92 -73.06 -9.25 -75.88
CA ALA M 92 -72.07 -8.31 -76.41
C ALA M 92 -72.46 -6.87 -76.09
N VAL M 93 -73.72 -6.52 -76.30
CA VAL M 93 -74.17 -5.15 -76.05
C VAL M 93 -74.01 -4.80 -74.57
N LEU M 94 -74.44 -5.71 -73.69
CA LEU M 94 -74.36 -5.45 -72.26
C LEU M 94 -72.92 -5.30 -71.79
N ALA M 95 -72.04 -6.18 -72.25
CA ALA M 95 -70.63 -6.09 -71.87
C ALA M 95 -70.01 -4.80 -72.40
N ALA M 96 -70.32 -4.44 -73.65
CA ALA M 96 -69.74 -3.24 -74.23
C ALA M 96 -70.24 -1.99 -73.54
N ALA M 97 -71.48 -2.00 -73.04
CA ALA M 97 -72.09 -0.82 -72.43
C ALA M 97 -71.77 -0.67 -70.96
N SER M 98 -71.69 -1.77 -70.22
CA SER M 98 -71.57 -1.74 -68.76
C SER M 98 -70.30 -2.43 -68.30
N PRO M 99 -69.37 -1.72 -67.65
CA PRO M 99 -68.13 -2.38 -67.21
C PRO M 99 -68.45 -3.51 -66.26
N TYR M 100 -69.43 -3.32 -65.39
CA TYR M 100 -69.86 -4.40 -64.52
C TYR M 100 -70.26 -5.60 -65.35
N PHE M 101 -71.16 -5.40 -66.31
CA PHE M 101 -71.55 -6.52 -67.16
C PHE M 101 -70.34 -7.07 -67.89
N HIS M 102 -69.47 -6.18 -68.38
CA HIS M 102 -68.32 -6.64 -69.14
C HIS M 102 -67.45 -7.62 -68.33
N ASP M 103 -67.03 -7.21 -67.13
CA ASP M 103 -66.16 -8.09 -66.37
C ASP M 103 -66.92 -9.34 -65.96
N LYS M 104 -68.19 -9.20 -65.59
CA LYS M 104 -68.98 -10.36 -65.21
C LYS M 104 -68.97 -11.38 -66.33
N LEU M 105 -69.23 -10.94 -67.56
CA LEU M 105 -69.22 -11.86 -68.69
C LEU M 105 -67.83 -12.43 -68.91
N LEU M 106 -66.82 -11.56 -68.91
CA LEU M 106 -65.45 -12.00 -69.06
C LEU M 106 -65.13 -13.11 -68.08
N LEU M 107 -65.82 -13.12 -66.94
CA LEU M 107 -65.56 -14.08 -65.88
C LEU M 107 -66.55 -15.24 -65.88
N GLY M 108 -67.80 -14.99 -66.27
CA GLY M 108 -68.81 -16.03 -66.31
C GLY M 108 -69.62 -16.02 -67.58
N ASP M 109 -69.54 -17.09 -68.37
CA ASP M 109 -70.30 -17.19 -69.62
C ASP M 109 -71.57 -18.00 -69.39
N ALA M 110 -72.48 -17.41 -68.61
CA ALA M 110 -73.75 -18.08 -68.33
C ALA M 110 -74.87 -17.50 -69.18
N PRO M 111 -75.70 -18.31 -69.83
CA PRO M 111 -76.83 -17.76 -70.58
C PRO M 111 -77.84 -17.06 -69.69
N ARG M 112 -77.84 -17.37 -68.40
CA ARG M 112 -78.75 -16.76 -67.44
C ARG M 112 -77.95 -16.17 -66.30
N LEU M 113 -78.28 -14.93 -65.95
CA LEU M 113 -77.67 -14.22 -64.84
C LEU M 113 -78.78 -13.75 -63.90
N THR M 114 -78.70 -14.15 -62.64
CA THR M 114 -79.65 -13.73 -61.63
C THR M 114 -79.05 -12.55 -60.87
N LEU M 115 -79.72 -11.41 -60.91
CA LEU M 115 -79.20 -10.20 -60.30
C LEU M 115 -79.48 -10.20 -58.80
N PRO M 116 -78.76 -9.38 -58.04
CA PRO M 116 -79.00 -9.32 -56.60
C PRO M 116 -80.45 -8.96 -56.29
N SER M 117 -80.99 -9.56 -55.23
CA SER M 117 -82.38 -9.32 -54.88
C SER M 117 -82.64 -7.84 -54.67
N VAL M 118 -81.62 -7.11 -54.22
CA VAL M 118 -81.78 -5.68 -53.96
C VAL M 118 -82.10 -4.91 -55.22
N ILE M 119 -81.75 -5.46 -56.38
CA ILE M 119 -81.97 -4.74 -57.64
C ILE M 119 -83.45 -4.86 -57.98
N GLU M 120 -84.13 -3.71 -58.06
CA GLU M 120 -85.55 -3.70 -58.39
C GLU M 120 -85.75 -3.93 -59.88
N ALA M 121 -86.78 -4.69 -60.21
CA ALA M 121 -87.04 -5.04 -61.61
C ALA M 121 -87.39 -3.82 -62.45
N ASP M 122 -88.21 -2.90 -61.92
CA ASP M 122 -88.66 -1.76 -62.72
C ASP M 122 -87.53 -0.79 -63.02
N ALA M 123 -86.72 -0.45 -62.01
CA ALA M 123 -85.58 0.43 -62.25
C ALA M 123 -84.61 -0.21 -63.23
N PHE M 124 -84.36 -1.50 -63.06
CA PHE M 124 -83.45 -2.20 -63.97
C PHE M 124 -83.99 -2.19 -65.39
N GLU M 125 -85.31 -2.36 -65.56
CA GLU M 125 -85.86 -2.35 -66.91
C GLU M 125 -85.76 -0.96 -67.53
N GLY M 126 -85.98 0.08 -66.73
CA GLY M 126 -85.75 1.43 -67.22
C GLY M 126 -84.31 1.66 -67.62
N LEU M 127 -83.37 1.18 -66.81
CA LEU M 127 -81.96 1.33 -67.15
C LEU M 127 -81.58 0.52 -68.39
N LEU M 128 -82.17 -0.66 -68.57
CA LEU M 128 -81.91 -1.45 -69.77
C LEU M 128 -82.45 -0.77 -71.03
N GLN M 129 -83.67 -0.24 -70.96
CA GLN M 129 -84.17 0.52 -72.11
C GLN M 129 -83.27 1.71 -72.38
N LEU M 130 -82.80 2.39 -71.33
CA LEU M 130 -81.83 3.46 -71.55
C LEU M 130 -80.59 2.93 -72.25
N ILE M 131 -80.10 1.77 -71.81
CA ILE M 131 -78.89 1.20 -72.40
C ILE M 131 -79.08 0.98 -73.89
N TYR M 132 -80.25 0.51 -74.28
CA TYR M 132 -80.51 0.18 -75.68
C TYR M 132 -81.18 1.32 -76.45
N SER M 133 -81.40 2.47 -75.81
CA SER M 133 -81.99 3.63 -76.47
C SER M 133 -81.29 4.94 -76.14
N GLY M 134 -80.56 5.04 -75.03
CA GLY M 134 -80.03 6.31 -74.59
C GLY M 134 -81.04 7.24 -73.98
N ARG M 135 -82.26 6.78 -73.67
CA ARG M 135 -83.29 7.64 -73.09
C ARG M 135 -83.93 6.93 -71.89
N LEU M 136 -84.32 7.73 -70.90
CA LEU M 136 -84.94 7.25 -69.68
C LEU M 136 -86.09 8.15 -69.29
N ARG M 137 -87.30 7.60 -69.18
CA ARG M 137 -88.45 8.33 -68.69
C ARG M 137 -88.98 7.62 -67.45
N LEU M 138 -89.18 8.38 -66.38
CA LEU M 138 -89.56 7.78 -65.11
C LEU M 138 -90.29 8.82 -64.27
N PRO M 139 -91.06 8.40 -63.28
CA PRO M 139 -91.62 9.35 -62.32
C PRO M 139 -90.56 9.94 -61.41
N LEU M 140 -90.83 11.17 -60.95
CA LEU M 140 -89.87 11.88 -60.11
C LEU M 140 -89.47 11.05 -58.89
N ASP M 141 -90.46 10.52 -58.18
CA ASP M 141 -90.19 9.79 -56.94
C ASP M 141 -89.36 8.53 -57.17
N ALA M 142 -89.32 8.01 -58.40
CA ALA M 142 -88.52 6.84 -58.73
C ALA M 142 -87.07 7.17 -59.04
N LEU M 143 -86.70 8.44 -59.00
CA LEU M 143 -85.32 8.81 -59.34
C LEU M 143 -84.29 8.14 -58.45
N PRO M 144 -84.46 8.09 -57.12
CA PRO M 144 -83.45 7.42 -56.29
C PRO M 144 -83.19 5.97 -56.67
N ALA M 145 -84.24 5.14 -56.74
CA ALA M 145 -84.03 3.72 -57.02
C ALA M 145 -83.22 3.51 -58.30
N HIS M 146 -83.65 4.12 -59.40
CA HIS M 146 -82.88 4.02 -60.64
C HIS M 146 -81.43 4.40 -60.38
N LEU M 147 -81.22 5.56 -59.75
CA LEU M 147 -79.87 5.99 -59.45
C LEU M 147 -79.09 4.87 -58.76
N LEU M 148 -79.68 4.29 -57.71
CA LEU M 148 -78.98 3.23 -57.00
C LEU M 148 -78.49 2.18 -57.98
N VAL M 149 -79.39 1.66 -58.81
CA VAL M 149 -79.02 0.60 -59.73
C VAL M 149 -77.94 1.09 -60.67
N ALA M 150 -78.11 2.32 -61.18
CA ALA M 150 -77.11 2.87 -62.09
C ALA M 150 -75.73 2.85 -61.45
N SER M 151 -75.65 3.19 -60.17
CA SER M 151 -74.35 3.21 -59.50
C SER M 151 -73.77 1.80 -59.48
N GLY M 152 -74.60 0.80 -59.21
CA GLY M 152 -74.12 -0.56 -59.23
C GLY M 152 -73.57 -0.98 -60.58
N LEU M 153 -74.13 -0.44 -61.66
CA LEU M 153 -73.65 -0.73 -63.01
C LEU M 153 -72.51 0.16 -63.47
N GLN M 154 -72.06 1.11 -62.64
CA GLN M 154 -70.89 1.94 -62.97
C GLN M 154 -71.12 2.82 -64.20
N MET M 155 -72.29 3.45 -64.25
CA MET M 155 -72.62 4.41 -65.32
C MET M 155 -72.38 5.81 -64.76
N TRP M 156 -71.12 6.24 -64.81
CA TRP M 156 -70.73 7.39 -64.00
C TRP M 156 -71.24 8.70 -64.58
N GLN M 157 -71.35 8.80 -65.91
CA GLN M 157 -71.98 9.96 -66.52
C GLN M 157 -73.44 10.06 -66.11
N VAL M 158 -74.15 8.95 -66.17
CA VAL M 158 -75.56 8.92 -65.78
C VAL M 158 -75.69 9.18 -64.30
N VAL M 159 -74.82 8.58 -63.49
CA VAL M 159 -74.87 8.83 -62.05
C VAL M 159 -74.67 10.31 -61.76
N ASP M 160 -73.71 10.94 -62.44
CA ASP M 160 -73.48 12.37 -62.26
C ASP M 160 -74.73 13.17 -62.61
N GLN M 161 -75.33 12.87 -63.76
CA GLN M 161 -76.50 13.63 -64.18
C GLN M 161 -77.65 13.45 -63.20
N CYS M 162 -77.88 12.22 -62.75
CA CYS M 162 -78.98 11.97 -61.82
C CYS M 162 -78.74 12.64 -60.48
N SER M 163 -77.50 12.61 -59.98
CA SER M 163 -77.21 13.30 -58.73
C SER M 163 -77.43 14.80 -58.87
N GLU M 164 -77.01 15.37 -60.01
CA GLU M 164 -77.24 16.80 -60.22
C GLU M 164 -78.73 17.12 -60.26
N ILE M 165 -79.51 16.28 -60.92
CA ILE M 165 -80.96 16.52 -60.99
C ILE M 165 -81.59 16.41 -59.61
N LEU M 166 -81.21 15.39 -58.84
CA LEU M 166 -81.73 15.26 -57.48
C LEU M 166 -81.38 16.49 -56.64
N ARG M 167 -80.14 16.96 -56.77
CA ARG M 167 -79.73 18.16 -56.03
C ARG M 167 -80.58 19.36 -56.44
N GLU M 168 -80.82 19.52 -57.75
CA GLU M 168 -81.67 20.60 -58.22
C GLU M 168 -83.08 20.49 -57.63
N LEU M 169 -83.61 19.27 -57.55
CA LEU M 169 -84.92 19.06 -56.95
C LEU M 169 -84.91 19.47 -55.48
N GLU M 170 -83.85 19.13 -54.75
CA GLU M 170 -83.78 19.48 -53.34
C GLU M 170 -83.83 20.99 -53.16
N THR M 171 -83.29 21.73 -54.11
CA THR M 171 -83.28 23.19 -54.05
C THR M 171 -84.55 23.75 -54.68
N THR N 50 -90.19 13.91 -65.50
CA THR N 50 -89.40 13.03 -66.35
C THR N 50 -88.21 13.76 -66.94
N ILE N 51 -87.07 13.08 -66.99
CA ILE N 51 -85.83 13.65 -67.50
C ILE N 51 -85.38 12.83 -68.70
N GLN N 52 -84.68 13.49 -69.63
CA GLN N 52 -84.13 12.82 -70.80
C GLN N 52 -82.66 13.19 -70.91
N ILE N 53 -81.81 12.18 -70.94
CA ILE N 53 -80.36 12.34 -71.04
C ILE N 53 -79.89 11.70 -72.33
N GLU N 54 -79.05 12.41 -73.08
CA GLU N 54 -78.52 11.92 -74.33
C GLU N 54 -77.00 12.12 -74.31
N PHE N 55 -76.27 11.12 -74.82
CA PHE N 55 -74.81 11.12 -74.86
C PHE N 55 -74.35 10.91 -76.30
N PRO N 56 -74.15 11.99 -77.07
CA PRO N 56 -73.93 11.82 -78.51
C PRO N 56 -72.78 10.88 -78.86
N GLN N 57 -71.70 10.90 -78.09
CA GLN N 57 -70.55 10.06 -78.38
C GLN N 57 -70.58 8.71 -77.69
N HIS N 58 -71.70 8.32 -77.07
CA HIS N 58 -71.75 7.01 -76.46
C HIS N 58 -71.56 5.93 -77.52
N SER N 59 -72.28 6.07 -78.63
CA SER N 59 -72.23 5.05 -79.68
C SER N 59 -70.84 4.98 -80.30
N SER N 60 -70.24 6.13 -80.60
CA SER N 60 -68.94 6.14 -81.24
C SER N 60 -67.87 5.54 -80.33
N SER N 61 -67.90 5.90 -79.04
CA SER N 61 -66.95 5.33 -78.09
C SER N 61 -67.16 3.82 -77.99
N LEU N 62 -68.43 3.40 -77.96
CA LEU N 62 -68.73 1.97 -77.88
C LEU N 62 -68.21 1.23 -79.10
N LEU N 63 -68.39 1.80 -80.29
CA LEU N 63 -67.90 1.17 -81.50
C LEU N 63 -66.38 1.11 -81.51
N GLU N 64 -65.72 2.14 -80.98
CA GLU N 64 -64.28 2.10 -80.89
C GLU N 64 -63.85 0.96 -79.96
N SER N 65 -64.47 0.88 -78.80
CA SER N 65 -64.11 -0.15 -77.84
C SER N 65 -64.32 -1.53 -78.45
N LEU N 66 -65.46 -1.73 -79.13
CA LEU N 66 -65.74 -3.03 -79.74
C LEU N 66 -64.73 -3.36 -80.81
N ASN N 67 -64.34 -2.37 -81.62
CA ASN N 67 -63.33 -2.62 -82.63
C ASN N 67 -62.03 -3.06 -81.97
N ARG N 68 -61.64 -2.39 -80.88
CA ARG N 68 -60.42 -2.77 -80.20
C ARG N 68 -60.51 -4.20 -79.70
N HIS N 69 -61.64 -4.54 -79.09
CA HIS N 69 -61.86 -5.91 -78.62
C HIS N 69 -61.70 -6.90 -79.75
N ARG N 70 -62.32 -6.62 -80.91
CA ARG N 70 -62.22 -7.54 -82.03
C ARG N 70 -60.76 -7.75 -82.40
N LEU N 71 -60.02 -6.65 -82.59
CA LEU N 71 -58.58 -6.78 -82.81
C LEU N 71 -57.96 -7.60 -81.70
N GLU N 72 -58.23 -7.24 -80.45
CA GLU N 72 -57.71 -7.95 -79.29
C GLU N 72 -58.25 -9.38 -79.20
N GLY N 73 -59.10 -9.79 -80.14
CA GLY N 73 -59.66 -11.13 -80.12
C GLY N 73 -60.60 -11.45 -78.98
N LYS N 74 -61.11 -10.45 -78.26
CA LYS N 74 -61.95 -10.73 -77.10
C LYS N 74 -63.40 -10.98 -77.51
N PHE N 75 -63.99 -12.05 -76.98
CA PHE N 75 -65.39 -12.39 -77.18
C PHE N 75 -65.74 -12.62 -78.64
N CYS N 76 -64.77 -12.69 -79.54
CA CYS N 76 -65.07 -12.98 -80.93
C CYS N 76 -65.61 -14.41 -81.02
N ASP N 77 -66.75 -14.56 -81.69
CA ASP N 77 -67.44 -15.83 -81.78
C ASP N 77 -67.53 -16.39 -83.19
N VAL N 78 -67.01 -15.71 -84.20
CA VAL N 78 -67.03 -16.23 -85.56
C VAL N 78 -65.69 -15.98 -86.24
N SER N 79 -65.30 -16.92 -87.09
CA SER N 79 -64.08 -16.84 -87.87
C SER N 79 -64.44 -16.87 -89.35
N LEU N 80 -63.96 -15.87 -90.09
CA LEU N 80 -64.30 -15.70 -91.50
C LEU N 80 -63.10 -16.09 -92.34
N LEU N 81 -63.29 -17.05 -93.22
CA LEU N 81 -62.25 -17.53 -94.11
C LEU N 81 -62.46 -16.91 -95.48
N VAL N 82 -61.49 -16.13 -95.92
CA VAL N 82 -61.56 -15.39 -97.18
C VAL N 82 -60.28 -15.70 -97.94
N GLN N 83 -60.40 -16.54 -98.97
CA GLN N 83 -59.26 -16.91 -99.82
C GLN N 83 -58.11 -17.46 -98.97
N GLY N 84 -58.46 -18.28 -97.99
CA GLY N 84 -57.50 -18.90 -97.12
C GLY N 84 -57.05 -18.06 -95.94
N ARG N 85 -57.49 -16.81 -95.84
CA ARG N 85 -57.10 -15.93 -94.75
C ARG N 85 -58.20 -15.89 -93.69
N GLU N 86 -57.81 -16.11 -92.44
CA GLU N 86 -58.74 -16.20 -91.32
C GLU N 86 -58.79 -14.88 -90.56
N LEU N 87 -60.00 -14.35 -90.39
CA LEU N 87 -60.23 -13.06 -89.73
C LEU N 87 -61.33 -13.25 -88.71
N ARG N 88 -61.05 -12.89 -87.46
CA ARG N 88 -62.00 -13.11 -86.37
C ARG N 88 -62.93 -11.92 -86.21
N ALA N 89 -64.17 -12.20 -85.78
CA ALA N 89 -65.19 -11.16 -85.63
C ALA N 89 -66.31 -11.69 -84.75
N HIS N 90 -67.24 -10.80 -84.43
CA HIS N 90 -68.38 -11.09 -83.57
C HIS N 90 -69.64 -11.31 -84.41
N LYS N 91 -70.35 -12.40 -84.13
CA LYS N 91 -71.52 -12.75 -84.94
C LYS N 91 -72.60 -11.68 -84.85
N ALA N 92 -72.86 -11.17 -83.65
CA ALA N 92 -73.92 -10.19 -83.49
C ALA N 92 -73.64 -8.94 -84.31
N VAL N 93 -72.40 -8.45 -84.26
CA VAL N 93 -72.05 -7.25 -85.00
C VAL N 93 -72.21 -7.48 -86.50
N LEU N 94 -71.71 -8.61 -86.99
CA LEU N 94 -71.80 -8.89 -88.43
C LEU N 94 -73.25 -9.01 -88.88
N ALA N 95 -74.08 -9.71 -88.10
CA ALA N 95 -75.48 -9.85 -88.47
C ALA N 95 -76.18 -8.51 -88.45
N ALA N 96 -75.90 -7.68 -87.45
CA ALA N 96 -76.52 -6.36 -87.35
C ALA N 96 -76.05 -5.45 -88.47
N ALA N 97 -74.81 -5.64 -88.94
CA ALA N 97 -74.22 -4.76 -89.95
C ALA N 97 -74.57 -5.19 -91.36
N SER N 98 -74.64 -6.49 -91.63
CA SER N 98 -74.81 -6.97 -92.99
C SER N 98 -76.08 -7.80 -93.07
N PRO N 99 -77.09 -7.39 -93.84
CA PRO N 99 -78.28 -8.24 -94.00
C PRO N 99 -77.91 -9.61 -94.51
N TYR N 100 -76.90 -9.69 -95.37
CA TYR N 100 -76.42 -10.99 -95.83
C TYR N 100 -76.05 -11.83 -94.63
N PHE N 101 -75.10 -11.35 -93.83
CA PHE N 101 -74.70 -12.08 -92.63
C PHE N 101 -75.89 -12.30 -91.71
N HIS N 102 -76.76 -11.29 -91.62
CA HIS N 102 -77.97 -11.43 -90.82
C HIS N 102 -78.67 -12.74 -91.16
N ASP N 103 -79.13 -12.86 -92.41
CA ASP N 103 -79.86 -14.05 -92.82
C ASP N 103 -78.99 -15.29 -92.67
N LYS N 104 -77.71 -15.18 -93.01
CA LYS N 104 -76.82 -16.33 -92.95
C LYS N 104 -76.82 -16.92 -91.56
N LEU N 105 -76.64 -16.07 -90.54
CA LEU N 105 -76.63 -16.56 -89.17
C LEU N 105 -78.00 -17.06 -88.78
N LEU N 106 -79.05 -16.31 -89.13
CA LEU N 106 -80.40 -16.73 -88.82
C LEU N 106 -80.63 -18.16 -89.29
N LEU N 107 -79.99 -18.54 -90.40
CA LEU N 107 -80.19 -19.86 -90.99
C LEU N 107 -79.12 -20.84 -90.53
N GLY N 108 -77.89 -20.37 -90.36
CA GLY N 108 -76.79 -21.25 -90.03
C GLY N 108 -75.93 -20.69 -88.89
N ASP N 109 -75.89 -21.41 -87.78
CA ASP N 109 -75.12 -21.00 -86.61
C ASP N 109 -73.77 -21.74 -86.60
N ALA N 110 -72.92 -21.40 -87.56
CA ALA N 110 -71.60 -22.02 -87.64
C ALA N 110 -70.54 -21.09 -87.09
N PRO N 111 -69.64 -21.56 -86.22
CA PRO N 111 -68.57 -20.68 -85.72
C PRO N 111 -67.61 -20.21 -86.80
N ARG N 112 -67.54 -20.91 -87.94
CA ARG N 112 -66.65 -20.53 -89.03
C ARG N 112 -67.47 -20.42 -90.30
N LEU N 113 -67.26 -19.32 -91.03
CA LEU N 113 -67.91 -19.10 -92.32
C LEU N 113 -66.86 -18.83 -93.37
N THR N 114 -66.83 -19.66 -94.41
CA THR N 114 -65.94 -19.49 -95.54
C THR N 114 -66.70 -18.82 -96.67
N LEU N 115 -66.24 -17.66 -97.09
CA LEU N 115 -66.93 -16.91 -98.12
C LEU N 115 -66.54 -17.43 -99.51
N PRO N 116 -67.35 -17.13 -100.53
CA PRO N 116 -67.00 -17.60 -101.89
C PRO N 116 -65.63 -17.12 -102.33
N SER N 117 -64.93 -18.00 -103.06
CA SER N 117 -63.59 -17.71 -103.52
C SER N 117 -63.53 -16.42 -104.33
N VAL N 118 -64.62 -16.08 -105.02
CA VAL N 118 -64.63 -14.88 -105.85
C VAL N 118 -64.43 -13.64 -105.03
N ILE N 119 -64.73 -13.69 -103.74
CA ILE N 119 -64.61 -12.54 -102.86
C ILE N 119 -63.13 -12.32 -102.52
N GLU N 120 -62.62 -11.15 -102.88
CA GLU N 120 -61.23 -10.82 -102.62
C GLU N 120 -61.00 -10.50 -101.15
N ALA N 121 -59.87 -10.96 -100.63
CA ALA N 121 -59.57 -10.78 -99.21
C ALA N 121 -59.40 -9.31 -98.85
N ASP N 122 -58.72 -8.53 -99.69
CA ASP N 122 -58.42 -7.14 -99.36
C ASP N 122 -59.69 -6.31 -99.28
N ALA N 123 -60.60 -6.49 -100.24
CA ALA N 123 -61.86 -5.79 -100.17
C ALA N 123 -62.59 -6.15 -98.89
N PHE N 124 -62.56 -7.43 -98.51
CA PHE N 124 -63.22 -7.84 -97.29
C PHE N 124 -62.62 -7.18 -96.05
N GLU N 125 -61.28 -7.06 -95.98
CA GLU N 125 -60.74 -6.40 -94.79
C GLU N 125 -61.06 -4.92 -94.77
N GLY N 126 -61.03 -4.26 -95.94
CA GLY N 126 -61.45 -2.87 -95.97
C GLY N 126 -62.89 -2.68 -95.53
N LEU N 127 -63.79 -3.54 -95.99
CA LEU N 127 -65.18 -3.45 -95.59
C LEU N 127 -65.36 -3.77 -94.11
N LEU N 128 -64.57 -4.71 -93.59
CA LEU N 128 -64.62 -5.01 -92.17
C LEU N 128 -64.13 -3.83 -91.34
N GLN N 129 -63.07 -3.17 -91.79
CA GLN N 129 -62.61 -1.96 -91.13
C GLN N 129 -63.69 -0.90 -91.13
N LEU N 130 -64.37 -0.72 -92.26
CA LEU N 130 -65.49 0.21 -92.27
C LEU N 130 -66.59 -0.19 -91.29
N ILE N 131 -66.94 -1.48 -91.28
CA ILE N 131 -68.02 -1.95 -90.41
C ILE N 131 -67.70 -1.72 -88.94
N TYR N 132 -66.46 -1.99 -88.53
CA TYR N 132 -66.09 -1.89 -87.12
C TYR N 132 -65.44 -0.56 -86.77
N SER N 133 -65.31 0.35 -87.72
CA SER N 133 -64.74 1.66 -87.48
C SER N 133 -65.51 2.79 -88.13
N GLY N 134 -66.31 2.53 -89.14
CA GLY N 134 -66.91 3.59 -89.92
C GLY N 134 -65.94 4.29 -90.84
N ARG N 135 -64.75 3.71 -91.07
CA ARG N 135 -63.76 4.34 -91.93
C ARG N 135 -63.19 3.31 -92.91
N LEU N 136 -62.92 3.78 -94.12
CA LEU N 136 -62.36 2.98 -95.20
C LEU N 136 -61.33 3.80 -95.96
N ARG N 137 -60.09 3.35 -96.00
CA ARG N 137 -59.04 3.96 -96.81
C ARG N 137 -58.52 2.92 -97.77
N LEU N 138 -58.45 3.27 -99.06
CA LEU N 138 -58.08 2.29 -100.08
C LEU N 138 -57.49 3.03 -101.27
N PRO N 139 -56.72 2.34 -102.11
CA PRO N 139 -56.30 2.93 -103.37
C PRO N 139 -57.47 3.05 -104.34
N LEU N 140 -57.37 4.05 -105.22
CA LEU N 140 -58.45 4.31 -106.18
C LEU N 140 -58.76 3.08 -107.01
N ASP N 141 -57.73 2.44 -107.56
CA ASP N 141 -57.92 1.31 -108.46
C ASP N 141 -58.59 0.12 -107.77
N ALA N 142 -58.54 0.04 -106.45
CA ALA N 142 -59.21 -1.04 -105.73
C ALA N 142 -60.68 -0.76 -105.46
N LEU N 143 -61.18 0.40 -105.88
CA LEU N 143 -62.57 0.75 -105.62
C LEU N 143 -63.57 -0.25 -106.21
N PRO N 144 -63.43 -0.70 -107.46
CA PRO N 144 -64.41 -1.66 -107.98
C PRO N 144 -64.56 -2.91 -107.12
N ALA N 145 -63.45 -3.59 -106.84
CA ALA N 145 -63.53 -4.82 -106.06
C ALA N 145 -64.29 -4.59 -104.76
N HIS N 146 -63.86 -3.59 -103.99
CA HIS N 146 -64.56 -3.25 -102.77
C HIS N 146 -66.05 -3.05 -103.05
N LEU N 147 -66.36 -2.23 -104.05
CA LEU N 147 -67.76 -2.01 -104.40
C LEU N 147 -68.47 -3.34 -104.58
N LEU N 148 -67.88 -4.23 -105.38
CA LEU N 148 -68.49 -5.52 -105.61
C LEU N 148 -68.81 -6.18 -104.28
N VAL N 149 -67.82 -6.28 -103.40
CA VAL N 149 -68.03 -6.95 -102.13
C VAL N 149 -69.13 -6.23 -101.35
N ALA N 150 -69.12 -4.89 -101.37
CA ALA N 150 -70.14 -4.15 -100.67
C ALA N 150 -71.52 -4.58 -101.14
N SER N 151 -71.67 -4.80 -102.45
CA SER N 151 -72.96 -5.23 -102.97
C SER N 151 -73.34 -6.57 -102.39
N GLY N 152 -72.36 -7.47 -102.28
CA GLY N 152 -72.63 -8.76 -101.67
C GLY N 152 -73.08 -8.63 -100.23
N LEU N 153 -72.58 -7.62 -99.52
CA LEU N 153 -73.01 -7.38 -98.14
C LEU N 153 -74.27 -6.52 -98.08
N GLN N 154 -74.79 -6.07 -99.21
CA GLN N 154 -76.05 -5.33 -99.25
C GLN N 154 -75.93 -4.03 -98.46
N MET N 155 -74.82 -3.32 -98.68
CA MET N 155 -74.60 -2.02 -98.04
C MET N 155 -74.96 -0.97 -99.08
N TRP N 156 -76.27 -0.68 -99.16
CA TRP N 156 -76.76 0.06 -100.31
C TRP N 156 -76.42 1.53 -100.20
N GLN N 157 -76.34 2.08 -98.99
CA GLN N 157 -75.84 3.43 -98.84
C GLN N 157 -74.39 3.52 -99.32
N VAL N 158 -73.57 2.55 -98.90
CA VAL N 158 -72.17 2.53 -99.32
C VAL N 158 -72.06 2.26 -100.81
N VAL N 159 -72.86 1.31 -101.32
CA VAL N 159 -72.83 1.03 -102.75
C VAL N 159 -73.22 2.27 -103.55
N ASP N 160 -74.27 2.96 -103.10
CA ASP N 160 -74.71 4.19 -103.79
C ASP N 160 -73.60 5.23 -103.78
N GLN N 161 -73.00 5.48 -102.63
CA GLN N 161 -71.97 6.51 -102.55
C GLN N 161 -70.76 6.14 -103.41
N CYS N 162 -70.34 4.87 -103.36
CA CYS N 162 -69.20 4.46 -104.15
C CYS N 162 -69.50 4.57 -105.64
N SER N 163 -70.70 4.20 -106.06
CA SER N 163 -71.09 4.36 -107.46
C SER N 163 -71.08 5.83 -107.85
N GLU N 164 -71.58 6.70 -106.98
CA GLU N 164 -71.56 8.12 -107.27
C GLU N 164 -70.13 8.62 -107.43
N ILE N 165 -69.23 8.17 -106.55
CA ILE N 165 -67.84 8.60 -106.62
C ILE N 165 -67.19 8.10 -107.90
N LEU N 166 -67.45 6.84 -108.25
CA LEU N 166 -66.94 6.31 -109.51
C LEU N 166 -67.46 7.12 -110.69
N ARG N 167 -68.75 7.47 -110.66
CA ARG N 167 -69.31 8.30 -111.72
C ARG N 167 -68.62 9.64 -111.78
N GLU N 168 -68.36 10.24 -110.62
CA GLU N 168 -67.63 11.51 -110.58
C GLU N 168 -66.26 11.35 -111.21
N LEU N 169 -65.59 10.23 -110.93
CA LEU N 169 -64.30 9.99 -111.56
C LEU N 169 -64.45 9.90 -113.06
N GLU N 170 -65.49 9.20 -113.53
CA GLU N 170 -65.71 9.07 -114.96
C GLU N 170 -65.98 10.43 -115.60
N THR N 171 -66.62 11.34 -114.87
CA THR N 171 -66.93 12.66 -115.36
C THR N 171 -65.78 13.62 -115.09
#